data_8ZEU
#
_entry.id   8ZEU
#
loop_
_entity.id
_entity.type
_entity.pdbx_description
1 polymer 'Fab-H1A10 fragment, heavy chain'
2 polymer 'Fab fragment, light chain'
3 polymer 'Thymic stromal lymphopoietin'
4 polymer 'Fab-H3B10 fragment, heavy chain'
#
loop_
_entity_poly.entity_id
_entity_poly.type
_entity_poly.pdbx_seq_one_letter_code
_entity_poly.pdbx_strand_id
1 'polypeptide(L)'
;QVQLVQSGAEVKKPGASVKVSCKASGYAFSNYWMNWVRQAPGQGLEWMGQIFPGDSDTDYDQKFQGRVTMTRDTSTSTVY
MELSSLRSEDTAVYYCARAGYYRGYYAMDYWGQGTTVTVSSASTKGPSVFPLAPSSKSTSGGTAALGCLVKDYFPEPVTV
SWNSGALTSGVHTFPAVLQSSGLYSLSSVVTVPSSSLGTQTYICNVNHKPSNTKVDKRVEPKSCDKTHTCPPCPAPEFEG
GPSVFLFPPKPKDTLMISRTPEVT
;
H,D
2 'polypeptide(L)'
;EIVMTQSPATLSVSPGERATLSCSVSSSISSSNLHWYQQKPGQAPRPWIYGTSNLASGIPARFSGSGSGTEFTLTISSVQ
AEDFAVYYCQQWSSYPLTFGQGTKLEIKRTVAAPSVFIFPPSDEQLKSGTASVVCLLNNFYPREAKVQWKVDNALQSGNS
QESVTEQDSKDSTYSLSSTLTLSKADYEKHKVYACEVTHQGLSSPVTKSFNRGEC
;
L,B,E,F
3 'polypeptide(L)'
;YDFTNCDFEKIKAAYLSTISKDLITYMSGTKSTEFNNTVSCSNRPHCLTEIQSLTFNPTAGCASLAKEMFAMKTKAALAI
WCPGYSETQINATQAMKKRRKRKVTTNKCLEQVSQLQGLWRRFNRPL
;
C,G
4 'polypeptide(L)'
;QVTLKESGPVLVKPTETLTLTCTVSGFSLSSYDISWIRQPPGKALEWLGVIWSEGGTSYSTSLKSRLTISKDTSKSQVVL
TMTNMDPVDTATYYCARDSDDGYLNWGQGTLVTVSSASTKGPSVFPLAPSSKSTSEGTAALGCLVKDYFPEPVTVSWNSG
ALTSGVHTFPAVLQSSGLYSLSSVVTVPSSSLGTQTYICNVDHKPSNTKVDKTVEPKSCDKTHTCPPCPAPEFEGGPSVF
LFPPKPKDTLMISRTPEVT
;
A,I
#
# COMPACT_ATOMS: atom_id res chain seq x y z
N GLN A 1 51.23 16.15 -8.51
CA GLN A 1 50.85 15.03 -9.35
C GLN A 1 51.92 13.94 -9.30
N VAL A 2 51.49 12.68 -9.31
CA VAL A 2 52.38 11.53 -9.27
C VAL A 2 52.25 10.78 -10.59
N GLN A 3 53.39 10.55 -11.23
CA GLN A 3 53.41 9.88 -12.53
C GLN A 3 54.34 8.67 -12.47
N LEU A 4 53.86 7.54 -12.95
CA LEU A 4 54.68 6.34 -13.12
C LEU A 4 54.63 5.97 -14.60
N VAL A 5 55.65 6.38 -15.35
CA VAL A 5 55.70 6.15 -16.79
C VAL A 5 56.57 4.93 -17.05
N GLN A 6 56.06 3.98 -17.81
CA GLN A 6 56.75 2.72 -18.02
C GLN A 6 57.31 2.65 -19.43
N SER A 7 58.10 1.61 -19.67
CA SER A 7 58.73 1.42 -20.96
C SER A 7 57.70 0.99 -22.00
N GLY A 8 58.17 0.77 -23.22
CA GLY A 8 57.29 0.36 -24.30
C GLY A 8 56.95 -1.12 -24.24
N ALA A 9 56.09 -1.54 -25.17
CA ALA A 9 55.72 -2.93 -25.27
C ALA A 9 56.91 -3.77 -25.70
N GLU A 10 56.97 -5.00 -25.18
CA GLU A 10 58.08 -5.90 -25.44
C GLU A 10 57.55 -7.19 -26.08
N VAL A 11 58.30 -7.67 -27.06
CA VAL A 11 58.06 -8.98 -27.67
C VAL A 11 59.32 -9.81 -27.45
N LYS A 12 59.17 -10.91 -26.71
CA LYS A 12 60.31 -11.74 -26.33
C LYS A 12 60.06 -13.18 -26.72
N LYS A 13 61.14 -13.89 -27.02
CA LYS A 13 61.05 -15.31 -27.30
C LYS A 13 60.99 -16.10 -25.99
N PRO A 14 60.41 -17.30 -26.01
CA PRO A 14 60.41 -18.13 -24.81
C PRO A 14 61.83 -18.46 -24.37
N GLY A 15 62.04 -18.47 -23.05
CA GLY A 15 63.35 -18.68 -22.49
C GLY A 15 64.22 -17.44 -22.39
N ALA A 16 63.76 -16.30 -22.87
CA ALA A 16 64.52 -15.06 -22.80
C ALA A 16 64.20 -14.34 -21.50
N SER A 17 64.68 -13.11 -21.36
CA SER A 17 64.43 -12.31 -20.18
C SER A 17 64.03 -10.90 -20.60
N VAL A 18 63.16 -10.28 -19.80
CA VAL A 18 62.64 -8.95 -20.08
C VAL A 18 62.90 -8.04 -18.89
N LYS A 19 63.24 -6.79 -19.17
CA LYS A 19 63.44 -5.79 -18.12
C LYS A 19 62.43 -4.68 -18.34
N VAL A 20 61.42 -4.63 -17.47
CA VAL A 20 60.39 -3.60 -17.53
C VAL A 20 60.80 -2.46 -16.61
N SER A 21 60.81 -1.24 -17.14
CA SER A 21 61.18 -0.06 -16.37
C SER A 21 59.94 0.70 -15.94
N CYS A 22 60.08 1.48 -14.88
CA CYS A 22 58.99 2.30 -14.37
C CYS A 22 59.61 3.53 -13.71
N LYS A 23 59.56 4.66 -14.39
CA LYS A 23 60.11 5.90 -13.87
C LYS A 23 59.04 6.66 -13.10
N ALA A 24 59.36 7.00 -11.86
CA ALA A 24 58.45 7.71 -10.97
C ALA A 24 58.84 9.17 -10.89
N SER A 25 57.83 10.05 -10.92
CA SER A 25 58.08 11.48 -10.89
C SER A 25 56.95 12.18 -10.14
N GLY A 26 57.27 13.34 -9.59
CA GLY A 26 56.29 14.16 -8.90
C GLY A 26 56.20 13.96 -7.41
N TYR A 27 57.10 13.20 -6.82
CA TYR A 27 57.08 12.96 -5.38
C TYR A 27 58.43 12.40 -4.96
N ALA A 28 58.57 12.14 -3.66
CA ALA A 28 59.81 11.60 -3.10
C ALA A 28 59.91 10.12 -3.44
N PHE A 29 60.83 9.78 -4.33
CA PHE A 29 60.89 8.43 -4.88
C PHE A 29 61.23 7.40 -3.81
N SER A 30 62.18 7.70 -2.93
CA SER A 30 62.74 6.69 -2.04
C SER A 30 61.78 6.29 -0.91
N ASN A 31 60.67 7.00 -0.74
CA ASN A 31 59.83 6.81 0.43
C ASN A 31 58.70 5.80 0.23
N TYR A 32 58.48 5.32 -0.98
CA TYR A 32 57.32 4.48 -1.27
C TYR A 32 57.76 3.22 -2.02
N TRP A 33 57.19 2.09 -1.61
CA TRP A 33 57.39 0.81 -2.27
C TRP A 33 56.74 0.82 -3.65
N MET A 34 57.40 0.16 -4.60
CA MET A 34 56.82 -0.20 -5.89
C MET A 34 56.43 -1.66 -5.86
N ASN A 35 55.14 -1.94 -5.97
CA ASN A 35 54.71 -3.29 -6.28
C ASN A 35 54.65 -3.46 -7.78
N TRP A 36 54.97 -4.67 -8.23
CA TRP A 36 54.79 -5.06 -9.61
C TRP A 36 53.73 -6.13 -9.66
N VAL A 37 52.71 -5.90 -10.48
CA VAL A 37 51.62 -6.86 -10.70
C VAL A 37 51.50 -7.07 -12.20
N ARG A 38 50.83 -8.14 -12.58
CA ARG A 38 50.62 -8.42 -13.98
C ARG A 38 49.19 -8.89 -14.20
N GLN A 39 48.66 -8.55 -15.38
CA GLN A 39 47.31 -8.92 -15.79
C GLN A 39 47.42 -9.69 -17.09
N ALA A 40 47.11 -10.98 -17.03
CA ALA A 40 47.08 -11.79 -18.24
C ALA A 40 45.91 -11.37 -19.12
N PRO A 41 46.02 -11.51 -20.44
CA PRO A 41 44.92 -11.13 -21.32
C PRO A 41 43.66 -11.92 -20.99
N GLY A 42 42.63 -11.20 -20.54
CA GLY A 42 41.38 -11.82 -20.16
C GLY A 42 41.33 -12.39 -18.76
N GLN A 43 42.36 -12.19 -17.95
CA GLN A 43 42.41 -12.69 -16.59
C GLN A 43 42.60 -11.54 -15.61
N GLY A 44 42.53 -11.86 -14.33
CA GLY A 44 42.64 -10.87 -13.27
C GLY A 44 44.08 -10.53 -12.94
N LEU A 45 44.23 -9.63 -11.97
CA LEU A 45 45.54 -9.14 -11.58
C LEU A 45 46.31 -10.19 -10.79
N GLU A 46 47.63 -10.22 -10.98
CA GLU A 46 48.51 -11.17 -10.32
C GLU A 46 49.69 -10.41 -9.74
N TRP A 47 49.78 -10.38 -8.42
CA TRP A 47 50.89 -9.68 -7.77
C TRP A 47 52.19 -10.41 -8.00
N MET A 48 53.16 -9.71 -8.58
CA MET A 48 54.49 -10.27 -8.84
C MET A 48 55.45 -10.05 -7.68
N GLY A 49 55.48 -8.85 -7.13
CA GLY A 49 56.37 -8.59 -6.01
C GLY A 49 56.36 -7.13 -5.62
N GLN A 50 57.35 -6.75 -4.81
CA GLN A 50 57.48 -5.38 -4.35
C GLN A 50 58.94 -5.10 -4.00
N ILE A 51 59.31 -3.82 -4.11
CA ILE A 51 60.65 -3.36 -3.82
C ILE A 51 60.55 -2.02 -3.09
N PHE A 52 61.42 -1.82 -2.09
CA PHE A 52 61.54 -0.54 -1.42
C PHE A 52 62.70 0.23 -2.02
N PRO A 53 62.45 1.35 -2.71
CA PRO A 53 63.56 2.12 -3.30
C PRO A 53 64.57 2.64 -2.29
N GLY A 54 64.16 2.90 -1.05
CA GLY A 54 65.06 3.42 -0.04
C GLY A 54 66.30 2.57 0.13
N ASP A 55 66.12 1.36 0.63
CA ASP A 55 67.13 0.31 0.54
C ASP A 55 66.52 -0.86 -0.22
N SER A 56 67.29 -1.44 -1.13
CA SER A 56 66.72 -2.37 -2.11
C SER A 56 66.31 -3.64 -1.38
N ASP A 57 65.14 -3.58 -0.73
CA ASP A 57 64.58 -4.71 0.00
C ASP A 57 63.37 -5.19 -0.79
N THR A 58 63.46 -6.39 -1.34
CA THR A 58 62.47 -6.92 -2.27
C THR A 58 61.77 -8.12 -1.67
N ASP A 59 60.45 -8.18 -1.88
CA ASP A 59 59.65 -9.34 -1.52
C ASP A 59 58.93 -9.83 -2.77
N TYR A 60 59.23 -11.06 -3.17
CA TYR A 60 58.68 -11.62 -4.41
C TYR A 60 57.60 -12.64 -4.08
N ASP A 61 56.70 -12.84 -5.03
CA ASP A 61 55.71 -13.89 -4.93
C ASP A 61 56.39 -15.25 -5.00
N GLN A 62 55.79 -16.23 -4.34
CA GLN A 62 56.40 -17.56 -4.26
C GLN A 62 56.54 -18.22 -5.62
N LYS A 63 55.56 -18.07 -6.50
CA LYS A 63 55.65 -18.65 -7.83
C LYS A 63 56.69 -17.96 -8.72
N PHE A 64 56.94 -16.67 -8.51
CA PHE A 64 58.01 -15.99 -9.23
C PHE A 64 59.29 -15.98 -8.38
N GLN A 65 59.75 -17.15 -7.99
CA GLN A 65 60.95 -17.26 -7.14
C GLN A 65 62.12 -17.65 -8.01
N GLY A 66 63.14 -16.80 -8.05
CA GLY A 66 64.29 -16.99 -8.91
C GLY A 66 64.10 -16.50 -10.32
N ARG A 67 62.87 -16.15 -10.71
CA ARG A 67 62.59 -15.64 -12.04
C ARG A 67 62.46 -14.13 -12.10
N VAL A 68 62.04 -13.49 -11.01
CA VAL A 68 61.86 -12.04 -10.98
C VAL A 68 62.92 -11.45 -10.06
N THR A 69 63.48 -10.33 -10.50
CA THR A 69 64.49 -9.61 -9.73
C THR A 69 64.20 -8.12 -9.87
N MET A 70 64.02 -7.43 -8.75
CA MET A 70 63.65 -6.03 -8.78
C MET A 70 64.82 -5.17 -8.30
N THR A 71 65.12 -4.14 -9.06
CA THR A 71 66.19 -3.20 -8.74
C THR A 71 65.65 -1.79 -8.84
N ARG A 72 66.39 -0.85 -8.26
CA ARG A 72 66.01 0.56 -8.34
C ARG A 72 67.23 1.40 -8.66
N ASP A 73 66.97 2.56 -9.26
CA ASP A 73 68.00 3.54 -9.60
C ASP A 73 67.46 4.86 -9.09
N THR A 74 67.98 5.30 -7.94
CA THR A 74 67.50 6.54 -7.33
C THR A 74 67.99 7.78 -8.07
N SER A 75 69.06 7.65 -8.85
CA SER A 75 69.53 8.80 -9.63
C SER A 75 68.49 9.23 -10.66
N THR A 76 67.85 8.27 -11.32
CA THR A 76 66.82 8.55 -12.30
C THR A 76 65.41 8.27 -11.79
N SER A 77 65.27 7.88 -10.53
CA SER A 77 63.98 7.54 -9.93
C SER A 77 63.25 6.48 -10.75
N THR A 78 63.97 5.41 -11.07
CA THR A 78 63.46 4.35 -11.94
C THR A 78 63.46 3.03 -11.18
N VAL A 79 62.48 2.18 -11.45
CA VAL A 79 62.42 0.84 -10.88
C VAL A 79 62.39 -0.17 -12.01
N TYR A 80 63.27 -1.16 -11.94
CA TYR A 80 63.41 -2.17 -12.97
C TYR A 80 62.95 -3.51 -12.44
N MET A 81 62.19 -4.24 -13.26
CA MET A 81 61.74 -5.59 -12.95
C MET A 81 62.28 -6.52 -14.03
N GLU A 82 63.09 -7.48 -13.64
CA GLU A 82 63.76 -8.42 -14.53
C GLU A 82 63.07 -9.77 -14.41
N LEU A 83 62.32 -10.15 -15.43
CA LEU A 83 61.66 -11.46 -15.47
C LEU A 83 62.43 -12.33 -16.45
N SER A 84 63.12 -13.33 -15.91
CA SER A 84 63.95 -14.21 -16.71
C SER A 84 63.25 -15.55 -16.92
N SER A 85 63.81 -16.38 -17.80
CA SER A 85 63.23 -17.67 -18.15
C SER A 85 61.79 -17.51 -18.59
N LEU A 86 61.55 -16.54 -19.47
CA LEU A 86 60.20 -16.25 -19.93
C LEU A 86 59.61 -17.46 -20.66
N ARG A 87 58.31 -17.66 -20.48
CA ARG A 87 57.59 -18.76 -21.11
C ARG A 87 56.24 -18.26 -21.59
N SER A 88 55.41 -19.18 -22.08
CA SER A 88 54.23 -18.80 -22.85
C SER A 88 53.25 -17.97 -22.03
N GLU A 89 53.05 -18.31 -20.76
CA GLU A 89 52.02 -17.61 -19.99
C GLU A 89 52.54 -16.38 -19.27
N ASP A 90 53.76 -15.93 -19.55
CA ASP A 90 54.23 -14.64 -19.06
C ASP A 90 53.74 -13.48 -19.92
N THR A 91 53.07 -13.76 -21.02
CA THR A 91 52.47 -12.70 -21.83
C THR A 91 51.37 -12.02 -21.05
N ALA A 92 51.57 -10.75 -20.72
CA ALA A 92 50.60 -10.04 -19.88
C ALA A 92 50.95 -8.55 -19.91
N VAL A 93 50.09 -7.75 -19.29
CA VAL A 93 50.34 -6.34 -19.09
C VAL A 93 50.88 -6.15 -17.68
N TYR A 94 52.07 -5.60 -17.56
CA TYR A 94 52.75 -5.45 -16.28
C TYR A 94 52.61 -4.03 -15.79
N TYR A 95 52.12 -3.88 -14.56
CA TYR A 95 51.89 -2.60 -13.93
C TYR A 95 52.83 -2.42 -12.74
N CYS A 96 53.44 -1.25 -12.66
CA CYS A 96 54.12 -0.80 -11.45
C CYS A 96 53.16 0.08 -10.68
N ALA A 97 52.98 -0.21 -9.40
CA ALA A 97 52.04 0.49 -8.55
C ALA A 97 52.77 1.00 -7.32
N ARG A 98 52.80 2.32 -7.17
CA ARG A 98 53.24 2.91 -5.92
C ARG A 98 52.17 2.71 -4.86
N ALA A 99 52.57 2.20 -3.71
CA ALA A 99 51.69 1.93 -2.59
C ALA A 99 51.98 2.92 -1.47
N GLY A 100 50.95 3.61 -1.02
CA GLY A 100 51.11 4.59 0.03
C GLY A 100 49.86 4.67 0.87
N TYR A 101 49.89 5.56 1.86
CA TYR A 101 48.78 5.72 2.78
C TYR A 101 47.82 6.79 2.28
N TYR A 102 46.53 6.50 2.35
CA TYR A 102 45.48 7.48 2.12
C TYR A 102 44.59 7.51 3.35
N ARG A 103 44.68 8.58 4.14
CA ARG A 103 43.93 8.72 5.38
C ARG A 103 44.18 7.54 6.31
N GLY A 104 45.43 7.09 6.37
CA GLY A 104 45.82 6.02 7.26
C GLY A 104 45.69 4.62 6.70
N TYR A 105 45.18 4.47 5.49
CA TYR A 105 44.98 3.16 4.88
C TYR A 105 46.00 2.94 3.78
N TYR A 106 46.63 1.77 3.80
CA TYR A 106 47.76 1.47 2.92
C TYR A 106 47.28 0.62 1.75
N ALA A 107 47.47 1.12 0.54
CA ALA A 107 47.09 0.41 -0.67
C ALA A 107 47.87 1.00 -1.83
N MET A 108 47.74 0.37 -3.00
CA MET A 108 48.46 0.76 -4.20
C MET A 108 47.80 2.03 -4.74
N ASP A 109 48.31 3.19 -4.33
CA ASP A 109 47.59 4.43 -4.62
C ASP A 109 47.87 4.99 -6.00
N TYR A 110 48.96 4.56 -6.65
CA TYR A 110 49.24 5.05 -7.99
C TYR A 110 49.70 3.89 -8.87
N TRP A 111 49.36 3.97 -10.16
CA TRP A 111 49.64 2.89 -11.09
C TRP A 111 50.26 3.44 -12.37
N GLY A 112 51.15 2.66 -12.97
CA GLY A 112 51.64 2.97 -14.29
C GLY A 112 50.72 2.44 -15.38
N GLN A 113 50.92 2.95 -16.59
CA GLN A 113 50.03 2.57 -17.69
C GLN A 113 50.17 1.10 -18.07
N GLY A 114 51.26 0.46 -17.70
CA GLY A 114 51.43 -0.95 -18.01
C GLY A 114 52.22 -1.16 -19.29
N THR A 115 52.96 -2.26 -19.33
CA THR A 115 53.71 -2.67 -20.51
C THR A 115 53.23 -4.03 -20.96
N THR A 116 52.91 -4.16 -22.25
CA THR A 116 52.46 -5.42 -22.80
C THR A 116 53.67 -6.25 -23.18
N VAL A 117 53.89 -7.35 -22.48
CA VAL A 117 54.99 -8.27 -22.77
C VAL A 117 54.39 -9.52 -23.40
N THR A 118 54.77 -9.78 -24.65
CA THR A 118 54.29 -10.92 -25.42
C THR A 118 55.43 -11.92 -25.56
N VAL A 119 55.29 -13.07 -24.90
CA VAL A 119 56.31 -14.11 -24.95
C VAL A 119 55.78 -15.18 -25.90
N SER A 120 56.18 -15.07 -27.16
CA SER A 120 55.78 -16.02 -28.19
C SER A 120 56.99 -16.40 -29.02
N SER A 121 56.97 -17.64 -29.52
CA SER A 121 58.05 -18.14 -30.37
C SER A 121 57.93 -17.71 -31.82
N ALA A 122 56.81 -17.10 -32.20
CA ALA A 122 56.62 -16.65 -33.56
C ALA A 122 57.40 -15.36 -33.82
N SER A 123 57.84 -15.20 -35.06
CA SER A 123 58.58 -14.02 -35.47
C SER A 123 57.62 -13.00 -36.10
N THR A 124 58.14 -11.81 -36.36
CA THR A 124 57.32 -10.76 -36.97
C THR A 124 56.86 -11.20 -38.35
N LYS A 125 55.57 -11.04 -38.61
CA LYS A 125 54.97 -11.44 -39.88
C LYS A 125 53.87 -10.46 -40.25
N GLY A 126 53.86 -10.06 -41.52
CA GLY A 126 52.87 -9.14 -42.00
C GLY A 126 51.50 -9.78 -42.09
N PRO A 127 50.45 -8.96 -42.01
CA PRO A 127 49.09 -9.49 -42.06
C PRO A 127 48.64 -9.78 -43.48
N SER A 128 47.80 -10.81 -43.61
CA SER A 128 47.14 -11.14 -44.87
C SER A 128 45.67 -10.79 -44.71
N VAL A 129 45.20 -9.81 -45.49
CA VAL A 129 43.83 -9.35 -45.41
C VAL A 129 43.04 -9.94 -46.55
N PHE A 130 41.86 -10.46 -46.24
CA PHE A 130 40.99 -11.08 -47.23
C PHE A 130 39.60 -10.47 -47.15
N PRO A 131 38.91 -10.33 -48.28
CA PRO A 131 37.57 -9.76 -48.26
C PRO A 131 36.56 -10.70 -47.64
N LEU A 132 35.48 -10.11 -47.13
CA LEU A 132 34.32 -10.83 -46.60
C LEU A 132 33.13 -10.17 -47.30
N ALA A 133 32.73 -10.75 -48.42
CA ALA A 133 31.74 -10.19 -49.32
C ALA A 133 30.33 -10.50 -48.83
N PRO A 134 29.36 -9.65 -49.14
CA PRO A 134 27.97 -9.90 -48.74
C PRO A 134 27.29 -10.85 -49.72
N SER A 135 26.13 -11.35 -49.29
CA SER A 135 25.34 -12.26 -50.11
C SER A 135 24.60 -11.52 -51.22
N GLY A 142 17.39 -5.24 -45.55
CA GLY A 142 17.92 -4.12 -46.31
C GLY A 142 19.32 -3.71 -45.87
N THR A 143 19.93 -4.53 -45.02
CA THR A 143 21.26 -4.27 -44.51
C THR A 143 22.16 -5.47 -44.81
N ALA A 144 23.38 -5.19 -45.27
CA ALA A 144 24.35 -6.21 -45.58
C ALA A 144 25.69 -5.86 -44.94
N ALA A 145 26.42 -6.90 -44.53
CA ALA A 145 27.67 -6.73 -43.81
C ALA A 145 28.85 -7.04 -44.73
N LEU A 146 29.79 -6.10 -44.81
CA LEU A 146 31.07 -6.27 -45.46
C LEU A 146 32.13 -6.51 -44.40
N GLY A 147 33.25 -7.08 -44.83
CA GLY A 147 34.32 -7.22 -43.84
C GLY A 147 35.67 -7.45 -44.48
N CYS A 148 36.68 -7.36 -43.63
CA CYS A 148 38.04 -7.76 -43.96
C CYS A 148 38.58 -8.62 -42.85
N LEU A 149 39.05 -9.81 -43.21
CA LEU A 149 39.65 -10.75 -42.27
C LEU A 149 41.17 -10.55 -42.33
N VAL A 150 41.74 -10.09 -41.23
CA VAL A 150 43.17 -9.85 -41.12
C VAL A 150 43.77 -11.05 -40.39
N LYS A 151 44.44 -11.92 -41.12
CA LYS A 151 44.86 -13.22 -40.62
C LYS A 151 46.38 -13.36 -40.68
N ASP A 152 46.92 -14.13 -39.73
CA ASP A 152 48.32 -14.54 -39.74
C ASP A 152 49.27 -13.34 -39.71
N TYR A 153 49.20 -12.60 -38.61
CA TYR A 153 50.11 -11.50 -38.37
C TYR A 153 50.65 -11.58 -36.95
N PHE A 154 51.84 -11.00 -36.75
CA PHE A 154 52.46 -10.97 -35.44
C PHE A 154 53.44 -9.81 -35.40
N PRO A 155 53.49 -9.04 -34.31
CA PRO A 155 52.60 -9.18 -33.16
C PRO A 155 51.42 -8.21 -33.15
N GLU A 156 50.65 -8.26 -32.08
CA GLU A 156 49.57 -7.32 -31.86
C GLU A 156 50.15 -5.91 -31.73
N PRO A 157 49.46 -4.88 -32.22
CA PRO A 157 48.18 -4.81 -32.93
C PRO A 157 48.26 -4.45 -34.41
N VAL A 158 47.10 -4.48 -35.07
CA VAL A 158 46.91 -3.92 -36.39
C VAL A 158 45.71 -2.99 -36.32
N THR A 159 45.81 -1.84 -36.98
CA THR A 159 44.72 -0.88 -37.02
C THR A 159 43.98 -1.01 -38.33
N VAL A 160 42.67 -1.20 -38.27
CA VAL A 160 41.82 -1.37 -39.43
C VAL A 160 40.88 -0.20 -39.51
N SER A 161 40.95 0.55 -40.61
CA SER A 161 40.05 1.65 -40.88
C SER A 161 39.23 1.32 -42.13
N TRP A 162 38.18 2.08 -42.35
CA TRP A 162 37.33 1.88 -43.52
C TRP A 162 37.18 3.20 -44.26
N ASN A 163 37.40 3.16 -45.58
CA ASN A 163 37.34 4.35 -46.43
C ASN A 163 38.26 5.44 -45.89
N SER A 164 39.45 5.03 -45.45
CA SER A 164 40.46 5.94 -44.90
C SER A 164 39.89 6.76 -43.74
N GLY A 165 39.09 6.12 -42.90
CA GLY A 165 38.53 6.76 -41.74
C GLY A 165 37.22 7.48 -41.97
N ALA A 166 36.78 7.59 -43.22
CA ALA A 166 35.50 8.25 -43.49
C ALA A 166 34.34 7.44 -42.91
N LEU A 167 34.38 6.12 -43.05
CA LEU A 167 33.32 5.24 -42.56
C LEU A 167 33.71 4.74 -41.18
N THR A 168 32.95 5.14 -40.16
CA THR A 168 33.22 4.74 -38.79
C THR A 168 31.96 4.16 -38.15
N SER A 169 30.80 4.66 -38.56
CA SER A 169 29.54 4.19 -38.00
C SER A 169 29.29 2.75 -38.44
N GLY A 170 28.91 1.90 -37.49
CA GLY A 170 28.61 0.51 -37.78
C GLY A 170 29.83 -0.38 -37.94
N VAL A 171 31.02 0.10 -37.63
CA VAL A 171 32.24 -0.67 -37.79
C VAL A 171 32.56 -1.38 -36.48
N HIS A 172 32.66 -2.69 -36.53
CA HIS A 172 33.08 -3.51 -35.39
C HIS A 172 34.40 -4.18 -35.73
N THR A 173 35.44 -3.86 -34.99
CA THR A 173 36.75 -4.49 -35.14
C THR A 173 36.94 -5.43 -33.97
N PHE A 174 36.88 -6.74 -34.24
CA PHE A 174 36.90 -7.72 -33.18
C PHE A 174 38.32 -7.87 -32.61
N PRO A 175 38.42 -8.17 -31.32
CA PRO A 175 39.75 -8.42 -30.74
C PRO A 175 40.43 -9.60 -31.41
N ALA A 176 41.74 -9.48 -31.59
CA ALA A 176 42.51 -10.53 -32.24
C ALA A 176 42.58 -11.77 -31.37
N VAL A 177 42.56 -12.94 -32.01
CA VAL A 177 42.69 -14.21 -31.31
C VAL A 177 44.00 -14.85 -31.75
N LEU A 178 44.60 -15.61 -30.82
CA LEU A 178 45.86 -16.29 -31.05
C LEU A 178 45.56 -17.74 -31.35
N GLN A 179 45.61 -18.10 -32.63
CA GLN A 179 45.33 -19.48 -33.01
C GLN A 179 46.54 -20.36 -32.73
N SER A 180 46.41 -21.65 -33.06
CA SER A 180 47.47 -22.61 -32.75
C SER A 180 48.76 -22.32 -33.47
N SER A 181 48.72 -21.60 -34.60
CA SER A 181 49.92 -21.29 -35.35
C SER A 181 50.80 -20.26 -34.64
N GLY A 182 50.32 -19.64 -33.57
CA GLY A 182 51.08 -18.61 -32.89
C GLY A 182 50.93 -17.22 -33.45
N LEU A 183 50.17 -17.05 -34.52
CA LEU A 183 49.91 -15.75 -35.12
C LEU A 183 48.52 -15.27 -34.75
N TYR A 184 48.26 -14.00 -35.01
CA TYR A 184 47.01 -13.37 -34.63
C TYR A 184 46.08 -13.27 -35.84
N SER A 185 44.78 -13.19 -35.56
CA SER A 185 43.78 -13.10 -36.60
C SER A 185 42.56 -12.38 -36.04
N LEU A 186 42.18 -11.28 -36.66
CA LEU A 186 40.97 -10.56 -36.30
C LEU A 186 40.14 -10.33 -37.56
N SER A 187 38.97 -9.73 -37.37
CA SER A 187 38.09 -9.40 -38.47
C SER A 187 37.43 -8.06 -38.19
N SER A 188 37.32 -7.23 -39.22
CA SER A 188 36.64 -5.96 -39.13
C SER A 188 35.40 -6.02 -40.03
N VAL A 189 34.23 -5.77 -39.45
CA VAL A 189 32.99 -5.84 -40.20
C VAL A 189 32.30 -4.49 -40.14
N VAL A 190 31.45 -4.25 -41.13
CA VAL A 190 30.67 -3.01 -41.20
C VAL A 190 29.36 -3.30 -41.91
N THR A 191 28.27 -2.85 -41.33
CA THR A 191 26.94 -3.03 -41.91
C THR A 191 26.54 -1.77 -42.65
N VAL A 192 26.14 -1.94 -43.91
CA VAL A 192 25.74 -0.83 -44.77
C VAL A 192 24.43 -1.21 -45.45
N PRO A 193 23.61 -0.25 -45.89
CA PRO A 193 22.39 -0.61 -46.61
C PRO A 193 22.73 -1.40 -47.87
N SER A 194 21.92 -2.42 -48.13
CA SER A 194 22.20 -3.33 -49.24
C SER A 194 22.00 -2.68 -50.60
N SER A 195 21.42 -1.48 -50.66
CA SER A 195 21.23 -0.79 -51.92
C SER A 195 22.43 0.04 -52.34
N SER A 196 23.35 0.31 -51.41
CA SER A 196 24.54 1.10 -51.69
C SER A 196 25.79 0.25 -51.87
N LEU A 197 25.64 -1.08 -51.98
CA LEU A 197 26.80 -1.94 -52.14
C LEU A 197 27.54 -1.67 -53.45
N GLY A 198 26.80 -1.49 -54.55
CA GLY A 198 27.42 -1.26 -55.84
C GLY A 198 27.75 0.17 -56.16
N THR A 199 27.16 1.12 -55.45
CA THR A 199 27.39 2.54 -55.70
C THR A 199 28.42 3.15 -54.76
N GLN A 200 29.00 2.36 -53.86
CA GLN A 200 29.97 2.86 -52.90
C GLN A 200 31.23 2.01 -52.96
N THR A 201 32.38 2.68 -52.93
CA THR A 201 33.67 2.00 -52.90
C THR A 201 34.04 1.72 -51.45
N TYR A 202 34.32 0.46 -51.14
CA TYR A 202 34.59 0.03 -49.78
C TYR A 202 36.05 -0.42 -49.68
N ILE A 203 36.87 0.46 -49.14
CA ILE A 203 38.30 0.22 -48.95
C ILE A 203 38.54 0.02 -47.46
N CYS A 204 39.10 -1.11 -47.09
CA CYS A 204 39.55 -1.35 -45.72
C CYS A 204 41.07 -1.23 -45.67
N ASN A 205 41.55 -0.44 -44.72
CA ASN A 205 42.95 -0.05 -44.62
C ASN A 205 43.53 -0.75 -43.40
N VAL A 206 44.48 -1.65 -43.62
CA VAL A 206 45.11 -2.42 -42.56
C VAL A 206 46.52 -1.89 -42.39
N ASN A 207 46.86 -1.51 -41.15
CA ASN A 207 48.18 -1.02 -40.80
C ASN A 207 48.78 -1.90 -39.72
N HIS A 208 50.00 -2.38 -39.96
CA HIS A 208 50.76 -3.21 -39.03
C HIS A 208 52.12 -2.54 -38.83
N LYS A 209 52.22 -1.71 -37.80
CA LYS A 209 53.47 -1.01 -37.53
C LYS A 209 54.67 -1.92 -37.30
N PRO A 210 54.58 -2.99 -36.50
CA PRO A 210 55.79 -3.81 -36.28
C PRO A 210 56.41 -4.36 -37.55
N SER A 211 55.59 -4.71 -38.54
CA SER A 211 56.10 -5.13 -39.83
C SER A 211 56.08 -4.01 -40.86
N ASN A 212 55.60 -2.82 -40.49
CA ASN A 212 55.50 -1.67 -41.38
C ASN A 212 54.75 -2.04 -42.66
N THR A 213 53.50 -2.47 -42.47
CA THR A 213 52.68 -2.96 -43.57
C THR A 213 51.43 -2.11 -43.70
N LYS A 214 51.19 -1.63 -44.92
CA LYS A 214 49.97 -0.89 -45.27
C LYS A 214 49.30 -1.64 -46.41
N VAL A 215 48.10 -2.17 -46.17
CA VAL A 215 47.38 -2.91 -47.18
C VAL A 215 45.99 -2.29 -47.35
N ASP A 216 45.62 -2.04 -48.60
CA ASP A 216 44.32 -1.47 -48.93
C ASP A 216 43.52 -2.50 -49.70
N LYS A 217 42.46 -3.03 -49.09
CA LYS A 217 41.69 -4.10 -49.69
C LYS A 217 40.30 -3.58 -50.05
N ARG A 218 39.89 -3.81 -51.29
CA ARG A 218 38.63 -3.31 -51.79
C ARG A 218 37.60 -4.44 -51.82
N VAL A 219 36.48 -4.24 -51.15
CA VAL A 219 35.50 -5.30 -50.90
C VAL A 219 34.36 -5.14 -51.90
N GLU A 220 34.05 -6.22 -52.62
CA GLU A 220 33.00 -6.21 -53.62
C GLU A 220 32.04 -7.38 -53.39
N PRO A 221 30.77 -7.21 -53.71
CA PRO A 221 29.82 -8.33 -53.61
C PRO A 221 30.19 -9.44 -54.58
N LYS A 222 29.91 -10.67 -54.17
CA LYS A 222 30.22 -11.83 -54.98
C LYS A 222 28.99 -12.36 -55.71
N GLU B 1 48.13 -19.47 0.44
CA GLU B 1 47.84 -18.05 0.30
C GLU B 1 46.37 -17.76 0.55
N ILE B 2 46.00 -16.49 0.45
CA ILE B 2 44.63 -16.04 0.64
C ILE B 2 43.93 -16.11 -0.71
N VAL B 3 42.80 -16.81 -0.76
CA VAL B 3 42.04 -16.95 -2.00
C VAL B 3 40.89 -15.96 -1.97
N MET B 4 40.83 -15.10 -2.97
CA MET B 4 39.89 -13.98 -3.01
C MET B 4 38.84 -14.32 -4.05
N THR B 5 37.62 -14.64 -3.61
CA THR B 5 36.57 -15.05 -4.53
C THR B 5 35.58 -13.92 -4.72
N GLN B 6 35.32 -13.56 -5.96
CA GLN B 6 34.43 -12.45 -6.27
C GLN B 6 33.16 -12.97 -6.92
N SER B 7 32.04 -12.29 -6.62
CA SER B 7 30.76 -12.72 -7.13
C SER B 7 29.87 -11.53 -7.43
N PRO B 8 29.15 -11.54 -8.57
CA PRO B 8 29.28 -12.56 -9.59
C PRO B 8 30.48 -12.28 -10.52
N ALA B 9 30.74 -13.18 -11.47
CA ALA B 9 31.80 -12.93 -12.44
C ALA B 9 31.49 -11.68 -13.26
N THR B 10 30.24 -11.53 -13.69
CA THR B 10 29.78 -10.31 -14.34
C THR B 10 28.41 -9.96 -13.77
N LEU B 11 28.14 -8.67 -13.63
CA LEU B 11 26.90 -8.18 -13.05
C LEU B 11 26.22 -7.25 -14.05
N SER B 12 25.13 -7.72 -14.64
CA SER B 12 24.37 -6.94 -15.61
C SER B 12 23.34 -6.10 -14.87
N VAL B 13 23.59 -4.80 -14.78
CA VAL B 13 22.70 -3.88 -14.09
C VAL B 13 22.39 -2.70 -15.01
N SER B 14 21.12 -2.34 -15.07
CA SER B 14 20.73 -1.20 -15.88
C SER B 14 21.16 0.09 -15.21
N PRO B 15 21.47 1.13 -15.98
CA PRO B 15 21.90 2.40 -15.39
C PRO B 15 20.84 2.96 -14.45
N GLY B 16 21.30 3.53 -13.34
CA GLY B 16 20.42 4.11 -12.35
C GLY B 16 19.94 3.16 -11.28
N GLU B 17 20.33 1.89 -11.32
CA GLU B 17 19.90 0.92 -10.33
C GLU B 17 20.97 0.72 -9.26
N ARG B 18 20.75 -0.27 -8.41
CA ARG B 18 21.59 -0.56 -7.26
C ARG B 18 22.38 -1.83 -7.54
N ALA B 19 23.69 -1.76 -7.36
CA ALA B 19 24.59 -2.86 -7.67
C ALA B 19 25.35 -3.29 -6.43
N THR B 20 25.51 -4.61 -6.28
CA THR B 20 26.20 -5.18 -5.13
C THR B 20 27.21 -6.22 -5.62
N LEU B 21 28.46 -6.05 -5.21
CA LEU B 21 29.56 -6.93 -5.58
C LEU B 21 30.09 -7.58 -4.30
N SER B 22 30.13 -8.90 -4.26
CA SER B 22 30.54 -9.63 -3.07
C SER B 22 31.96 -10.14 -3.23
N CYS B 23 32.71 -10.11 -2.13
CA CYS B 23 34.07 -10.62 -2.09
C CYS B 23 34.21 -11.49 -0.85
N SER B 24 34.33 -12.80 -1.06
CA SER B 24 34.60 -13.75 0.01
C SER B 24 36.11 -13.96 0.11
N VAL B 25 36.58 -14.16 1.33
CA VAL B 25 38.00 -14.32 1.62
C VAL B 25 38.20 -15.67 2.29
N SER B 26 39.22 -16.40 1.85
CA SER B 26 39.45 -17.75 2.37
C SER B 26 39.77 -17.73 3.86
N SER B 27 40.29 -16.61 4.38
CA SER B 27 40.61 -16.50 5.79
C SER B 27 40.08 -15.18 6.31
N SER B 28 39.82 -15.12 7.62
CA SER B 28 39.34 -13.90 8.22
C SER B 28 40.42 -12.83 8.19
N ILE B 29 40.10 -11.66 7.65
CA ILE B 29 41.05 -10.57 7.51
C ILE B 29 40.43 -9.30 8.06
N SER B 30 41.29 -8.34 8.40
CA SER B 30 40.83 -7.07 8.92
C SER B 30 40.12 -6.27 7.83
N SER B 31 39.17 -5.45 8.27
CA SER B 31 38.47 -4.58 7.32
C SER B 31 39.43 -3.59 6.68
N SER B 32 40.41 -3.11 7.44
CA SER B 32 41.37 -2.15 6.91
C SER B 32 42.32 -2.77 5.89
N ASN B 33 42.41 -4.10 5.84
CA ASN B 33 43.35 -4.79 4.97
C ASN B 33 42.75 -5.16 3.62
N LEU B 34 41.48 -4.85 3.38
CA LEU B 34 40.85 -5.15 2.10
C LEU B 34 40.50 -3.85 1.40
N HIS B 35 40.89 -3.74 0.13
CA HIS B 35 40.67 -2.55 -0.66
C HIS B 35 40.03 -2.94 -1.99
N TRP B 36 39.43 -1.96 -2.65
CA TRP B 36 38.76 -2.16 -3.92
C TRP B 36 39.39 -1.28 -4.97
N TYR B 37 39.67 -1.86 -6.13
CA TYR B 37 40.23 -1.15 -7.27
C TYR B 37 39.26 -1.23 -8.44
N GLN B 38 39.19 -0.16 -9.24
CA GLN B 38 38.38 -0.12 -10.44
C GLN B 38 39.28 -0.01 -11.65
N GLN B 39 38.99 -0.80 -12.68
CA GLN B 39 39.74 -0.78 -13.92
C GLN B 39 38.77 -0.68 -15.09
N LYS B 40 39.02 0.22 -15.97
CA LYS B 40 38.31 0.29 -17.23
C LYS B 40 39.18 -0.29 -18.34
N PRO B 41 38.57 -0.86 -19.38
CA PRO B 41 39.37 -1.53 -20.41
C PRO B 41 40.38 -0.59 -21.05
N GLY B 42 41.59 -1.10 -21.24
CA GLY B 42 42.67 -0.30 -21.78
C GLY B 42 43.30 0.67 -20.81
N GLN B 43 43.01 0.56 -19.52
CA GLN B 43 43.53 1.49 -18.53
C GLN B 43 44.02 0.71 -17.32
N ALA B 44 44.95 1.31 -16.59
CA ALA B 44 45.48 0.71 -15.38
C ALA B 44 44.43 0.71 -14.28
N PRO B 45 44.53 -0.24 -13.34
CA PRO B 45 43.61 -0.22 -12.19
C PRO B 45 43.79 1.06 -11.39
N ARG B 46 42.70 1.49 -10.76
CA ARG B 46 42.69 2.73 -10.02
C ARG B 46 42.20 2.47 -8.60
N PRO B 47 42.94 2.92 -7.58
CA PRO B 47 42.48 2.71 -6.20
C PRO B 47 41.14 3.37 -5.97
N TRP B 48 40.18 2.57 -5.50
CA TRP B 48 38.79 3.02 -5.45
C TRP B 48 38.26 3.13 -4.03
N ILE B 49 38.48 2.11 -3.20
CA ILE B 49 38.08 2.15 -1.80
C ILE B 49 39.22 1.61 -0.95
N TYR B 50 39.58 2.35 0.10
CA TYR B 50 40.61 1.94 1.04
C TYR B 50 39.96 1.41 2.31
N GLY B 51 40.47 0.28 2.80
CA GLY B 51 40.01 -0.24 4.08
C GLY B 51 38.54 -0.60 4.12
N THR B 52 37.99 -1.04 2.98
CA THR B 52 36.66 -1.64 2.88
C THR B 52 35.55 -0.60 3.03
N SER B 53 35.87 0.61 3.45
CA SER B 53 34.82 1.62 3.64
C SER B 53 35.18 3.01 3.17
N ASN B 54 36.45 3.33 2.94
CA ASN B 54 36.89 4.70 2.72
C ASN B 54 37.11 4.92 1.22
N LEU B 55 36.27 5.73 0.61
CA LEU B 55 36.46 6.11 -0.78
C LEU B 55 37.73 6.93 -0.91
N ALA B 56 38.41 6.78 -2.05
CA ALA B 56 39.59 7.59 -2.33
C ALA B 56 39.15 8.97 -2.78
N SER B 57 40.10 9.78 -3.23
CA SER B 57 39.78 11.13 -3.65
C SER B 57 39.12 11.13 -5.02
N GLY B 58 37.94 11.73 -5.11
CA GLY B 58 37.22 11.88 -6.35
C GLY B 58 36.10 10.88 -6.56
N ILE B 59 36.11 9.77 -5.84
CA ILE B 59 35.03 8.78 -5.98
C ILE B 59 33.75 9.35 -5.37
N PRO B 60 32.64 9.36 -6.10
CA PRO B 60 31.42 9.98 -5.60
C PRO B 60 30.78 9.17 -4.49
N ALA B 61 29.75 9.76 -3.89
CA ALA B 61 29.10 9.17 -2.72
C ALA B 61 28.26 7.95 -3.06
N ARG B 62 28.05 7.65 -4.34
CA ARG B 62 27.27 6.46 -4.69
C ARG B 62 27.96 5.19 -4.19
N PHE B 63 29.27 5.12 -4.32
CA PHE B 63 30.00 3.94 -3.91
C PHE B 63 30.13 3.87 -2.40
N SER B 64 30.01 2.66 -1.87
CA SER B 64 30.19 2.41 -0.45
C SER B 64 30.68 0.98 -0.28
N GLY B 65 31.28 0.71 0.87
CA GLY B 65 31.77 -0.62 1.16
C GLY B 65 31.44 -1.02 2.58
N SER B 66 31.23 -2.32 2.77
CA SER B 66 30.87 -2.81 4.09
C SER B 66 31.19 -4.30 4.17
N GLY B 67 31.69 -4.73 5.31
CA GLY B 67 31.96 -6.14 5.50
C GLY B 67 32.99 -6.35 6.58
N SER B 68 33.25 -7.62 6.85
CA SER B 68 34.20 -8.03 7.88
C SER B 68 34.51 -9.50 7.69
N GLY B 69 35.53 -9.96 8.42
CA GLY B 69 35.89 -11.37 8.44
C GLY B 69 36.19 -11.93 7.09
N THR B 70 35.29 -12.77 6.58
CA THR B 70 35.46 -13.41 5.29
C THR B 70 34.42 -12.98 4.27
N GLU B 71 33.73 -11.87 4.49
CA GLU B 71 32.70 -11.41 3.56
C GLU B 71 32.71 -9.89 3.51
N PHE B 72 32.89 -9.35 2.31
CA PHE B 72 32.93 -7.92 2.08
C PHE B 72 32.07 -7.58 0.87
N THR B 73 31.65 -6.33 0.78
CA THR B 73 30.66 -5.94 -0.22
C THR B 73 30.92 -4.51 -0.69
N LEU B 74 30.89 -4.33 -2.01
CA LEU B 74 30.89 -3.04 -2.66
C LEU B 74 29.49 -2.74 -3.18
N THR B 75 28.97 -1.57 -2.84
CA THR B 75 27.60 -1.21 -3.17
C THR B 75 27.58 0.11 -3.92
N ILE B 76 26.83 0.16 -5.02
CA ILE B 76 26.58 1.39 -5.76
C ILE B 76 25.09 1.66 -5.72
N SER B 77 24.70 2.79 -5.13
CA SER B 77 23.28 3.09 -4.98
C SER B 77 22.61 3.34 -6.32
N SER B 78 23.23 4.17 -7.16
CA SER B 78 22.67 4.52 -8.47
C SER B 78 23.79 4.41 -9.49
N VAL B 79 23.85 3.28 -10.20
CA VAL B 79 24.89 3.05 -11.17
C VAL B 79 24.74 4.03 -12.33
N GLN B 80 25.82 4.72 -12.67
CA GLN B 80 25.85 5.67 -13.77
C GLN B 80 26.67 5.09 -14.93
N ALA B 81 26.78 5.88 -16.00
CA ALA B 81 27.42 5.40 -17.21
C ALA B 81 28.90 5.09 -16.97
N GLU B 82 29.56 5.88 -16.15
CA GLU B 82 30.99 5.74 -15.91
C GLU B 82 31.32 4.65 -14.88
N ASP B 83 30.32 4.03 -14.28
CA ASP B 83 30.55 3.02 -13.25
C ASP B 83 30.72 1.61 -13.80
N PHE B 84 30.49 1.40 -15.09
CA PHE B 84 30.55 0.06 -15.67
C PHE B 84 32.00 -0.27 -15.98
N ALA B 85 32.56 -1.25 -15.25
CA ALA B 85 33.99 -1.52 -15.27
C ALA B 85 34.30 -2.74 -14.42
N VAL B 86 35.57 -3.16 -14.36
CA VAL B 86 35.95 -4.34 -13.59
C VAL B 86 36.42 -3.89 -12.21
N TYR B 87 35.84 -4.47 -11.17
CA TYR B 87 36.20 -4.15 -9.80
C TYR B 87 36.90 -5.34 -9.18
N TYR B 88 38.03 -5.08 -8.51
CA TYR B 88 38.83 -6.11 -7.87
C TYR B 88 38.88 -5.83 -6.38
N CYS B 89 38.76 -6.89 -5.57
CA CYS B 89 38.99 -6.79 -4.15
C CYS B 89 40.36 -7.39 -3.84
N GLN B 90 41.19 -6.63 -3.14
CA GLN B 90 42.57 -7.01 -2.87
C GLN B 90 42.79 -6.99 -1.37
N GLN B 91 43.25 -8.11 -0.82
CA GLN B 91 43.61 -8.16 0.57
C GLN B 91 45.06 -7.74 0.75
N TRP B 92 45.38 -7.23 1.93
CA TRP B 92 46.76 -6.88 2.23
C TRP B 92 47.29 -7.74 3.37
N SER B 93 46.44 -8.59 3.96
CA SER B 93 46.71 -9.14 5.29
C SER B 93 48.02 -9.92 5.33
N SER B 94 48.28 -10.74 4.31
CA SER B 94 49.47 -11.59 4.33
C SER B 94 50.04 -11.69 2.93
N TYR B 95 51.34 -11.95 2.86
CA TYR B 95 52.02 -12.16 1.60
C TYR B 95 51.82 -13.61 1.13
N PRO B 96 51.68 -13.83 -0.18
CA PRO B 96 51.67 -12.80 -1.22
C PRO B 96 50.33 -12.09 -1.32
N LEU B 97 50.35 -10.83 -1.76
CA LEU B 97 49.11 -10.11 -1.95
C LEU B 97 48.31 -10.76 -3.07
N THR B 98 47.00 -10.86 -2.87
CA THR B 98 46.13 -11.51 -3.84
C THR B 98 44.99 -10.59 -4.20
N PHE B 99 44.60 -10.61 -5.46
CA PHE B 99 43.45 -9.87 -5.96
C PHE B 99 42.31 -10.85 -6.25
N GLY B 100 41.09 -10.32 -6.24
CA GLY B 100 39.97 -11.08 -6.74
C GLY B 100 40.02 -11.23 -8.24
N GLN B 101 39.28 -12.22 -8.74
CA GLN B 101 39.23 -12.44 -10.18
C GLN B 101 38.57 -11.30 -10.92
N GLY B 102 37.86 -10.43 -10.21
CA GLY B 102 37.24 -9.27 -10.82
C GLY B 102 35.78 -9.46 -11.15
N THR B 103 34.95 -8.48 -10.81
CA THR B 103 33.54 -8.47 -11.17
C THR B 103 33.33 -7.35 -12.18
N LYS B 104 32.78 -7.70 -13.34
CA LYS B 104 32.59 -6.73 -14.42
C LYS B 104 31.18 -6.16 -14.30
N LEU B 105 31.07 -4.95 -13.78
CA LEU B 105 29.81 -4.23 -13.80
C LEU B 105 29.49 -3.83 -15.23
N GLU B 106 28.35 -4.33 -15.72
CA GLU B 106 28.00 -4.34 -17.13
C GLU B 106 26.63 -3.70 -17.33
N ILE B 107 26.46 -3.02 -18.47
CA ILE B 107 25.20 -2.38 -18.78
C ILE B 107 24.14 -3.43 -19.09
N LYS B 108 22.95 -3.26 -18.51
CA LYS B 108 21.81 -4.12 -18.80
C LYS B 108 20.81 -3.35 -19.65
N ARG B 109 20.29 -4.01 -20.69
CA ARG B 109 19.35 -3.38 -21.61
C ARG B 109 18.37 -4.43 -22.08
N THR B 110 17.48 -4.02 -22.98
CA THR B 110 16.48 -4.93 -23.53
C THR B 110 17.15 -6.00 -24.38
N VAL B 111 16.61 -7.21 -24.31
CA VAL B 111 17.18 -8.33 -25.06
C VAL B 111 17.00 -8.10 -26.55
N ALA B 112 18.09 -8.15 -27.30
CA ALA B 112 18.09 -7.95 -28.74
C ALA B 112 18.65 -9.18 -29.42
N ALA B 113 17.93 -9.68 -30.42
CA ALA B 113 18.37 -10.84 -31.17
C ALA B 113 19.50 -10.45 -32.14
N PRO B 114 20.45 -11.33 -32.36
CA PRO B 114 21.56 -11.00 -33.26
C PRO B 114 21.14 -11.03 -34.73
N SER B 115 21.89 -10.30 -35.54
CA SER B 115 21.80 -10.39 -36.99
C SER B 115 22.93 -11.30 -37.45
N VAL B 116 22.59 -12.44 -38.04
CA VAL B 116 23.56 -13.48 -38.35
C VAL B 116 23.88 -13.43 -39.83
N PHE B 117 25.16 -13.22 -40.13
CA PHE B 117 25.67 -13.25 -41.50
C PHE B 117 26.73 -14.33 -41.60
N ILE B 118 26.84 -14.94 -42.78
CA ILE B 118 27.86 -15.94 -43.04
C ILE B 118 28.67 -15.53 -44.25
N PHE B 119 29.99 -15.61 -44.11
CA PHE B 119 30.93 -15.23 -45.15
C PHE B 119 31.75 -16.44 -45.55
N PRO B 120 31.64 -16.91 -46.79
CA PRO B 120 32.50 -17.97 -47.27
C PRO B 120 33.92 -17.47 -47.48
N PRO B 121 34.91 -18.35 -47.47
CA PRO B 121 36.29 -17.91 -47.68
C PRO B 121 36.46 -17.30 -49.07
N SER B 122 37.29 -16.26 -49.14
CA SER B 122 37.56 -15.60 -50.41
C SER B 122 38.43 -16.48 -51.30
N ASP B 123 38.45 -16.15 -52.59
CA ASP B 123 39.24 -16.93 -53.54
C ASP B 123 40.73 -16.79 -53.27
N GLU B 124 41.17 -15.61 -52.83
CA GLU B 124 42.59 -15.42 -52.50
C GLU B 124 43.02 -16.34 -51.38
N GLN B 125 42.19 -16.47 -50.35
CA GLN B 125 42.53 -17.36 -49.25
C GLN B 125 42.60 -18.81 -49.71
N LEU B 126 41.70 -19.22 -50.60
CA LEU B 126 41.78 -20.56 -51.17
C LEU B 126 43.07 -20.75 -51.94
N LYS B 127 43.49 -19.74 -52.70
CA LYS B 127 44.78 -19.81 -53.37
C LYS B 127 45.92 -19.88 -52.35
N SER B 128 45.71 -19.37 -51.15
CA SER B 128 46.72 -19.44 -50.11
C SER B 128 46.76 -20.78 -49.40
N GLY B 129 45.81 -21.67 -49.65
CA GLY B 129 45.83 -23.00 -49.09
C GLY B 129 45.04 -23.21 -47.82
N THR B 130 44.24 -22.23 -47.41
CA THR B 130 43.44 -22.33 -46.18
C THR B 130 42.09 -21.68 -46.45
N ALA B 131 41.07 -22.10 -45.71
CA ALA B 131 39.74 -21.54 -45.83
C ALA B 131 39.22 -21.14 -44.46
N SER B 132 38.74 -19.90 -44.34
CA SER B 132 38.15 -19.40 -43.11
C SER B 132 36.72 -18.99 -43.40
N VAL B 133 35.76 -19.69 -42.79
CA VAL B 133 34.35 -19.37 -42.91
C VAL B 133 33.94 -18.57 -41.69
N VAL B 134 33.38 -17.39 -41.90
CA VAL B 134 33.12 -16.45 -40.82
C VAL B 134 31.62 -16.38 -40.56
N CYS B 135 31.23 -16.37 -39.29
CA CYS B 135 29.86 -16.16 -38.88
C CYS B 135 29.83 -14.93 -37.97
N LEU B 136 28.97 -13.97 -38.30
CA LEU B 136 28.91 -12.70 -37.60
C LEU B 136 27.54 -12.58 -36.95
N LEU B 137 27.54 -12.44 -35.63
CA LEU B 137 26.33 -12.22 -34.83
C LEU B 137 26.38 -10.77 -34.38
N ASN B 138 25.74 -9.89 -35.13
CA ASN B 138 25.87 -8.46 -34.92
C ASN B 138 24.75 -7.94 -34.05
N ASN B 139 25.12 -7.11 -33.06
CA ASN B 139 24.20 -6.31 -32.26
C ASN B 139 23.18 -7.19 -31.53
N PHE B 140 23.70 -7.99 -30.59
CA PHE B 140 22.86 -8.81 -29.75
C PHE B 140 23.13 -8.54 -28.28
N TYR B 141 22.14 -8.86 -27.45
CA TYR B 141 22.23 -8.77 -26.00
C TYR B 141 21.31 -9.85 -25.45
N PRO B 142 21.72 -10.58 -24.39
CA PRO B 142 22.98 -10.45 -23.63
C PRO B 142 24.18 -11.09 -24.30
N ARG B 143 25.29 -11.14 -23.56
CA ARG B 143 26.53 -11.69 -24.10
C ARG B 143 26.39 -13.16 -24.45
N GLU B 144 25.70 -13.92 -23.61
CA GLU B 144 25.62 -15.37 -23.81
C GLU B 144 24.96 -15.70 -25.14
N ALA B 145 25.72 -16.30 -26.04
CA ALA B 145 25.22 -16.72 -27.34
C ALA B 145 26.03 -17.93 -27.79
N LYS B 146 25.35 -18.93 -28.34
CA LYS B 146 26.00 -20.17 -28.75
C LYS B 146 26.07 -20.23 -30.27
N VAL B 147 27.26 -20.52 -30.79
CA VAL B 147 27.48 -20.66 -32.22
C VAL B 147 27.97 -22.08 -32.49
N GLN B 148 27.30 -22.77 -33.40
CA GLN B 148 27.66 -24.13 -33.78
C GLN B 148 27.91 -24.18 -35.28
N TRP B 149 28.93 -24.93 -35.69
CA TRP B 149 29.31 -25.04 -37.08
C TRP B 149 28.90 -26.43 -37.58
N LYS B 150 28.06 -26.46 -38.61
CA LYS B 150 27.61 -27.72 -39.20
C LYS B 150 28.13 -27.78 -40.63
N VAL B 151 28.97 -28.77 -40.90
CA VAL B 151 29.55 -28.96 -42.23
C VAL B 151 28.87 -30.19 -42.83
N ASP B 152 28.05 -29.96 -43.86
CA ASP B 152 27.22 -31.00 -44.44
C ASP B 152 26.39 -31.69 -43.35
N ASN B 153 25.78 -30.88 -42.49
CA ASN B 153 24.93 -31.31 -41.38
C ASN B 153 25.69 -32.10 -40.33
N ALA B 154 27.02 -32.06 -40.34
CA ALA B 154 27.83 -32.71 -39.33
C ALA B 154 28.39 -31.65 -38.38
N LEU B 155 28.17 -31.84 -37.09
CA LEU B 155 28.62 -30.87 -36.10
C LEU B 155 30.14 -30.84 -36.05
N GLN B 156 30.71 -29.64 -35.93
CA GLN B 156 32.15 -29.44 -35.89
C GLN B 156 32.55 -28.85 -34.55
N SER B 157 33.76 -29.21 -34.11
CA SER B 157 34.28 -28.70 -32.85
C SER B 157 35.81 -28.75 -32.90
N GLY B 158 36.43 -27.83 -32.17
CA GLY B 158 37.87 -27.79 -32.06
C GLY B 158 38.59 -27.05 -33.16
N ASN B 159 37.87 -26.53 -34.16
CA ASN B 159 38.50 -25.82 -35.28
C ASN B 159 37.88 -24.46 -35.52
N SER B 160 37.19 -23.89 -34.52
CA SER B 160 36.55 -22.60 -34.64
C SER B 160 36.94 -21.73 -33.46
N GLN B 161 37.09 -20.43 -33.70
CA GLN B 161 37.48 -19.47 -32.69
C GLN B 161 36.54 -18.27 -32.70
N GLU B 162 36.17 -17.81 -31.52
CA GLU B 162 35.19 -16.74 -31.36
C GLU B 162 35.83 -15.49 -30.76
N SER B 163 35.49 -14.34 -31.32
CA SER B 163 35.89 -13.04 -30.80
C SER B 163 34.65 -12.22 -30.51
N VAL B 164 34.64 -11.53 -29.37
CA VAL B 164 33.51 -10.71 -28.96
C VAL B 164 33.99 -9.29 -28.73
N THR B 165 33.29 -8.34 -29.35
CA THR B 165 33.57 -6.93 -29.10
C THR B 165 33.13 -6.54 -27.70
N GLU B 166 33.72 -5.46 -27.20
CA GLU B 166 33.26 -4.87 -25.96
C GLU B 166 31.83 -4.34 -26.14
N GLN B 167 31.14 -4.17 -25.01
CA GLN B 167 29.78 -3.64 -25.06
C GLN B 167 29.77 -2.29 -25.75
N ASP B 168 28.83 -2.11 -26.68
CA ASP B 168 28.82 -0.91 -27.50
C ASP B 168 28.55 0.33 -26.65
N SER B 169 29.10 1.45 -27.08
CA SER B 169 28.91 2.71 -26.38
C SER B 169 27.53 3.31 -26.59
N LYS B 170 26.90 3.03 -27.74
CA LYS B 170 25.63 3.65 -28.09
C LYS B 170 24.44 2.82 -27.63
N ASP B 171 24.32 1.60 -28.13
CA ASP B 171 23.18 0.74 -27.82
C ASP B 171 23.52 -0.38 -26.86
N SER B 172 24.77 -0.44 -26.37
CA SER B 172 25.21 -1.42 -25.37
C SER B 172 24.98 -2.85 -25.82
N THR B 173 25.18 -3.13 -27.11
CA THR B 173 25.03 -4.46 -27.66
C THR B 173 26.40 -5.07 -27.95
N TYR B 174 26.42 -6.38 -28.15
CA TYR B 174 27.62 -7.12 -28.46
C TYR B 174 27.60 -7.58 -29.91
N SER B 175 28.80 -7.83 -30.45
CA SER B 175 28.97 -8.46 -31.74
C SER B 175 29.95 -9.61 -31.58
N LEU B 176 29.64 -10.74 -32.21
CA LEU B 176 30.44 -11.94 -32.11
C LEU B 176 30.89 -12.36 -33.50
N SER B 177 32.10 -12.90 -33.59
CA SER B 177 32.65 -13.37 -34.86
C SER B 177 33.26 -14.74 -34.61
N SER B 178 32.67 -15.77 -35.21
CA SER B 178 33.17 -17.12 -35.11
C SER B 178 33.79 -17.52 -36.44
N THR B 179 35.09 -17.79 -36.43
CA THR B 179 35.84 -18.17 -37.62
C THR B 179 36.14 -19.66 -37.56
N LEU B 180 35.72 -20.38 -38.59
CA LEU B 180 36.00 -21.80 -38.74
C LEU B 180 37.13 -21.95 -39.75
N THR B 181 38.25 -22.52 -39.31
CA THR B 181 39.45 -22.65 -40.13
C THR B 181 39.60 -24.09 -40.59
N LEU B 182 39.80 -24.27 -41.89
CA LEU B 182 39.99 -25.58 -42.48
C LEU B 182 41.09 -25.51 -43.53
N SER B 183 41.65 -26.66 -43.86
CA SER B 183 42.57 -26.72 -44.98
C SER B 183 41.78 -26.63 -46.29
N LYS B 184 42.50 -26.33 -47.37
CA LYS B 184 41.85 -26.23 -48.68
C LYS B 184 41.23 -27.57 -49.08
N ALA B 185 41.95 -28.66 -48.85
CA ALA B 185 41.42 -29.99 -49.19
C ALA B 185 40.18 -30.30 -48.36
N ASP B 186 40.22 -30.01 -47.06
CA ASP B 186 39.06 -30.25 -46.21
C ASP B 186 37.89 -29.36 -46.62
N TYR B 187 38.16 -28.10 -46.95
CA TYR B 187 37.10 -27.19 -47.34
C TYR B 187 36.43 -27.64 -48.64
N GLU B 188 37.22 -28.07 -49.62
CA GLU B 188 36.67 -28.53 -50.88
C GLU B 188 36.07 -29.93 -50.79
N LYS B 189 36.29 -30.64 -49.70
CA LYS B 189 35.78 -31.99 -49.50
C LYS B 189 34.30 -31.99 -49.14
N HIS B 190 33.73 -30.85 -48.77
CA HIS B 190 32.34 -30.77 -48.36
C HIS B 190 31.63 -29.71 -49.18
N LYS B 191 30.31 -29.63 -49.01
CA LYS B 191 29.50 -28.72 -49.81
C LYS B 191 28.76 -27.68 -48.98
N VAL B 192 28.04 -28.09 -47.95
CA VAL B 192 27.15 -27.21 -47.19
C VAL B 192 27.86 -26.79 -45.91
N TYR B 193 27.95 -25.48 -45.70
CA TYR B 193 28.53 -24.92 -44.48
C TYR B 193 27.49 -24.05 -43.82
N ALA B 194 27.17 -24.34 -42.56
CA ALA B 194 26.10 -23.66 -41.86
C ALA B 194 26.56 -23.21 -40.48
N CYS B 195 26.12 -22.03 -40.09
CA CYS B 195 26.33 -21.49 -38.76
C CYS B 195 24.98 -21.43 -38.07
N GLU B 196 24.86 -22.12 -36.94
CA GLU B 196 23.64 -22.19 -36.17
C GLU B 196 23.81 -21.37 -34.89
N VAL B 197 22.90 -20.44 -34.67
CA VAL B 197 22.99 -19.49 -33.56
C VAL B 197 21.85 -19.75 -32.60
N THR B 198 22.19 -20.00 -31.34
CA THR B 198 21.23 -20.16 -30.26
C THR B 198 21.40 -18.99 -29.31
N HIS B 199 20.37 -18.17 -29.19
CA HIS B 199 20.42 -16.97 -28.37
C HIS B 199 19.08 -16.79 -27.67
N GLN B 200 19.11 -16.06 -26.54
CA GLN B 200 17.89 -15.82 -25.78
C GLN B 200 16.89 -14.99 -26.58
N GLY B 201 17.38 -14.06 -27.39
CA GLY B 201 16.52 -13.22 -28.20
C GLY B 201 15.91 -13.90 -29.41
N LEU B 202 16.33 -15.12 -29.72
CA LEU B 202 15.79 -15.88 -30.83
C LEU B 202 14.92 -17.00 -30.29
N SER B 203 13.70 -17.11 -30.81
CA SER B 203 12.80 -18.17 -30.37
C SER B 203 13.37 -19.54 -30.72
N SER B 204 13.93 -19.67 -31.91
CA SER B 204 14.60 -20.89 -32.35
C SER B 204 15.97 -20.55 -32.89
N PRO B 205 16.94 -21.47 -32.78
CA PRO B 205 18.26 -21.21 -33.34
C PRO B 205 18.18 -20.95 -34.85
N VAL B 206 18.85 -19.90 -35.29
CA VAL B 206 18.81 -19.49 -36.69
C VAL B 206 20.04 -20.04 -37.39
N THR B 207 19.82 -20.67 -38.55
CA THR B 207 20.89 -21.29 -39.31
C THR B 207 21.11 -20.50 -40.59
N LYS B 208 22.32 -20.01 -40.77
CA LYS B 208 22.74 -19.37 -42.02
C LYS B 208 23.69 -20.32 -42.74
N SER B 209 23.32 -20.75 -43.93
CA SER B 209 24.07 -21.78 -44.64
C SER B 209 24.40 -21.32 -46.04
N PHE B 210 25.45 -21.91 -46.61
CA PHE B 210 25.82 -21.67 -47.99
C PHE B 210 26.45 -22.92 -48.57
N ASN B 211 26.53 -22.95 -49.89
CA ASN B 211 27.14 -24.05 -50.63
C ASN B 211 28.28 -23.51 -51.47
N ARG B 212 29.31 -24.33 -51.65
CA ARG B 212 30.45 -23.91 -52.47
C ARG B 212 30.03 -23.73 -53.91
N GLY B 213 30.56 -22.69 -54.56
CA GLY B 213 30.28 -22.40 -55.95
C GLY B 213 29.18 -21.40 -56.18
N GLU B 214 28.39 -21.07 -55.16
CA GLU B 214 27.34 -20.08 -55.32
C GLU B 214 27.92 -18.70 -55.54
N CYS B 215 27.29 -17.93 -56.42
CA CYS B 215 27.73 -16.57 -56.72
C CYS B 215 26.98 -15.54 -55.88
N GLU C 1 43.29 25.78 25.36
CA GLU C 1 42.67 24.51 24.98
C GLU C 1 42.06 24.59 23.59
N ILE C 2 41.58 23.47 23.08
CA ILE C 2 40.91 23.44 21.78
C ILE C 2 39.41 23.58 22.03
N VAL C 3 38.87 24.73 21.66
CA VAL C 3 37.45 25.04 21.87
C VAL C 3 36.68 24.61 20.64
N MET C 4 35.75 23.70 20.83
CA MET C 4 35.11 22.99 19.73
C MET C 4 33.60 22.98 19.92
N THR C 5 32.88 23.31 18.84
CA THR C 5 31.49 23.73 18.91
C THR C 5 30.62 22.81 18.08
N GLN C 6 29.40 22.58 18.53
CA GLN C 6 28.46 21.72 17.84
C GLN C 6 27.28 22.52 17.30
N SER C 7 26.78 22.11 16.14
CA SER C 7 25.65 22.75 15.49
C SER C 7 24.74 21.71 14.87
N PRO C 8 23.42 21.89 14.98
CA PRO C 8 22.81 22.92 15.82
C PRO C 8 22.74 22.48 17.27
N ALA C 9 22.41 23.39 18.18
CA ALA C 9 22.25 23.00 19.57
C ALA C 9 21.14 21.97 19.73
N THR C 10 20.03 22.17 19.03
CA THR C 10 18.92 21.23 19.00
C THR C 10 18.54 20.95 17.55
N LEU C 11 18.42 19.67 17.21
CA LEU C 11 18.10 19.25 15.85
C LEU C 11 16.73 18.58 15.86
N SER C 12 15.74 19.23 15.27
CA SER C 12 14.38 18.68 15.18
C SER C 12 14.28 17.87 13.89
N VAL C 13 14.21 16.55 14.02
CA VAL C 13 14.12 15.64 12.89
C VAL C 13 13.03 14.62 13.17
N SER C 14 12.06 14.52 12.28
CA SER C 14 11.04 13.50 12.41
C SER C 14 11.63 12.13 12.07
N PRO C 15 11.10 11.06 12.66
CA PRO C 15 11.67 9.72 12.42
C PRO C 15 11.64 9.36 10.95
N GLY C 16 12.71 8.70 10.50
CA GLY C 16 12.83 8.27 9.14
C GLY C 16 13.56 9.22 8.22
N GLU C 17 13.81 10.45 8.64
CA GLU C 17 14.50 11.42 7.80
C GLU C 17 16.01 11.31 7.97
N ARG C 18 16.72 12.26 7.37
CA ARG C 18 18.17 12.32 7.38
C ARG C 18 18.61 13.44 8.31
N ALA C 19 19.54 13.13 9.20
CA ALA C 19 20.02 14.09 10.19
C ALA C 19 21.51 14.30 10.03
N THR C 20 21.93 15.56 10.11
CA THR C 20 23.34 15.92 10.00
C THR C 20 23.73 16.80 11.16
N LEU C 21 24.81 16.44 11.85
CA LEU C 21 25.30 17.15 13.01
C LEU C 21 26.73 17.61 12.72
N SER C 22 26.98 18.91 12.88
CA SER C 22 28.27 19.49 12.53
C SER C 22 29.08 19.77 13.78
N CYS C 23 30.36 19.45 13.73
CA CYS C 23 31.32 19.76 14.78
C CYS C 23 32.45 20.58 14.16
N SER C 24 32.66 21.78 14.69
CA SER C 24 33.69 22.69 14.20
C SER C 24 34.76 22.84 15.28
N VAL C 25 36.01 22.66 14.89
CA VAL C 25 37.13 22.65 15.83
C VAL C 25 37.94 23.92 15.62
N SER C 26 38.35 24.56 16.72
CA SER C 26 39.07 25.83 16.62
C SER C 26 40.38 25.68 15.88
N SER C 27 41.10 24.58 16.12
CA SER C 27 42.36 24.32 15.44
C SER C 27 42.24 23.00 14.67
N SER C 28 42.93 22.94 13.53
CA SER C 28 42.88 21.73 12.71
C SER C 28 43.44 20.55 13.49
N ILE C 29 42.70 19.44 13.48
CA ILE C 29 43.10 18.23 14.16
C ILE C 29 43.05 17.07 13.17
N SER C 30 43.75 16.00 13.51
CA SER C 30 43.75 14.82 12.67
C SER C 30 42.36 14.20 12.62
N SER C 31 42.06 13.54 11.50
CA SER C 31 40.76 12.90 11.35
C SER C 31 40.56 11.80 12.39
N SER C 32 41.63 11.07 12.71
CA SER C 32 41.54 10.01 13.69
C SER C 32 41.39 10.53 15.12
N ASN C 33 41.52 11.83 15.33
CA ASN C 33 41.52 12.42 16.66
C ASN C 33 40.15 12.85 17.13
N LEU C 34 39.10 12.65 16.34
CA LEU C 34 37.76 13.07 16.71
C LEU C 34 36.88 11.85 16.93
N HIS C 35 36.15 11.85 18.04
CA HIS C 35 35.25 10.77 18.38
C HIS C 35 33.85 11.33 18.62
N TRP C 36 32.85 10.48 18.41
CA TRP C 36 31.46 10.85 18.65
C TRP C 36 30.88 9.91 19.68
N TYR C 37 30.17 10.48 20.66
CA TYR C 37 29.51 9.74 21.73
C TYR C 37 28.03 10.07 21.73
N GLN C 38 27.22 9.08 22.08
CA GLN C 38 25.78 9.24 22.23
C GLN C 38 25.41 9.06 23.70
N GLN C 39 24.57 9.95 24.21
CA GLN C 39 24.10 9.89 25.59
C GLN C 39 22.59 10.03 25.60
N LYS C 40 21.95 9.13 26.33
CA LYS C 40 20.53 9.21 26.63
C LYS C 40 20.34 9.67 28.07
N PRO C 41 19.23 10.32 28.38
CA PRO C 41 19.04 10.86 29.73
C PRO C 41 19.17 9.78 30.79
N GLY C 42 19.92 10.10 31.85
CA GLY C 42 20.14 9.17 32.93
C GLY C 42 21.12 8.06 32.63
N GLN C 43 21.92 8.18 31.58
CA GLN C 43 22.85 7.14 31.19
C GLN C 43 24.21 7.74 30.85
N ALA C 44 25.25 6.92 30.99
CA ALA C 44 26.59 7.35 30.62
C ALA C 44 26.73 7.45 29.11
N PRO C 45 27.63 8.30 28.62
CA PRO C 45 27.86 8.38 27.17
C PRO C 45 28.40 7.06 26.63
N ARG C 46 28.08 6.80 25.37
CA ARG C 46 28.47 5.56 24.72
C ARG C 46 29.40 5.87 23.54
N PRO C 47 30.58 5.27 23.48
CA PRO C 47 31.44 5.47 22.31
C PRO C 47 30.71 5.05 21.05
N TRP C 48 30.63 5.97 20.09
CA TRP C 48 29.67 5.82 19.01
C TRP C 48 30.31 5.84 17.63
N ILE C 49 31.25 6.75 17.39
CA ILE C 49 31.97 6.82 16.12
C ILE C 49 33.44 7.12 16.38
N TYR C 50 34.32 6.38 15.71
CA TYR C 50 35.75 6.41 16.00
C TYR C 50 36.45 7.21 14.92
N GLY C 51 37.37 8.08 15.32
CA GLY C 51 38.25 8.70 14.34
C GLY C 51 37.53 9.35 13.18
N THR C 52 36.37 9.96 13.46
CA THR C 52 35.56 10.73 12.51
C THR C 52 34.83 9.82 11.52
N SER C 53 35.21 8.55 11.44
CA SER C 53 34.59 7.71 10.40
C SER C 53 34.27 6.29 10.83
N ASN C 54 34.81 5.77 11.92
CA ASN C 54 34.70 4.35 12.24
C ASN C 54 33.59 4.14 13.27
N LEU C 55 32.61 3.33 12.92
CA LEU C 55 31.56 2.97 13.86
C LEU C 55 32.13 2.07 14.95
N ALA C 56 31.60 2.21 16.16
CA ALA C 56 32.02 1.37 17.27
C ALA C 56 31.26 0.04 17.22
N SER C 57 31.37 -0.74 18.28
CA SER C 57 30.78 -2.08 18.30
C SER C 57 29.29 -2.00 18.57
N GLY C 58 28.48 -2.51 17.65
CA GLY C 58 27.06 -2.58 17.81
C GLY C 58 26.28 -1.46 17.18
N ILE C 59 26.91 -0.35 16.87
CA ILE C 59 26.22 0.79 16.23
C ILE C 59 25.86 0.41 14.80
N PRO C 60 24.61 0.60 14.40
CA PRO C 60 24.17 0.14 13.08
C PRO C 60 24.76 0.98 11.95
N ALA C 61 24.50 0.53 10.73
CA ALA C 61 25.06 1.17 9.53
C ALA C 61 24.40 2.50 9.20
N ARG C 62 23.32 2.87 9.89
CA ARG C 62 22.67 4.15 9.62
C ARG C 62 23.62 5.30 9.90
N PHE C 63 24.45 5.18 10.94
CA PHE C 63 25.34 6.25 11.34
C PHE C 63 26.61 6.24 10.51
N SER C 64 27.07 7.42 10.15
CA SER C 64 28.32 7.58 9.43
C SER C 64 28.95 8.90 9.86
N GLY C 65 30.24 9.02 9.61
CA GLY C 65 30.96 10.24 9.91
C GLY C 65 31.86 10.63 8.76
N SER C 66 32.08 11.93 8.62
CA SER C 66 32.92 12.42 7.53
C SER C 66 33.38 13.83 7.86
N GLY C 67 34.67 14.08 7.72
CA GLY C 67 35.19 15.40 7.96
C GLY C 67 36.71 15.39 8.04
N SER C 68 37.25 16.60 8.11
CA SER C 68 38.69 16.77 8.21
C SER C 68 38.98 18.16 8.76
N GLY C 69 40.21 18.33 9.24
CA GLY C 69 40.68 19.63 9.68
C GLY C 69 39.81 20.24 10.75
N THR C 70 39.07 21.27 10.37
CA THR C 70 38.17 21.96 11.28
C THR C 70 36.77 21.37 11.31
N GLU C 71 36.26 20.90 10.18
CA GLU C 71 34.84 20.59 10.04
C GLU C 71 34.62 19.09 9.96
N PHE C 72 33.73 18.58 10.80
CA PHE C 72 33.35 17.18 10.79
C PHE C 72 31.83 17.08 10.90
N THR C 73 31.28 15.97 10.44
CA THR C 73 29.85 15.75 10.46
C THR C 73 29.53 14.31 10.82
N LEU C 74 28.48 14.15 11.62
CA LEU C 74 27.86 12.86 11.90
C LEU C 74 26.50 12.84 11.22
N THR C 75 26.26 11.81 10.42
CA THR C 75 25.06 11.74 9.58
C THR C 75 24.31 10.44 9.85
N ILE C 76 23.01 10.56 10.06
CA ILE C 76 22.10 9.42 10.14
C ILE C 76 21.22 9.45 8.91
N SER C 77 21.23 8.37 8.14
CA SER C 77 20.45 8.32 6.91
C SER C 77 18.96 8.24 7.20
N SER C 78 18.57 7.38 8.14
CA SER C 78 17.16 7.18 8.49
C SER C 78 17.06 7.18 10.01
N VAL C 79 16.66 8.31 10.57
CA VAL C 79 16.54 8.43 12.02
C VAL C 79 15.43 7.54 12.52
N GLN C 80 15.74 6.71 13.52
CA GLN C 80 14.75 5.84 14.16
C GLN C 80 14.42 6.37 15.54
N ALA C 81 13.42 5.75 16.16
CA ALA C 81 12.93 6.22 17.46
C ALA C 81 14.01 6.12 18.53
N GLU C 82 14.97 5.22 18.36
CA GLU C 82 16.03 5.03 19.34
C GLU C 82 17.23 5.95 19.11
N ASP C 83 17.19 6.79 18.09
CA ASP C 83 18.33 7.63 17.73
C ASP C 83 18.22 9.05 18.27
N PHE C 84 17.18 9.35 19.04
CA PHE C 84 16.97 10.70 19.59
C PHE C 84 17.68 10.78 20.93
N ALA C 85 18.76 11.56 20.99
CA ALA C 85 19.65 11.60 22.14
C ALA C 85 20.61 12.76 21.94
N VAL C 86 21.54 12.93 22.88
CA VAL C 86 22.52 14.00 22.82
C VAL C 86 23.82 13.44 22.28
N TYR C 87 24.34 14.03 21.21
CA TYR C 87 25.57 13.58 20.59
C TYR C 87 26.67 14.59 20.87
N TYR C 88 27.80 14.09 21.33
CA TYR C 88 28.96 14.91 21.67
C TYR C 88 30.13 14.54 20.77
N CYS C 89 30.77 15.55 20.20
CA CYS C 89 32.03 15.36 19.52
C CYS C 89 33.16 15.73 20.47
N GLN C 90 34.20 14.90 20.50
CA GLN C 90 35.31 15.06 21.42
C GLN C 90 36.62 14.92 20.68
N GLN C 91 37.54 15.83 20.95
CA GLN C 91 38.86 15.78 20.33
C GLN C 91 39.81 14.93 21.16
N TRP C 92 40.66 14.17 20.47
CA TRP C 92 41.72 13.39 21.10
C TRP C 92 43.09 13.89 20.68
N SER C 93 43.18 15.16 20.28
CA SER C 93 44.43 15.67 19.73
C SER C 93 45.43 16.04 20.82
N SER C 94 45.01 16.85 21.78
CA SER C 94 45.92 17.31 22.83
C SER C 94 45.15 17.54 24.11
N TYR C 95 45.87 17.52 25.22
CA TYR C 95 45.30 17.83 26.52
C TYR C 95 45.12 19.34 26.67
N PRO C 96 44.04 19.79 27.32
CA PRO C 96 42.96 19.00 27.92
C PRO C 96 41.96 18.48 26.89
N LEU C 97 41.40 17.31 27.15
CA LEU C 97 40.30 16.84 26.31
C LEU C 97 39.13 17.80 26.40
N THR C 98 38.53 18.10 25.27
CA THR C 98 37.37 18.98 25.22
C THR C 98 36.25 18.28 24.46
N PHE C 99 35.03 18.50 24.93
CA PHE C 99 33.83 17.94 24.31
C PHE C 99 33.00 19.07 23.74
N GLY C 100 32.20 18.73 22.73
CA GLY C 100 31.23 19.68 22.24
C GLY C 100 30.12 19.91 23.24
N GLN C 101 29.42 21.02 23.06
CA GLN C 101 28.31 21.34 23.96
C GLN C 101 27.18 20.31 23.85
N GLY C 102 27.18 19.51 22.78
CA GLY C 102 26.17 18.49 22.59
C GLY C 102 25.06 18.93 21.67
N THR C 103 24.65 18.05 20.77
CA THR C 103 23.50 18.30 19.90
C THR C 103 22.39 17.34 20.30
N LYS C 104 21.24 17.89 20.67
CA LYS C 104 20.09 17.09 21.10
C LYS C 104 19.23 16.76 19.89
N LEU C 105 19.50 15.62 19.28
CA LEU C 105 18.65 15.14 18.19
C LEU C 105 17.34 14.66 18.78
N GLU C 106 16.24 15.34 18.42
CA GLU C 106 14.96 15.17 19.08
C GLU C 106 13.83 15.14 18.05
N ILE C 107 12.70 14.55 18.45
CA ILE C 107 11.63 14.24 17.51
C ILE C 107 10.94 15.52 17.05
N LYS C 108 10.76 15.64 15.74
CA LYS C 108 10.04 16.76 15.15
C LYS C 108 8.59 16.34 14.89
N ARG C 109 7.67 17.27 15.10
CA ARG C 109 6.25 17.02 14.88
C ARG C 109 5.57 18.35 14.61
N THR C 110 4.26 18.30 14.42
CA THR C 110 3.49 19.50 14.11
C THR C 110 3.46 20.43 15.31
N VAL C 111 3.41 21.73 15.04
CA VAL C 111 3.39 22.72 16.10
C VAL C 111 2.08 22.65 16.86
N ALA C 112 2.17 22.55 18.18
CA ALA C 112 1.00 22.50 19.05
C ALA C 112 1.07 23.61 20.07
N ALA C 113 -0.02 24.36 20.21
CA ALA C 113 -0.08 25.45 21.18
C ALA C 113 -0.28 24.88 22.59
N PRO C 114 0.43 25.40 23.58
CA PRO C 114 0.24 24.92 24.94
C PRO C 114 -1.13 25.25 25.50
N SER C 115 -1.63 24.36 26.34
CA SER C 115 -2.77 24.65 27.20
C SER C 115 -2.24 25.30 28.47
N VAL C 116 -2.65 26.53 28.74
CA VAL C 116 -2.08 27.33 29.81
C VAL C 116 -3.06 27.36 30.97
N PHE C 117 -2.61 26.91 32.14
CA PHE C 117 -3.37 26.97 33.37
C PHE C 117 -2.59 27.74 34.41
N ILE C 118 -3.29 28.35 35.35
CA ILE C 118 -2.66 29.09 36.44
C ILE C 118 -3.25 28.60 37.77
N PHE C 119 -2.37 28.34 38.73
CA PHE C 119 -2.76 27.87 40.05
C PHE C 119 -2.26 28.86 41.10
N PRO C 120 -3.15 29.50 41.84
CA PRO C 120 -2.74 30.34 42.96
C PRO C 120 -2.23 29.48 44.10
N PRO C 121 -1.44 30.06 45.01
CA PRO C 121 -0.96 29.28 46.15
C PRO C 121 -2.11 28.82 47.04
N SER C 122 -1.96 27.62 47.59
CA SER C 122 -2.99 27.04 48.42
C SER C 122 -2.99 27.69 49.81
N ASP C 123 -4.05 27.38 50.57
CA ASP C 123 -4.13 27.90 51.92
C ASP C 123 -3.02 27.34 52.81
N GLU C 124 -2.68 26.05 52.63
CA GLU C 124 -1.62 25.46 53.43
C GLU C 124 -0.29 26.17 53.21
N GLN C 125 0.03 26.49 51.95
CA GLN C 125 1.25 27.24 51.67
C GLN C 125 1.19 28.63 52.28
N LEU C 126 0.03 29.28 52.22
CA LEU C 126 -0.11 30.61 52.80
C LEU C 126 0.08 30.62 54.31
N LYS C 127 -0.41 29.62 55.03
CA LYS C 127 -0.10 29.48 56.45
C LYS C 127 1.33 29.03 56.69
N SER C 128 1.98 28.39 55.72
CA SER C 128 3.38 28.03 55.89
C SER C 128 4.26 29.27 55.97
N GLY C 129 4.00 30.27 55.13
CA GLY C 129 4.76 31.50 55.17
C GLY C 129 5.25 31.98 53.82
N THR C 130 4.93 31.25 52.76
CA THR C 130 5.33 31.61 51.41
C THR C 130 4.13 31.44 50.47
N ALA C 131 4.33 31.76 49.20
CA ALA C 131 3.27 31.63 48.20
C ALA C 131 3.91 31.33 46.85
N SER C 132 3.50 30.23 46.24
CA SER C 132 4.04 29.81 44.95
C SER C 132 2.92 29.76 43.93
N VAL C 133 2.96 30.67 42.96
CA VAL C 133 1.98 30.72 41.89
C VAL C 133 2.54 29.91 40.72
N VAL C 134 1.76 28.96 40.22
CA VAL C 134 2.24 28.01 39.23
C VAL C 134 1.54 28.26 37.90
N CYS C 135 2.33 28.33 36.83
CA CYS C 135 1.82 28.45 35.47
C CYS C 135 2.21 27.18 34.71
N LEU C 136 1.21 26.49 34.17
CA LEU C 136 1.39 25.21 33.49
C LEU C 136 1.12 25.40 32.00
N LEU C 137 2.12 25.08 31.18
CA LEU C 137 2.02 25.08 29.73
C LEU C 137 2.08 23.61 29.32
N ASN C 138 0.91 23.02 29.08
CA ASN C 138 0.81 21.58 28.93
C ASN C 138 0.65 21.24 27.45
N ASN C 139 1.43 20.26 27.00
CA ASN C 139 1.36 19.70 25.64
C ASN C 139 1.58 20.79 24.58
N PHE C 140 2.82 21.26 24.51
CA PHE C 140 3.22 22.21 23.47
C PHE C 140 4.44 21.71 22.72
N TYR C 141 4.57 22.19 21.49
CA TYR C 141 5.72 21.95 20.63
C TYR C 141 5.82 23.11 19.67
N PRO C 142 7.03 23.62 19.37
CA PRO C 142 8.34 23.19 19.83
C PRO C 142 8.65 23.56 21.29
N ARG C 143 9.82 23.13 21.77
CA ARG C 143 10.19 23.36 23.16
C ARG C 143 10.30 24.84 23.48
N GLU C 144 10.60 25.68 22.49
CA GLU C 144 10.79 27.10 22.76
C GLU C 144 9.46 27.75 23.12
N ALA C 145 9.25 27.98 24.41
CA ALA C 145 8.09 28.70 24.92
C ALA C 145 8.59 29.71 25.93
N LYS C 146 7.96 30.89 25.92
CA LYS C 146 8.50 32.03 26.65
C LYS C 146 7.40 32.59 27.56
N VAL C 147 7.73 32.78 28.84
CA VAL C 147 6.75 33.06 29.88
C VAL C 147 7.18 34.29 30.67
N GLN C 148 6.23 35.20 30.89
CA GLN C 148 6.40 36.30 31.84
C GLN C 148 5.35 36.20 32.93
N TRP C 149 5.69 36.77 34.09
CA TRP C 149 4.77 36.93 35.21
C TRP C 149 4.45 38.40 35.38
N LYS C 150 3.16 38.72 35.48
CA LYS C 150 2.70 40.08 35.71
C LYS C 150 2.06 40.15 37.10
N VAL C 151 2.51 41.11 37.89
CA VAL C 151 1.95 41.35 39.22
C VAL C 151 1.32 42.74 39.19
N ASP C 152 0.00 42.80 39.34
CA ASP C 152 -0.76 44.05 39.22
C ASP C 152 -0.44 44.74 37.89
N ASN C 153 -0.38 43.95 36.84
CA ASN C 153 -0.05 44.37 35.47
C ASN C 153 1.31 45.03 35.44
N ALA C 154 2.25 44.57 36.27
CA ALA C 154 3.63 45.05 36.25
C ALA C 154 4.56 43.86 36.07
N LEU C 155 5.54 44.01 35.17
CA LEU C 155 6.46 42.92 34.90
C LEU C 155 7.29 42.59 36.12
N GLN C 156 7.45 41.30 36.39
CA GLN C 156 8.27 40.80 37.49
C GLN C 156 9.21 39.73 36.96
N SER C 157 10.45 39.76 37.45
CA SER C 157 11.48 38.87 36.96
C SER C 157 12.51 38.63 38.04
N GLY C 158 13.33 37.59 37.84
CA GLY C 158 14.39 37.25 38.76
C GLY C 158 13.98 36.39 39.94
N ASN C 159 12.71 36.02 40.04
CA ASN C 159 12.25 35.21 41.16
C ASN C 159 11.29 34.11 40.72
N SER C 160 11.36 33.72 39.45
CA SER C 160 10.51 32.66 38.91
C SER C 160 11.40 31.57 38.33
N GLN C 161 11.10 30.33 38.68
CA GLN C 161 11.89 29.17 38.26
C GLN C 161 11.00 28.23 37.46
N GLU C 162 11.46 27.84 36.28
CA GLU C 162 10.67 26.98 35.41
C GLU C 162 11.39 25.67 35.14
N SER C 163 10.60 24.61 34.98
CA SER C 163 11.12 23.29 34.66
C SER C 163 10.26 22.66 33.57
N VAL C 164 10.92 21.97 32.65
CA VAL C 164 10.27 21.39 31.47
C VAL C 164 10.48 19.89 31.48
N THR C 165 9.40 19.14 31.25
CA THR C 165 9.51 17.70 31.14
C THR C 165 10.28 17.32 29.89
N GLU C 166 10.83 16.11 29.90
CA GLU C 166 11.44 15.55 28.70
C GLU C 166 10.36 15.33 27.65
N GLN C 167 10.77 15.31 26.39
CA GLN C 167 9.83 15.18 25.29
C GLN C 167 9.00 13.91 25.46
N ASP C 168 7.68 14.05 25.29
CA ASP C 168 6.76 12.97 25.60
C ASP C 168 6.98 11.79 24.65
N SER C 169 6.73 10.59 25.17
CA SER C 169 6.97 9.38 24.39
C SER C 169 5.89 9.18 23.33
N LYS C 170 4.63 9.44 23.67
CA LYS C 170 3.53 9.06 22.79
C LYS C 170 3.13 10.17 21.81
N ASP C 171 3.21 11.44 22.20
CA ASP C 171 2.85 12.53 21.30
C ASP C 171 3.96 13.53 21.09
N SER C 172 5.15 13.31 21.68
CA SER C 172 6.34 14.12 21.41
C SER C 172 6.12 15.60 21.71
N THR C 173 5.34 15.90 22.74
CA THR C 173 5.12 17.28 23.16
C THR C 173 5.82 17.53 24.50
N TYR C 174 6.00 18.80 24.82
CA TYR C 174 6.64 19.23 26.05
C TYR C 174 5.60 19.74 27.03
N SER C 175 6.02 19.87 28.28
CA SER C 175 5.20 20.50 29.32
C SER C 175 6.12 21.32 30.21
N LEU C 176 5.69 22.54 30.51
CA LEU C 176 6.49 23.50 31.25
C LEU C 176 5.73 23.93 32.50
N SER C 177 6.45 24.10 33.60
CA SER C 177 5.86 24.63 34.83
C SER C 177 6.75 25.74 35.34
N SER C 178 6.19 26.95 35.44
CA SER C 178 6.89 28.11 35.96
C SER C 178 6.30 28.45 37.32
N THR C 179 7.15 28.44 38.34
CA THR C 179 6.74 28.75 39.71
C THR C 179 7.29 30.11 40.10
N LEU C 180 6.40 31.02 40.47
CA LEU C 180 6.76 32.32 41.00
C LEU C 180 6.63 32.27 42.52
N THR C 181 7.75 32.44 43.22
CA THR C 181 7.80 32.29 44.67
C THR C 181 7.89 33.67 45.30
N LEU C 182 6.97 33.96 46.22
CA LEU C 182 6.93 35.23 46.93
C LEU C 182 6.70 34.96 48.41
N SER C 183 6.99 35.98 49.21
CA SER C 183 6.65 35.92 50.62
C SER C 183 5.15 36.20 50.80
N LYS C 184 4.71 36.13 52.05
CA LYS C 184 3.31 36.47 52.34
C LYS C 184 3.02 37.93 52.01
N ALA C 185 3.85 38.84 52.54
CA ALA C 185 3.62 40.27 52.32
C ALA C 185 3.52 40.58 50.84
N ASP C 186 4.47 40.07 50.04
CA ASP C 186 4.42 40.30 48.61
C ASP C 186 3.15 39.74 47.99
N TYR C 187 2.63 38.65 48.54
CA TYR C 187 1.45 38.03 47.94
C TYR C 187 0.19 38.85 48.22
N GLU C 188 0.01 39.32 49.46
CA GLU C 188 -1.18 40.10 49.77
C GLU C 188 -1.00 41.61 49.61
N LYS C 189 0.07 42.08 48.97
CA LYS C 189 0.10 43.47 48.54
C LYS C 189 -0.51 43.70 47.18
N HIS C 190 -0.96 42.63 46.49
CA HIS C 190 -1.47 42.75 45.14
C HIS C 190 -2.75 41.95 45.00
N LYS C 191 -3.51 42.26 43.94
CA LYS C 191 -4.80 41.63 43.70
C LYS C 191 -4.83 40.71 42.49
N VAL C 192 -4.22 41.10 41.37
CA VAL C 192 -4.27 40.32 40.15
C VAL C 192 -2.88 39.77 39.85
N TYR C 193 -2.79 38.47 39.59
CA TYR C 193 -1.55 37.84 39.18
C TYR C 193 -1.77 37.15 37.84
N ALA C 194 -0.88 37.39 36.89
CA ALA C 194 -1.07 36.96 35.52
C ALA C 194 0.16 36.22 35.02
N CYS C 195 -0.07 35.24 34.15
CA CYS C 195 0.97 34.53 33.44
C CYS C 195 0.74 34.77 31.95
N GLU C 196 1.75 35.34 31.28
CA GLU C 196 1.67 35.63 29.85
C GLU C 196 2.61 34.71 29.10
N VAL C 197 2.08 34.01 28.11
CA VAL C 197 2.80 32.99 27.37
C VAL C 197 2.88 33.39 25.91
N THR C 198 4.09 33.40 25.36
CA THR C 198 4.34 33.57 23.93
C THR C 198 4.94 32.29 23.40
N HIS C 199 4.39 31.79 22.30
CA HIS C 199 4.82 30.53 21.72
C HIS C 199 4.56 30.58 20.22
N GLN C 200 5.22 29.69 19.49
CA GLN C 200 5.06 29.64 18.04
C GLN C 200 3.62 29.30 17.66
N GLY C 201 3.00 28.38 18.39
CA GLY C 201 1.65 27.96 18.10
C GLY C 201 0.56 28.92 18.49
N LEU C 202 0.90 30.07 19.05
CA LEU C 202 -0.08 31.08 19.45
C LEU C 202 -0.04 32.23 18.47
N SER C 203 -1.21 32.60 17.94
CA SER C 203 -1.31 33.80 17.13
C SER C 203 -0.98 35.04 17.95
N SER C 204 -1.46 35.09 19.19
CA SER C 204 -1.15 36.14 20.13
C SER C 204 -0.79 35.53 21.48
N PRO C 205 0.04 36.20 22.28
CA PRO C 205 0.35 35.69 23.61
C PRO C 205 -0.92 35.53 24.44
N VAL C 206 -1.00 34.46 25.21
CA VAL C 206 -2.17 34.16 26.03
C VAL C 206 -1.86 34.56 27.46
N THR C 207 -2.80 35.27 28.09
CA THR C 207 -2.65 35.73 29.46
C THR C 207 -3.69 35.05 30.33
N LYS C 208 -3.25 34.32 31.34
CA LYS C 208 -4.13 33.69 32.32
C LYS C 208 -3.95 34.42 33.64
N SER C 209 -5.03 34.98 34.16
CA SER C 209 -4.98 35.85 35.33
C SER C 209 -5.91 35.31 36.41
N PHE C 210 -5.53 35.55 37.66
CA PHE C 210 -6.40 35.25 38.79
C PHE C 210 -6.37 36.39 39.79
N ASN C 211 -7.45 36.48 40.56
CA ASN C 211 -7.62 37.47 41.62
C ASN C 211 -7.73 36.76 42.95
N ARG C 212 -7.10 37.33 43.98
CA ARG C 212 -7.14 36.73 45.30
C ARG C 212 -8.55 36.84 45.89
N GLY C 213 -8.98 35.77 46.57
CA GLY C 213 -10.26 35.78 47.25
C GLY C 213 -11.24 34.74 46.75
N GLU C 214 -11.24 34.51 45.44
CA GLU C 214 -12.19 33.56 44.85
C GLU C 214 -11.86 32.14 45.27
N CYS C 215 -12.90 31.31 45.34
CA CYS C 215 -12.75 29.91 45.72
C CYS C 215 -12.53 29.04 44.49
N TYR D 1 68.68 6.71 14.01
CA TYR D 1 67.95 7.82 13.42
C TYR D 1 67.10 8.53 14.48
N ASP D 2 67.16 9.87 14.46
CA ASP D 2 66.37 10.67 15.36
C ASP D 2 65.01 10.98 14.75
N PHE D 3 63.95 10.70 15.51
CA PHE D 3 62.58 10.90 15.03
C PHE D 3 61.98 12.22 15.48
N THR D 4 62.83 13.23 15.73
CA THR D 4 62.33 14.50 16.25
C THR D 4 61.50 15.25 15.20
N ASN D 5 61.89 15.15 13.94
CA ASN D 5 61.27 15.95 12.88
C ASN D 5 60.18 15.20 12.12
N CYS D 6 59.74 14.05 12.61
CA CYS D 6 58.70 13.29 11.93
C CYS D 6 57.35 13.99 12.04
N ASP D 7 56.41 13.54 11.20
CA ASP D 7 55.03 13.99 11.27
C ASP D 7 54.27 12.99 12.11
N PHE D 8 54.14 13.28 13.41
CA PHE D 8 53.63 12.30 14.35
C PHE D 8 52.13 12.06 14.17
N GLU D 9 51.38 13.06 13.74
CA GLU D 9 49.94 12.90 13.60
C GLU D 9 49.59 11.93 12.48
N LYS D 10 50.30 12.03 11.35
CA LYS D 10 50.01 11.12 10.24
C LYS D 10 50.42 9.70 10.58
N ILE D 11 51.55 9.54 11.28
CA ILE D 11 51.96 8.20 11.72
C ILE D 11 50.95 7.62 12.69
N LYS D 12 50.45 8.46 13.61
CA LYS D 12 49.44 8.01 14.55
C LYS D 12 48.15 7.59 13.84
N ALA D 13 47.74 8.36 12.85
CA ALA D 13 46.55 8.00 12.07
C ALA D 13 46.77 6.69 11.33
N ALA D 14 47.96 6.51 10.74
CA ALA D 14 48.27 5.28 10.04
C ALA D 14 48.24 4.08 10.98
N TYR D 15 48.75 4.24 12.19
CA TYR D 15 48.69 3.14 13.16
C TYR D 15 47.25 2.85 13.56
N LEU D 16 46.52 3.89 13.96
CA LEU D 16 45.15 3.68 14.44
C LEU D 16 44.23 3.11 13.37
N SER D 17 44.51 3.39 12.10
CA SER D 17 43.68 2.90 11.01
C SER D 17 44.15 1.56 10.48
N THR D 18 45.46 1.40 10.29
CA THR D 18 45.98 0.23 9.58
C THR D 18 46.93 -0.61 10.41
N ILE D 19 47.97 -0.02 10.99
CA ILE D 19 49.03 -0.80 11.62
C ILE D 19 48.51 -1.54 12.84
N SER D 20 47.60 -0.91 13.60
CA SER D 20 47.09 -1.55 14.81
C SER D 20 46.35 -2.84 14.48
N LYS D 21 45.59 -2.83 13.37
CA LYS D 21 44.82 -4.02 13.02
C LYS D 21 45.72 -5.21 12.75
N ASP D 22 46.77 -5.00 11.95
CA ASP D 22 47.73 -6.07 11.68
C ASP D 22 48.47 -6.46 12.94
N LEU D 23 48.76 -5.50 13.81
CA LEU D 23 49.46 -5.80 15.06
C LEU D 23 48.64 -6.72 15.94
N ILE D 24 47.33 -6.49 16.03
CA ILE D 24 46.48 -7.38 16.80
C ILE D 24 46.33 -8.73 16.10
N THR D 25 46.12 -8.73 14.79
CA THR D 25 45.96 -10.01 14.09
C THR D 25 47.22 -10.86 14.14
N TYR D 26 48.39 -10.24 14.40
CA TYR D 26 49.59 -11.05 14.58
C TYR D 26 49.53 -11.85 15.86
N MET D 27 48.83 -11.35 16.89
CA MET D 27 48.61 -12.13 18.10
C MET D 27 47.77 -13.37 17.84
N SER D 28 46.92 -13.35 16.82
CA SER D 28 46.03 -14.45 16.49
C SER D 28 45.18 -14.86 17.68
N VAL D 39 58.03 -1.97 29.35
CA VAL D 39 58.83 -0.81 28.96
C VAL D 39 57.92 0.37 28.66
N SER D 40 58.52 1.55 28.52
CA SER D 40 57.77 2.76 28.24
C SER D 40 58.69 3.75 27.53
N CYS D 41 58.13 4.92 27.19
CA CYS D 41 58.87 5.96 26.50
C CYS D 41 58.41 7.31 27.02
N SER D 42 59.26 8.32 26.83
CA SER D 42 59.02 9.63 27.41
C SER D 42 58.18 10.53 26.52
N ASN D 43 58.56 10.67 25.25
CA ASN D 43 57.86 11.55 24.32
C ASN D 43 57.78 10.85 22.96
N ARG D 44 57.15 11.54 22.01
CA ARG D 44 56.92 10.94 20.69
C ARG D 44 58.20 10.51 19.98
N PRO D 45 59.26 11.33 19.89
CA PRO D 45 60.50 10.82 19.27
C PRO D 45 61.09 9.61 19.99
N HIS D 46 61.10 9.64 21.33
CA HIS D 46 61.61 8.50 22.08
C HIS D 46 60.74 7.27 21.84
N CYS D 47 59.42 7.45 21.80
CA CYS D 47 58.55 6.33 21.51
C CYS D 47 58.86 5.74 20.14
N LEU D 48 58.92 6.58 19.11
CA LEU D 48 59.20 6.08 17.76
C LEU D 48 60.54 5.39 17.69
N THR D 49 61.53 5.88 18.44
CA THR D 49 62.79 5.17 18.55
C THR D 49 62.57 3.77 19.12
N GLU D 50 61.73 3.67 20.15
CA GLU D 50 61.45 2.37 20.75
C GLU D 50 60.73 1.44 19.79
N ILE D 51 59.74 1.92 19.05
CA ILE D 51 59.09 1.09 18.05
C ILE D 51 60.07 0.64 16.98
N GLN D 52 60.91 1.55 16.49
CA GLN D 52 61.90 1.16 15.49
C GLN D 52 62.79 0.05 16.02
N SER D 53 63.35 0.24 17.21
CA SER D 53 64.28 -0.75 17.77
C SER D 53 63.57 -2.07 18.06
N LEU D 54 62.34 -2.02 18.58
CA LEU D 54 61.66 -3.23 19.01
C LEU D 54 60.99 -3.97 17.87
N THR D 55 60.83 -3.32 16.71
CA THR D 55 60.23 -3.96 15.55
C THR D 55 61.26 -4.44 14.54
N PHE D 56 62.22 -3.59 14.18
CA PHE D 56 63.12 -3.92 13.07
C PHE D 56 64.48 -4.43 13.52
N ASN D 57 64.87 -4.22 14.78
CA ASN D 57 66.11 -4.77 15.28
C ASN D 57 65.85 -6.14 15.89
N PRO D 58 66.51 -7.19 15.45
CA PRO D 58 66.26 -8.53 16.01
C PRO D 58 66.58 -8.59 17.49
N THR D 59 65.78 -9.34 18.23
CA THR D 59 65.98 -9.57 19.65
C THR D 59 66.39 -11.02 19.89
N ALA D 60 66.50 -11.39 21.16
CA ALA D 60 66.88 -12.75 21.53
C ALA D 60 65.76 -13.71 21.18
N GLY D 61 65.94 -14.46 20.09
CA GLY D 61 64.96 -15.44 19.68
C GLY D 61 63.96 -14.93 18.65
N CYS D 62 63.16 -13.94 19.04
CA CYS D 62 62.10 -13.43 18.17
C CYS D 62 62.69 -12.40 17.20
N ALA D 63 63.49 -12.91 16.26
CA ALA D 63 64.17 -12.06 15.29
C ALA D 63 63.38 -11.86 14.01
N SER D 64 62.44 -12.76 13.70
CA SER D 64 61.69 -12.71 12.45
C SER D 64 60.54 -11.71 12.48
N LEU D 65 60.54 -10.78 13.42
CA LEU D 65 59.45 -9.81 13.52
C LEU D 65 59.58 -8.67 12.52
N ALA D 66 60.75 -8.51 11.91
CA ALA D 66 60.97 -7.38 11.02
C ALA D 66 60.26 -7.55 9.68
N LYS D 67 59.96 -8.79 9.29
CA LYS D 67 59.30 -9.07 8.03
C LYS D 67 57.80 -9.26 8.16
N GLU D 68 57.25 -9.09 9.35
CA GLU D 68 55.81 -9.22 9.53
C GLU D 68 55.10 -8.06 8.85
N MET D 69 53.81 -8.26 8.57
CA MET D 69 53.07 -7.27 7.80
C MET D 69 52.92 -5.95 8.55
N PHE D 70 52.68 -5.99 9.85
CA PHE D 70 52.65 -4.75 10.62
C PHE D 70 54.01 -4.07 10.62
N ALA D 71 55.09 -4.85 10.57
CA ALA D 71 56.42 -4.25 10.45
C ALA D 71 56.58 -3.57 9.10
N MET D 72 56.06 -4.17 8.04
CA MET D 72 56.05 -3.51 6.73
C MET D 72 55.26 -2.21 6.78
N LYS D 73 54.11 -2.22 7.45
CA LYS D 73 53.32 -1.00 7.61
C LYS D 73 54.08 0.07 8.38
N THR D 74 54.74 -0.32 9.47
CA THR D 74 55.50 0.63 10.24
C THR D 74 56.64 1.22 9.43
N LYS D 75 57.34 0.39 8.67
CA LYS D 75 58.40 0.88 7.80
C LYS D 75 57.87 1.84 6.76
N ALA D 76 56.71 1.51 6.16
CA ALA D 76 56.13 2.38 5.15
C ALA D 76 55.76 3.74 5.75
N ALA D 77 55.07 3.73 6.89
CA ALA D 77 54.67 4.99 7.52
C ALA D 77 55.88 5.81 7.92
N LEU D 78 56.89 5.17 8.51
CA LEU D 78 58.08 5.89 8.93
C LEU D 78 58.83 6.46 7.73
N ALA D 79 58.93 5.70 6.64
CA ALA D 79 59.59 6.21 5.45
C ALA D 79 58.86 7.41 4.87
N ILE D 80 57.53 7.34 4.82
CA ILE D 80 56.76 8.44 4.25
C ILE D 80 56.86 9.69 5.12
N TRP D 81 56.74 9.54 6.43
CA TRP D 81 56.53 10.68 7.32
C TRP D 81 57.69 10.96 8.26
N CYS D 82 58.87 10.40 8.03
CA CYS D 82 60.06 10.78 8.77
C CYS D 82 61.15 11.20 7.79
N PRO D 83 61.54 12.47 7.76
CA PRO D 83 62.56 12.91 6.80
C PRO D 83 63.89 12.21 7.04
N GLY D 84 64.46 11.65 5.98
CA GLY D 84 65.73 10.97 6.05
C GLY D 84 65.68 9.57 6.58
N TYR D 85 64.49 9.04 6.89
CA TYR D 85 64.40 7.69 7.44
C TYR D 85 64.85 6.65 6.43
N SER D 86 64.48 6.82 5.16
CA SER D 86 64.85 5.87 4.12
C SER D 86 66.10 6.31 3.37
N ASN D 107 54.73 -16.49 23.80
CA ASN D 107 56.13 -16.68 24.13
C ASN D 107 56.90 -15.36 24.10
N LYS D 108 58.17 -15.42 23.69
CA LYS D 108 58.96 -14.20 23.57
C LYS D 108 58.38 -13.26 22.53
N CYS D 109 57.91 -13.81 21.40
CA CYS D 109 57.32 -12.97 20.37
C CYS D 109 56.07 -12.27 20.87
N LEU D 110 55.23 -12.97 21.62
CA LEU D 110 54.03 -12.36 22.17
C LEU D 110 54.38 -11.26 23.17
N GLU D 111 55.39 -11.48 24.00
CA GLU D 111 55.84 -10.44 24.93
C GLU D 111 56.34 -9.22 24.17
N GLN D 112 57.13 -9.45 23.12
CA GLN D 112 57.65 -8.35 22.33
C GLN D 112 56.53 -7.56 21.66
N VAL D 113 55.53 -8.24 21.13
CA VAL D 113 54.43 -7.53 20.47
C VAL D 113 53.55 -6.82 21.50
N SER D 114 53.41 -7.37 22.71
CA SER D 114 52.68 -6.67 23.76
C SER D 114 53.40 -5.39 24.16
N GLN D 115 54.72 -5.45 24.28
CA GLN D 115 55.50 -4.24 24.56
C GLN D 115 55.38 -3.23 23.43
N LEU D 116 55.36 -3.72 22.18
CA LEU D 116 55.20 -2.84 21.04
C LEU D 116 53.83 -2.17 21.06
N GLN D 117 52.78 -2.92 21.42
CA GLN D 117 51.45 -2.33 21.56
C GLN D 117 51.45 -1.27 22.64
N GLY D 118 52.13 -1.52 23.75
CA GLY D 118 52.20 -0.50 24.80
C GLY D 118 52.90 0.76 24.33
N LEU D 119 54.01 0.60 23.61
CA LEU D 119 54.73 1.76 23.09
C LEU D 119 53.88 2.54 22.09
N TRP D 120 53.15 1.83 21.22
CA TRP D 120 52.28 2.50 20.27
C TRP D 120 51.15 3.23 20.99
N ARG D 121 50.59 2.61 22.03
CA ARG D 121 49.52 3.23 22.79
C ARG D 121 50.00 4.49 23.49
N ARG D 122 51.22 4.47 24.02
CA ARG D 122 51.76 5.67 24.63
C ARG D 122 52.15 6.72 23.59
N PHE D 123 52.48 6.28 22.38
CA PHE D 123 52.75 7.23 21.30
C PHE D 123 51.48 7.99 20.93
N ASN D 124 50.34 7.30 20.88
CA ASN D 124 49.07 7.91 20.51
C ASN D 124 48.52 8.83 21.58
N ARG D 125 49.15 8.91 22.75
CA ARG D 125 48.64 9.74 23.82
C ARG D 125 48.62 11.21 23.38
N PRO D 126 47.54 11.94 23.68
CA PRO D 126 47.50 13.35 23.30
C PRO D 126 48.59 14.17 23.97
N LEU D 127 48.99 15.24 23.29
CA LEU D 127 50.03 16.11 23.80
C LEU D 127 49.57 16.84 25.06
N GLN E 1 35.86 -8.57 30.56
CA GLN E 1 35.67 -7.40 29.72
C GLN E 1 35.97 -6.13 30.50
N VAL E 2 36.35 -5.06 29.80
CA VAL E 2 36.69 -3.80 30.44
C VAL E 2 35.46 -3.24 31.15
N THR E 3 35.60 -2.98 32.45
CA THR E 3 34.55 -2.36 33.24
C THR E 3 35.17 -1.33 34.17
N LEU E 4 34.49 -0.20 34.32
CA LEU E 4 34.90 0.84 35.27
C LEU E 4 33.70 1.17 36.14
N LYS E 5 33.89 1.10 37.46
CA LYS E 5 32.80 1.31 38.42
C LYS E 5 33.27 2.29 39.47
N GLU E 6 32.67 3.48 39.51
CA GLU E 6 32.97 4.43 40.55
C GLU E 6 32.27 4.02 41.84
N SER E 7 32.57 4.75 42.92
CA SER E 7 31.90 4.51 44.18
C SER E 7 30.44 4.97 44.10
N GLY E 8 29.71 4.79 45.19
CA GLY E 8 28.32 5.15 45.22
C GLY E 8 28.10 6.65 45.18
N PRO E 9 26.87 7.08 44.92
CA PRO E 9 26.58 8.52 44.92
C PRO E 9 26.75 9.08 46.32
N VAL E 10 27.29 10.30 46.39
CA VAL E 10 27.69 10.86 47.68
C VAL E 10 27.12 12.28 47.83
N LEU E 11 26.96 12.67 49.09
CA LEU E 11 26.62 14.04 49.47
C LEU E 11 27.83 14.63 50.17
N VAL E 12 28.32 15.75 49.65
CA VAL E 12 29.51 16.42 50.16
C VAL E 12 29.12 17.82 50.62
N LYS E 13 29.44 18.13 51.86
CA LYS E 13 29.17 19.46 52.36
C LYS E 13 30.07 20.47 51.64
N PRO E 14 29.63 21.72 51.53
CA PRO E 14 30.47 22.72 50.87
C PRO E 14 31.79 22.91 51.58
N THR E 15 32.84 23.18 50.80
CA THR E 15 34.21 23.37 51.27
C THR E 15 34.79 22.11 51.92
N GLU E 16 34.19 20.95 51.66
CA GLU E 16 34.73 19.68 52.11
C GLU E 16 35.55 19.05 50.99
N THR E 17 35.94 17.79 51.18
CA THR E 17 36.77 17.08 50.23
C THR E 17 36.01 15.91 49.64
N LEU E 18 35.96 15.85 48.31
CA LEU E 18 35.42 14.70 47.58
C LEU E 18 36.52 13.68 47.36
N THR E 19 36.23 12.42 47.69
CA THR E 19 37.09 11.30 47.38
C THR E 19 36.25 10.24 46.67
N LEU E 20 36.54 10.02 45.39
CA LEU E 20 35.86 9.02 44.59
C LEU E 20 36.84 7.92 44.20
N THR E 21 36.42 6.68 44.33
CA THR E 21 37.23 5.53 43.96
C THR E 21 36.60 4.83 42.78
N CYS E 22 37.37 4.64 41.72
CA CYS E 22 36.95 3.94 40.52
C CYS E 22 37.71 2.63 40.44
N THR E 23 37.00 1.52 40.56
CA THR E 23 37.58 0.18 40.42
C THR E 23 37.38 -0.29 38.99
N VAL E 24 38.46 -0.76 38.37
CA VAL E 24 38.43 -1.16 36.97
C VAL E 24 38.79 -2.64 36.88
N SER E 25 38.25 -3.31 35.88
CA SER E 25 38.52 -4.71 35.64
C SER E 25 38.64 -4.94 34.14
N GLY E 26 39.35 -6.01 33.78
CA GLY E 26 39.59 -6.33 32.39
C GLY E 26 40.85 -5.73 31.80
N PHE E 27 41.58 -4.92 32.55
CA PHE E 27 42.82 -4.33 32.06
C PHE E 27 43.65 -3.90 33.27
N SER E 28 44.92 -3.63 33.00
CA SER E 28 45.85 -3.18 34.03
C SER E 28 45.99 -1.66 34.00
N LEU E 29 46.22 -1.08 35.18
CA LEU E 29 46.42 0.35 35.26
C LEU E 29 47.76 0.78 34.69
N SER E 30 48.70 -0.14 34.59
CA SER E 30 50.04 0.18 34.11
C SER E 30 50.12 0.29 32.59
N SER E 31 49.08 -0.13 31.87
CA SER E 31 49.07 -0.07 30.42
C SER E 31 48.10 0.95 29.85
N TYR E 32 47.08 1.34 30.61
CA TYR E 32 46.08 2.29 30.14
C TYR E 32 46.02 3.47 31.10
N ASP E 33 45.70 4.63 30.55
CA ASP E 33 45.57 5.86 31.31
C ASP E 33 44.12 6.23 31.53
N ILE E 34 43.79 6.60 32.76
CA ILE E 34 42.41 6.75 33.21
C ILE E 34 42.10 8.23 33.37
N SER E 35 41.03 8.67 32.73
CA SER E 35 40.59 10.06 32.79
C SER E 35 39.33 10.17 33.64
N TRP E 36 39.12 11.35 34.20
CA TRP E 36 37.96 11.66 35.00
C TRP E 36 37.24 12.83 34.34
N ILE E 37 35.95 12.65 34.08
CA ILE E 37 35.11 13.62 33.39
C ILE E 37 33.85 13.85 34.22
N ARG E 38 33.52 15.09 34.49
CA ARG E 38 32.32 15.43 35.23
C ARG E 38 31.32 16.12 34.30
N GLN E 39 30.05 15.81 34.50
CA GLN E 39 28.97 16.42 33.74
C GLN E 39 27.98 17.05 34.70
N PRO E 40 27.88 18.38 34.75
CA PRO E 40 26.86 19.00 35.60
C PRO E 40 25.48 18.67 35.07
N PRO E 41 24.46 18.65 35.95
CA PRO E 41 23.11 18.29 35.50
C PRO E 41 22.61 19.24 34.42
N GLY E 42 22.37 18.68 33.24
CA GLY E 42 21.88 19.46 32.13
C GLY E 42 22.94 20.23 31.36
N LYS E 43 24.22 19.97 31.61
CA LYS E 43 25.30 20.66 30.94
C LYS E 43 26.18 19.65 30.22
N ALA E 44 27.18 20.18 29.50
CA ALA E 44 28.07 19.35 28.71
C ALA E 44 29.12 18.68 29.61
N LEU E 45 29.79 17.69 29.04
CA LEU E 45 30.82 16.97 29.77
C LEU E 45 32.05 17.85 29.96
N GLU E 46 32.57 17.86 31.18
CA GLU E 46 33.78 18.60 31.50
C GLU E 46 34.88 17.62 31.88
N TRP E 47 36.01 17.71 31.19
CA TRP E 47 37.14 16.81 31.43
C TRP E 47 37.88 17.31 32.66
N LEU E 48 37.77 16.57 33.77
CA LEU E 48 38.49 16.96 34.98
C LEU E 48 39.98 16.72 34.82
N GLY E 49 40.37 15.47 34.55
CA GLY E 49 41.80 15.23 34.38
C GLY E 49 42.21 13.77 34.27
N VAL E 50 43.43 13.53 33.82
CA VAL E 50 43.87 12.18 33.49
C VAL E 50 45.06 11.81 34.38
N ILE E 51 45.16 10.52 34.69
CA ILE E 51 46.37 9.94 35.25
C ILE E 51 46.88 8.90 34.26
N TRP E 52 48.18 8.94 33.98
CA TRP E 52 48.76 8.17 32.90
C TRP E 52 49.26 6.82 33.38
N SER E 53 49.49 5.92 32.42
CA SER E 53 49.87 4.56 32.75
C SER E 53 51.22 4.48 33.47
N GLU E 54 52.17 5.33 33.09
CA GLU E 54 53.48 5.33 33.74
C GLU E 54 53.47 6.02 35.10
N GLY E 55 52.42 6.74 35.43
CA GLY E 55 52.30 7.40 36.72
C GLY E 55 52.09 8.89 36.67
N GLY E 56 52.31 9.54 35.53
CA GLY E 56 52.10 10.97 35.44
C GLY E 56 50.64 11.35 35.50
N THR E 57 50.39 12.64 35.70
CA THR E 57 49.02 13.12 35.83
C THR E 57 48.92 14.52 35.25
N SER E 58 47.75 14.81 34.67
CA SER E 58 47.44 16.12 34.13
C SER E 58 46.04 16.51 34.57
N TYR E 59 45.85 17.81 34.83
CA TYR E 59 44.58 18.30 35.34
C TYR E 59 44.11 19.47 34.49
N SER E 60 42.81 19.73 34.55
CA SER E 60 42.26 20.90 33.89
C SER E 60 42.84 22.18 34.48
N THR E 61 43.05 23.17 33.63
CA THR E 61 43.72 24.40 34.06
C THR E 61 42.92 25.12 35.13
N SER E 62 41.60 25.17 34.97
CA SER E 62 40.76 25.86 35.95
C SER E 62 40.79 25.16 37.30
N LEU E 63 40.79 23.83 37.30
CA LEU E 63 40.69 23.04 38.52
C LEU E 63 42.00 22.34 38.86
N LYS E 64 43.13 22.89 38.41
CA LYS E 64 44.42 22.27 38.67
C LYS E 64 44.74 22.26 40.16
N SER E 65 44.43 23.34 40.86
CA SER E 65 44.81 23.47 42.27
C SER E 65 43.99 22.59 43.19
N ARG E 66 42.83 22.10 42.75
CA ARG E 66 41.96 21.30 43.60
C ARG E 66 42.02 19.81 43.32
N LEU E 67 42.29 19.42 42.08
CA LEU E 67 42.30 18.02 41.70
C LEU E 67 43.54 17.30 42.20
N THR E 68 43.37 16.01 42.52
CA THR E 68 44.48 15.13 42.80
C THR E 68 44.03 13.71 42.44
N ILE E 69 44.63 13.15 41.40
CA ILE E 69 44.30 11.80 40.94
C ILE E 69 45.44 10.88 41.31
N SER E 70 45.15 9.88 42.13
CA SER E 70 46.11 8.88 42.53
C SER E 70 45.68 7.52 41.99
N LYS E 71 46.62 6.59 41.93
CA LYS E 71 46.38 5.30 41.30
C LYS E 71 47.04 4.20 42.12
N ASP E 72 46.32 3.09 42.29
CA ASP E 72 46.86 1.91 42.93
C ASP E 72 46.61 0.74 41.98
N THR E 73 47.67 0.27 41.33
CA THR E 73 47.53 -0.82 40.37
C THR E 73 47.30 -2.15 41.08
N SER E 74 47.81 -2.30 42.30
CA SER E 74 47.60 -3.55 43.03
C SER E 74 46.13 -3.78 43.32
N LYS E 75 45.41 -2.75 43.74
CA LYS E 75 43.98 -2.83 43.99
C LYS E 75 43.14 -2.45 42.79
N SER E 76 43.78 -2.03 41.70
CA SER E 76 43.08 -1.60 40.48
C SER E 76 42.10 -0.47 40.78
N GLN E 77 42.57 0.57 41.45
CA GLN E 77 41.72 1.67 41.87
C GLN E 77 42.32 3.00 41.45
N VAL E 78 41.45 3.92 41.03
CA VAL E 78 41.83 5.29 40.72
C VAL E 78 41.04 6.20 41.65
N VAL E 79 41.75 7.05 42.39
CA VAL E 79 41.15 7.88 43.42
C VAL E 79 41.23 9.34 42.98
N LEU E 80 40.07 9.98 42.87
CA LEU E 80 39.97 11.41 42.63
C LEU E 80 39.70 12.11 43.94
N THR E 81 40.52 13.11 44.27
CA THR E 81 40.33 13.95 45.44
C THR E 81 40.18 15.39 44.97
N MET E 82 39.07 16.01 45.32
CA MET E 82 38.79 17.39 44.97
C MET E 82 38.50 18.16 46.25
N THR E 83 39.23 19.25 46.47
CA THR E 83 39.12 20.01 47.71
C THR E 83 38.33 21.29 47.49
N ASN E 84 37.83 21.83 48.61
CA ASN E 84 37.11 23.11 48.64
C ASN E 84 35.93 23.09 47.67
N MET E 85 34.97 22.21 47.96
CA MET E 85 33.83 22.04 47.08
C MET E 85 32.85 23.20 47.19
N ASP E 86 32.17 23.46 46.08
CA ASP E 86 31.18 24.51 45.88
C ASP E 86 29.92 23.84 45.37
N PRO E 87 28.74 24.25 45.86
CA PRO E 87 27.48 23.70 45.34
C PRO E 87 27.37 23.68 43.82
N VAL E 88 28.24 24.40 43.12
CA VAL E 88 28.30 24.30 41.66
C VAL E 88 29.02 23.05 41.19
N ASP E 89 29.61 22.29 42.10
CA ASP E 89 30.36 21.08 41.74
C ASP E 89 29.51 19.82 41.76
N THR E 90 28.21 19.93 42.06
CA THR E 90 27.35 18.75 42.01
C THR E 90 27.18 18.33 40.56
N ALA E 91 27.40 17.04 40.29
CA ALA E 91 27.47 16.57 38.92
C ALA E 91 27.56 15.06 38.92
N THR E 92 27.54 14.48 37.72
CA THR E 92 27.78 13.06 37.54
C THR E 92 29.24 12.87 37.11
N TYR E 93 29.99 12.10 37.87
CA TYR E 93 31.42 11.91 37.66
C TYR E 93 31.65 10.53 37.05
N TYR E 94 32.41 10.50 35.96
CA TYR E 94 32.74 9.26 35.25
C TYR E 94 34.25 9.08 35.24
N CYS E 95 34.68 7.84 35.44
CA CYS E 95 36.03 7.42 35.15
C CYS E 95 36.02 6.66 33.83
N ALA E 96 36.92 7.02 32.93
CA ALA E 96 36.91 6.51 31.58
C ALA E 96 38.33 6.07 31.20
N ARG E 97 38.45 4.87 30.68
CA ARG E 97 39.76 4.35 30.25
C ARG E 97 39.98 4.73 28.80
N ASP E 98 40.89 5.68 28.56
CA ASP E 98 41.24 6.07 27.20
C ASP E 98 41.75 4.84 26.47
N SER E 99 40.99 4.36 25.49
CA SER E 99 41.20 3.04 24.94
C SER E 99 42.30 3.05 23.89
N ASP E 100 42.45 1.91 23.21
CA ASP E 100 43.42 1.80 22.13
C ASP E 100 43.06 2.71 20.97
N ASP E 101 41.78 2.80 20.64
CA ASP E 101 41.32 3.65 19.56
C ASP E 101 41.15 5.11 19.98
N GLY E 102 41.34 5.42 21.25
CA GLY E 102 41.24 6.77 21.75
C GLY E 102 39.93 7.10 22.43
N TYR E 103 38.92 6.25 22.30
CA TYR E 103 37.63 6.54 22.86
C TYR E 103 37.66 6.38 24.38
N LEU E 104 36.91 7.24 25.07
CA LEU E 104 37.01 7.31 26.52
C LEU E 104 36.61 5.99 27.19
N ASN E 105 35.67 5.24 26.61
CA ASN E 105 35.27 3.95 27.17
C ASN E 105 34.77 4.14 28.61
N TRP E 106 33.65 4.86 28.70
CA TRP E 106 33.19 5.44 29.95
C TRP E 106 32.82 4.38 30.98
N GLY E 107 32.76 4.82 32.24
CA GLY E 107 32.24 4.02 33.32
C GLY E 107 30.77 4.27 33.57
N GLN E 108 30.30 3.81 34.72
CA GLN E 108 28.88 3.93 35.04
C GLN E 108 28.49 5.36 35.41
N GLY E 109 29.32 6.05 36.19
CA GLY E 109 29.01 7.40 36.62
C GLY E 109 28.36 7.44 37.98
N THR E 110 28.84 8.32 38.85
CA THR E 110 28.33 8.45 40.20
C THR E 110 27.83 9.87 40.43
N LEU E 111 26.71 10.00 41.11
CA LEU E 111 26.12 11.32 41.36
C LEU E 111 26.72 11.91 42.63
N VAL E 112 27.20 13.15 42.53
CA VAL E 112 27.76 13.88 43.66
C VAL E 112 26.92 15.11 43.87
N THR E 113 26.36 15.26 45.06
CA THR E 113 25.58 16.43 45.42
C THR E 113 26.34 17.24 46.46
N VAL E 114 26.74 18.45 46.10
CA VAL E 114 27.46 19.34 47.00
C VAL E 114 26.42 20.29 47.59
N SER E 115 25.95 19.98 48.80
CA SER E 115 24.94 20.79 49.45
C SER E 115 25.06 20.64 50.96
N SER E 116 24.80 21.73 51.67
CA SER E 116 24.81 21.74 53.12
C SER E 116 23.44 21.46 53.73
N ALA E 117 22.41 21.31 52.91
CA ALA E 117 21.06 21.10 53.42
C ALA E 117 20.90 19.68 53.94
N SER E 118 20.42 19.55 55.17
CA SER E 118 20.19 18.25 55.76
C SER E 118 18.91 17.63 55.20
N THR E 119 18.72 16.35 55.48
CA THR E 119 17.55 15.63 54.99
C THR E 119 16.28 16.28 55.53
N LYS E 120 15.33 16.55 54.65
CA LYS E 120 14.08 17.21 55.03
C LYS E 120 12.93 16.58 54.26
N GLY E 121 11.82 16.37 54.96
CA GLY E 121 10.63 15.82 54.34
C GLY E 121 9.95 16.83 53.44
N PRO E 122 9.23 16.33 52.45
CA PRO E 122 8.56 17.23 51.50
C PRO E 122 7.26 17.79 52.05
N SER E 123 6.91 18.97 51.55
CA SER E 123 5.63 19.61 51.85
C SER E 123 4.80 19.63 50.58
N VAL E 124 3.58 19.09 50.66
CA VAL E 124 2.71 18.93 49.52
C VAL E 124 1.59 19.95 49.61
N PHE E 125 1.40 20.72 48.54
CA PHE E 125 0.36 21.73 48.49
C PHE E 125 -0.50 21.50 47.26
N PRO E 126 -1.83 21.42 47.39
CA PRO E 126 -2.67 21.08 46.23
C PRO E 126 -2.88 22.27 45.32
N LEU E 127 -2.44 22.14 44.07
CA LEU E 127 -2.78 23.10 43.02
C LEU E 127 -4.15 22.71 42.48
N ALA E 128 -5.18 23.42 42.95
CA ALA E 128 -6.57 23.11 42.67
C ALA E 128 -6.99 23.70 41.32
N PRO E 129 -7.86 23.01 40.59
CA PRO E 129 -8.36 23.56 39.33
C PRO E 129 -9.39 24.65 39.55
N SER E 130 -9.64 25.41 38.49
CA SER E 130 -10.62 26.49 38.55
C SER E 130 -11.93 26.08 37.88
N GLY E 137 -12.25 21.83 27.14
CA GLY E 137 -13.24 21.37 28.11
C GLY E 137 -12.64 20.60 29.27
N THR E 138 -11.31 20.46 29.27
CA THR E 138 -10.59 19.74 30.30
C THR E 138 -9.96 20.72 31.28
N ALA E 139 -9.75 20.26 32.51
CA ALA E 139 -9.16 21.07 33.56
C ALA E 139 -7.96 20.34 34.12
N ALA E 140 -6.91 21.09 34.42
CA ALA E 140 -5.69 20.54 34.98
C ALA E 140 -5.61 20.83 36.47
N LEU E 141 -5.25 19.82 37.25
CA LEU E 141 -5.02 19.96 38.67
C LEU E 141 -3.67 19.35 38.98
N GLY E 142 -3.25 19.42 40.25
CA GLY E 142 -2.01 18.77 40.61
C GLY E 142 -1.63 19.07 42.04
N CYS E 143 -0.38 18.74 42.36
CA CYS E 143 0.16 19.10 43.66
C CYS E 143 1.63 19.46 43.54
N LEU E 144 2.03 20.45 44.33
CA LEU E 144 3.38 20.99 44.36
C LEU E 144 4.11 20.41 45.56
N VAL E 145 5.21 19.71 45.30
CA VAL E 145 6.08 19.18 46.34
C VAL E 145 7.22 20.16 46.51
N LYS E 146 7.44 20.63 47.74
CA LYS E 146 8.39 21.69 47.99
C LYS E 146 9.22 21.40 49.23
N ASP E 147 10.47 21.89 49.21
CA ASP E 147 11.32 21.93 50.39
C ASP E 147 11.61 20.52 50.91
N TYR E 148 12.22 19.72 50.06
CA TYR E 148 12.65 18.38 50.42
C TYR E 148 14.10 18.18 50.00
N PHE E 149 14.78 17.28 50.72
CA PHE E 149 16.16 16.96 50.42
C PHE E 149 16.46 15.60 51.02
N PRO E 150 17.16 14.71 50.29
CA PRO E 150 17.61 14.96 48.92
C PRO E 150 16.66 14.41 47.86
N GLU E 151 16.95 14.74 46.62
CA GLU E 151 16.25 14.18 45.48
C GLU E 151 16.50 12.67 45.44
N PRO E 152 15.52 11.87 44.98
CA PRO E 152 14.21 12.17 44.38
C PRO E 152 13.00 11.93 45.27
N VAL E 153 11.84 12.28 44.72
CA VAL E 153 10.54 12.01 45.32
C VAL E 153 9.67 11.30 44.29
N THR E 154 9.03 10.21 44.71
CA THR E 154 8.13 9.48 43.83
C THR E 154 6.72 10.02 44.01
N VAL E 155 6.15 10.54 42.93
CA VAL E 155 4.80 11.09 42.95
C VAL E 155 3.91 10.21 42.07
N SER E 156 2.80 9.76 42.64
CA SER E 156 1.83 8.96 41.90
C SER E 156 0.45 9.55 42.12
N TRP E 157 -0.50 9.14 41.32
CA TRP E 157 -1.87 9.62 41.42
C TRP E 157 -2.85 8.47 41.60
N ASN E 158 -3.71 8.61 42.60
CA ASN E 158 -4.70 7.60 42.95
C ASN E 158 -4.05 6.23 43.15
N SER E 159 -2.91 6.23 43.85
CA SER E 159 -2.14 5.02 44.12
C SER E 159 -1.77 4.30 42.82
N GLY E 160 -1.40 5.08 41.80
CA GLY E 160 -0.99 4.53 40.54
C GLY E 160 -2.13 4.28 39.56
N ALA E 161 -3.37 4.53 39.96
CA ALA E 161 -4.50 4.29 39.05
C ALA E 161 -4.52 5.32 37.93
N LEU E 162 -4.29 6.59 38.26
CA LEU E 162 -4.35 7.67 37.28
C LEU E 162 -2.96 7.88 36.70
N THR E 163 -2.82 7.59 35.41
CA THR E 163 -1.54 7.68 34.72
C THR E 163 -1.58 8.56 33.48
N SER E 164 -2.67 8.52 32.71
CA SER E 164 -2.76 9.32 31.49
C SER E 164 -2.81 10.81 31.86
N GLY E 165 -2.02 11.62 31.16
CA GLY E 165 -1.99 13.04 31.40
C GLY E 165 -1.18 13.48 32.59
N VAL E 166 -0.48 12.57 33.25
CA VAL E 166 0.31 12.91 34.44
C VAL E 166 1.70 13.35 34.00
N HIS E 167 2.07 14.58 34.37
CA HIS E 167 3.39 15.12 34.11
C HIS E 167 4.04 15.47 35.44
N THR E 168 5.17 14.85 35.73
CA THR E 168 5.96 15.14 36.92
C THR E 168 7.24 15.82 36.47
N PHE E 169 7.31 17.13 36.67
CA PHE E 169 8.42 17.91 36.17
C PHE E 169 9.69 17.60 36.97
N PRO E 170 10.86 17.76 36.35
CA PRO E 170 12.11 17.53 37.09
C PRO E 170 12.24 18.49 38.26
N ALA E 171 12.87 18.00 39.32
CA ALA E 171 13.09 18.82 40.51
C ALA E 171 14.07 19.95 40.20
N VAL E 172 13.80 21.11 40.78
CA VAL E 172 14.66 22.28 40.63
C VAL E 172 15.19 22.66 42.00
N LEU E 173 16.50 22.90 42.08
CA LEU E 173 17.15 23.26 43.33
C LEU E 173 16.93 24.75 43.58
N GLN E 174 16.17 25.08 44.62
CA GLN E 174 15.85 26.47 44.91
C GLN E 174 17.02 27.15 45.61
N SER E 175 16.84 28.44 45.90
CA SER E 175 17.89 29.23 46.54
C SER E 175 18.21 28.76 47.94
N SER E 176 17.31 28.03 48.59
CA SER E 176 17.53 27.53 49.94
C SER E 176 18.24 26.18 49.96
N GLY E 177 18.62 25.64 48.81
CA GLY E 177 19.26 24.35 48.75
C GLY E 177 18.33 23.16 48.75
N LEU E 178 17.02 23.38 48.86
CA LEU E 178 16.04 22.31 48.84
C LEU E 178 15.40 22.23 47.46
N TYR E 179 14.76 21.09 47.20
CA TYR E 179 14.20 20.84 45.88
C TYR E 179 12.69 21.03 45.88
N SER E 180 12.14 21.25 44.70
CA SER E 180 10.69 21.40 44.55
C SER E 180 10.31 21.02 43.13
N LEU E 181 9.22 20.27 43.00
CA LEU E 181 8.67 19.90 41.71
C LEU E 181 7.15 20.03 41.78
N SER E 182 6.50 19.79 40.66
CA SER E 182 5.05 19.78 40.59
C SER E 182 4.61 18.58 39.77
N SER E 183 3.53 17.94 40.19
CA SER E 183 2.90 16.88 39.42
C SER E 183 1.51 17.36 39.02
N VAL E 184 1.24 17.38 37.72
CA VAL E 184 -0.01 17.91 37.19
C VAL E 184 -0.66 16.87 36.30
N VAL E 185 -1.97 16.69 36.47
CA VAL E 185 -2.76 15.78 35.65
C VAL E 185 -3.93 16.56 35.08
N THR E 186 -4.26 16.28 33.81
CA THR E 186 -5.39 16.88 33.14
C THR E 186 -6.54 15.89 33.11
N VAL E 187 -7.73 16.34 33.51
CA VAL E 187 -8.90 15.48 33.58
C VAL E 187 -10.10 16.21 33.03
N PRO E 188 -11.08 15.46 32.52
CA PRO E 188 -12.32 16.10 32.06
C PRO E 188 -13.01 16.85 33.18
N SER E 189 -13.60 18.01 32.84
CA SER E 189 -14.22 18.86 33.84
C SER E 189 -15.39 18.17 34.53
N SER E 190 -16.07 17.25 33.85
CA SER E 190 -17.20 16.55 34.48
C SER E 190 -16.73 15.61 35.59
N SER E 191 -15.49 15.14 35.53
CA SER E 191 -14.99 14.17 36.49
C SER E 191 -14.55 14.80 37.80
N LEU E 192 -14.50 16.13 37.89
CA LEU E 192 -14.05 16.76 39.12
C LEU E 192 -14.98 16.48 40.29
N GLY E 193 -16.29 16.54 40.06
CA GLY E 193 -17.25 16.31 41.12
C GLY E 193 -17.27 14.90 41.67
N THR E 194 -17.31 13.91 40.79
CA THR E 194 -17.45 12.53 41.24
C THR E 194 -16.11 11.95 41.68
N GLN E 195 -15.16 11.87 40.75
CA GLN E 195 -13.86 11.28 41.05
C GLN E 195 -13.10 12.13 42.05
N THR E 196 -12.45 11.47 43.00
CA THR E 196 -11.61 12.12 43.99
C THR E 196 -10.15 11.93 43.58
N TYR E 197 -9.42 13.03 43.46
CA TYR E 197 -8.04 13.00 43.01
C TYR E 197 -7.13 13.19 44.22
N ILE E 198 -6.29 12.20 44.48
CA ILE E 198 -5.29 12.26 45.55
C ILE E 198 -3.94 11.94 44.94
N CYS E 199 -2.93 12.71 45.30
CA CYS E 199 -1.57 12.45 44.86
C CYS E 199 -0.76 11.94 46.04
N ASN E 200 -0.03 10.86 45.82
CA ASN E 200 0.81 10.22 46.83
C ASN E 200 2.25 10.64 46.58
N VAL E 201 2.87 11.23 47.60
CA VAL E 201 4.22 11.77 47.54
C VAL E 201 5.08 10.96 48.50
N ASP E 202 6.10 10.29 47.98
CA ASP E 202 6.89 9.36 48.76
C ASP E 202 8.35 9.79 48.70
N HIS E 203 8.97 9.90 49.87
CA HIS E 203 10.37 10.34 50.01
C HIS E 203 11.07 9.34 50.92
N LYS E 204 11.86 8.45 50.31
CA LYS E 204 12.59 7.44 51.09
C LYS E 204 13.59 8.04 52.07
N PRO E 205 14.48 8.97 51.68
CA PRO E 205 15.47 9.46 52.66
C PRO E 205 14.87 10.06 53.90
N SER E 206 13.76 10.78 53.78
CA SER E 206 13.02 11.28 54.93
C SER E 206 11.92 10.34 55.37
N ASN E 207 11.68 9.26 54.62
CA ASN E 207 10.68 8.25 54.96
C ASN E 207 9.31 8.90 55.19
N THR E 208 8.94 9.80 54.27
CA THR E 208 7.70 10.57 54.39
C THR E 208 6.78 10.20 53.23
N LYS E 209 5.58 9.74 53.56
CA LYS E 209 4.58 9.38 52.56
C LYS E 209 3.32 10.19 52.84
N VAL E 210 3.02 11.14 51.97
CA VAL E 210 1.92 12.08 52.17
C VAL E 210 0.90 11.87 51.06
N ASP E 211 -0.35 11.66 51.43
CA ASP E 211 -1.46 11.59 50.49
C ASP E 211 -2.23 12.90 50.56
N LYS E 212 -2.19 13.67 49.49
CA LYS E 212 -2.86 14.97 49.45
C LYS E 212 -4.04 14.92 48.49
N THR E 213 -5.21 15.31 48.98
CA THR E 213 -6.43 15.31 48.19
C THR E 213 -6.61 16.69 47.55
N VAL E 214 -6.65 16.74 46.22
CA VAL E 214 -6.80 17.98 45.49
C VAL E 214 -8.29 18.19 45.22
N GLU E 215 -8.83 19.30 45.71
CA GLU E 215 -10.23 19.63 45.55
C GLU E 215 -10.34 21.06 45.04
N PRO E 216 -11.36 21.37 44.22
CA PRO E 216 -11.57 22.71 43.66
C PRO E 216 -11.66 23.80 44.73
N GLN F 1 -53.06 11.77 -2.09
CA GLN F 1 -52.60 11.53 -0.74
C GLN F 1 -53.54 10.57 -0.01
N VAL F 2 -52.97 9.69 0.80
CA VAL F 2 -53.73 8.69 1.56
C VAL F 2 -53.59 9.02 3.04
N GLN F 3 -54.72 9.13 3.73
CA GLN F 3 -54.73 9.48 5.13
C GLN F 3 -55.52 8.44 5.91
N LEU F 4 -54.94 7.96 7.02
CA LEU F 4 -55.63 7.08 7.96
C LEU F 4 -55.61 7.79 9.31
N VAL F 5 -56.70 8.47 9.65
CA VAL F 5 -56.79 9.23 10.89
C VAL F 5 -57.54 8.39 11.91
N GLN F 6 -56.95 8.24 13.09
CA GLN F 6 -57.52 7.36 14.09
C GLN F 6 -58.13 8.17 15.22
N SER F 7 -58.81 7.46 16.13
CA SER F 7 -59.47 8.09 17.24
C SER F 7 -58.45 8.58 18.26
N GLY F 8 -58.94 9.16 19.36
CA GLY F 8 -58.08 9.65 20.40
C GLY F 8 -57.58 8.56 21.31
N ALA F 9 -56.73 8.96 22.25
CA ALA F 9 -56.20 8.02 23.24
C ALA F 9 -57.32 7.54 24.16
N GLU F 10 -57.21 6.28 24.57
CA GLU F 10 -58.22 5.64 25.40
C GLU F 10 -57.59 5.17 26.70
N VAL F 11 -58.32 5.37 27.80
CA VAL F 11 -57.97 4.82 29.10
C VAL F 11 -59.11 3.92 29.53
N LYS F 12 -58.82 2.63 29.69
CA LYS F 12 -59.83 1.63 29.98
C LYS F 12 -59.45 0.83 31.22
N LYS F 13 -60.46 0.38 31.95
CA LYS F 13 -60.23 -0.50 33.09
C LYS F 13 -60.02 -1.93 32.62
N PRO F 14 -59.31 -2.74 33.40
CA PRO F 14 -59.16 -4.16 33.04
C PRO F 14 -60.52 -4.84 32.97
N GLY F 15 -60.67 -5.74 32.00
CA GLY F 15 -61.92 -6.41 31.77
C GLY F 15 -62.92 -5.67 30.91
N ALA F 16 -62.61 -4.43 30.51
CA ALA F 16 -63.49 -3.65 29.68
C ALA F 16 -63.18 -3.93 28.20
N SER F 17 -63.80 -3.16 27.31
CA SER F 17 -63.58 -3.30 25.87
C SER F 17 -63.36 -1.93 25.26
N VAL F 18 -62.53 -1.89 24.21
CA VAL F 18 -62.17 -0.66 23.55
C VAL F 18 -62.48 -0.79 22.06
N LYS F 19 -62.96 0.28 21.45
CA LYS F 19 -63.22 0.33 20.02
C LYS F 19 -62.35 1.41 19.41
N VAL F 20 -61.31 1.00 18.68
CA VAL F 20 -60.41 1.91 18.01
C VAL F 20 -60.89 2.11 16.58
N SER F 21 -61.07 3.36 16.19
CA SER F 21 -61.53 3.70 14.85
C SER F 21 -60.35 4.13 13.98
N CYS F 22 -60.54 4.00 12.68
CA CYS F 22 -59.52 4.40 11.71
C CYS F 22 -60.24 4.81 10.43
N LYS F 23 -60.34 6.11 10.20
CA LYS F 23 -61.01 6.63 9.01
C LYS F 23 -60.00 6.81 7.89
N ALA F 24 -60.28 6.22 6.74
CA ALA F 24 -59.42 6.28 5.58
C ALA F 24 -59.96 7.27 4.57
N SER F 25 -59.06 8.05 3.97
CA SER F 25 -59.46 9.07 3.02
C SER F 25 -58.38 9.23 1.96
N GLY F 26 -58.79 9.71 0.79
CA GLY F 26 -57.89 9.97 -0.30
C GLY F 26 -57.70 8.86 -1.30
N TYR F 27 -58.49 7.79 -1.21
CA TYR F 27 -58.36 6.67 -2.13
C TYR F 27 -59.63 5.82 -2.03
N ALA F 28 -59.69 4.76 -2.84
CA ALA F 28 -60.83 3.85 -2.86
C ALA F 28 -60.79 2.96 -1.63
N PHE F 29 -61.71 3.20 -0.69
CA PHE F 29 -61.65 2.54 0.61
C PHE F 29 -61.80 1.03 0.49
N SER F 30 -62.75 0.57 -0.33
CA SER F 30 -63.14 -0.84 -0.32
C SER F 30 -62.10 -1.76 -0.94
N ASN F 31 -61.07 -1.23 -1.58
CA ASN F 31 -60.15 -2.04 -2.37
C ASN F 31 -58.93 -2.53 -1.60
N TYR F 32 -58.72 -2.08 -0.37
CA TYR F 32 -57.49 -2.38 0.35
C TYR F 32 -57.81 -2.88 1.76
N TRP F 33 -57.11 -3.92 2.17
CA TRP F 33 -57.20 -4.46 3.52
C TRP F 33 -56.62 -3.48 4.53
N MET F 34 -57.25 -3.42 5.70
CA MET F 34 -56.69 -2.78 6.88
C MET F 34 -56.14 -3.85 7.80
N ASN F 35 -54.83 -3.84 8.02
CA ASN F 35 -54.28 -4.59 9.12
C ASN F 35 -54.27 -3.73 10.38
N TRP F 36 -54.47 -4.37 11.51
CA TRP F 36 -54.32 -3.73 12.80
C TRP F 36 -53.14 -4.39 13.50
N VAL F 37 -52.20 -3.56 13.94
CA VAL F 37 -51.03 -4.00 14.68
C VAL F 37 -50.95 -3.16 15.95
N ARG F 38 -50.18 -3.65 16.91
CA ARG F 38 -50.01 -2.90 18.15
C ARG F 38 -48.54 -2.94 18.56
N GLN F 39 -48.11 -1.86 19.20
CA GLN F 39 -46.76 -1.72 19.70
C GLN F 39 -46.83 -1.45 21.20
N ALA F 40 -46.38 -2.41 22.00
CA ALA F 40 -46.33 -2.22 23.43
C ALA F 40 -45.24 -1.20 23.77
N PRO F 41 -45.40 -0.45 24.87
CA PRO F 41 -44.39 0.54 25.24
C PRO F 41 -43.04 -0.12 25.46
N GLY F 42 -42.08 0.22 24.61
CA GLY F 42 -40.74 -0.33 24.68
C GLY F 42 -40.58 -1.68 24.00
N GLN F 43 -41.58 -2.17 23.30
CA GLN F 43 -41.51 -3.45 22.61
C GLN F 43 -41.78 -3.24 21.12
N GLY F 44 -41.61 -4.33 20.36
CA GLY F 44 -41.79 -4.29 18.92
C GLY F 44 -43.24 -4.42 18.51
N LEU F 45 -43.44 -4.40 17.19
CA LEU F 45 -44.77 -4.44 16.61
C LEU F 45 -45.38 -5.83 16.73
N GLU F 46 -46.70 -5.87 16.95
CA GLU F 46 -47.44 -7.12 17.11
C GLU F 46 -48.67 -7.06 16.21
N TRP F 47 -48.70 -7.92 15.20
CA TRP F 47 -49.84 -7.95 14.29
C TRP F 47 -51.07 -8.48 15.00
N MET F 48 -52.14 -7.69 15.02
CA MET F 48 -53.40 -8.10 15.63
C MET F 48 -54.33 -8.80 14.65
N GLY F 49 -54.47 -8.27 13.44
CA GLY F 49 -55.33 -8.92 12.47
C GLY F 49 -55.45 -8.08 11.21
N GLN F 50 -56.44 -8.44 10.39
CA GLN F 50 -56.71 -7.74 9.15
C GLN F 50 -58.17 -7.91 8.76
N ILE F 51 -58.68 -6.93 8.02
CA ILE F 51 -60.05 -6.93 7.53
C ILE F 51 -60.07 -6.40 6.11
N PHE F 52 -60.91 -7.00 5.26
CA PHE F 52 -61.14 -6.51 3.91
C PHE F 52 -62.40 -5.66 3.91
N PRO F 53 -62.31 -4.36 3.67
CA PRO F 53 -63.53 -3.52 3.66
C PRO F 53 -64.54 -3.91 2.60
N GLY F 54 -64.10 -4.48 1.47
CA GLY F 54 -65.00 -4.86 0.40
C GLY F 54 -66.12 -5.74 0.88
N ASP F 55 -65.79 -6.95 1.30
CA ASP F 55 -66.69 -7.79 2.09
C ASP F 55 -65.99 -8.09 3.41
N SER F 56 -66.73 -8.01 4.51
CA SER F 56 -66.10 -8.00 5.83
C SER F 56 -65.53 -9.38 6.10
N ASP F 57 -64.35 -9.64 5.53
CA ASP F 57 -63.62 -10.89 5.70
C ASP F 57 -62.40 -10.60 6.56
N THR F 58 -62.39 -11.14 7.77
CA THR F 58 -61.40 -10.81 8.78
C THR F 58 -60.53 -12.02 9.09
N ASP F 59 -59.24 -11.78 9.24
CA ASP F 59 -58.29 -12.79 9.70
C ASP F 59 -57.58 -12.25 10.94
N TYR F 60 -57.76 -12.93 12.06
CA TYR F 60 -57.21 -12.49 13.33
C TYR F 60 -56.02 -13.34 13.73
N ASP F 61 -55.14 -12.75 14.53
CA ASP F 61 -54.03 -13.50 15.11
C ASP F 61 -54.57 -14.55 16.08
N GLN F 62 -53.83 -15.65 16.20
CA GLN F 62 -54.29 -16.75 17.03
C GLN F 62 -54.43 -16.37 18.50
N LYS F 63 -53.51 -15.57 19.03
CA LYS F 63 -53.59 -15.14 20.41
C LYS F 63 -54.74 -14.16 20.67
N PHE F 64 -55.12 -13.37 19.67
CA PHE F 64 -56.29 -12.51 19.81
C PHE F 64 -57.52 -13.19 19.22
N GLN F 65 -57.84 -14.39 19.71
CA GLN F 65 -58.97 -15.15 19.18
C GLN F 65 -60.14 -15.01 20.14
N GLY F 66 -61.25 -14.46 19.64
CA GLY F 66 -62.39 -14.17 20.46
C GLY F 66 -62.33 -12.86 21.20
N ARG F 67 -61.17 -12.20 21.21
CA ARG F 67 -61.00 -10.92 21.87
C ARG F 67 -61.05 -9.74 20.91
N VAL F 68 -60.64 -9.93 19.67
CA VAL F 68 -60.63 -8.85 18.69
C VAL F 68 -61.71 -9.13 17.64
N THR F 69 -62.41 -8.06 17.26
CA THR F 69 -63.46 -8.14 16.24
C THR F 69 -63.33 -6.91 15.36
N MET F 70 -63.18 -7.11 14.06
CA MET F 70 -62.97 -6.01 13.14
C MET F 70 -64.19 -5.82 12.27
N THR F 71 -64.65 -4.58 12.16
CA THR F 71 -65.80 -4.22 11.36
C THR F 71 -65.43 -3.03 10.48
N ARG F 72 -66.23 -2.79 9.44
CA ARG F 72 -66.02 -1.65 8.58
C ARG F 72 -67.34 -0.95 8.30
N ASP F 73 -67.24 0.34 7.99
CA ASP F 73 -68.37 1.18 7.65
C ASP F 73 -67.96 1.89 6.37
N THR F 74 -68.47 1.41 5.23
CA THR F 74 -68.10 1.98 3.94
C THR F 74 -68.76 3.33 3.71
N SER F 75 -69.84 3.64 4.42
CA SER F 75 -70.48 4.95 4.27
C SER F 75 -69.54 6.06 4.72
N THR F 76 -68.83 5.85 5.83
CA THR F 76 -67.88 6.82 6.34
C THR F 76 -66.44 6.43 6.09
N SER F 77 -66.19 5.33 5.39
CA SER F 77 -64.84 4.84 5.11
C SER F 77 -64.05 4.66 6.40
N THR F 78 -64.65 3.99 7.37
CA THR F 78 -64.06 3.82 8.70
C THR F 78 -63.89 2.34 8.99
N VAL F 79 -62.84 2.00 9.71
CA VAL F 79 -62.59 0.63 10.17
C VAL F 79 -62.52 0.62 11.69
N TYR F 80 -63.28 -0.26 12.31
CA TYR F 80 -63.35 -0.35 13.76
C TYR F 80 -62.72 -1.66 14.23
N MET F 81 -61.92 -1.57 15.28
CA MET F 81 -61.32 -2.74 15.92
C MET F 81 -61.79 -2.77 17.37
N GLU F 82 -62.48 -3.85 17.74
CA GLU F 82 -63.08 -4.02 19.05
C GLU F 82 -62.24 -5.04 19.81
N LEU F 83 -61.50 -4.57 20.81
CA LEU F 83 -60.70 -5.44 21.67
C LEU F 83 -61.41 -5.54 23.01
N SER F 84 -61.97 -6.71 23.30
CA SER F 84 -62.74 -6.95 24.51
C SER F 84 -61.89 -7.72 25.51
N SER F 85 -62.40 -7.83 26.74
CA SER F 85 -61.71 -8.50 27.83
C SER F 85 -60.30 -7.92 28.01
N LEU F 86 -60.22 -6.60 28.02
CA LEU F 86 -58.93 -5.93 28.13
C LEU F 86 -58.25 -6.29 29.45
N ARG F 87 -56.93 -6.40 29.39
CA ARG F 87 -56.13 -6.73 30.56
C ARG F 87 -54.86 -5.89 30.53
N SER F 88 -53.97 -6.16 31.49
CA SER F 88 -52.87 -5.24 31.77
C SER F 88 -51.95 -5.05 30.58
N GLU F 89 -51.65 -6.10 29.83
CA GLU F 89 -50.67 -5.97 28.76
C GLU F 89 -51.28 -5.59 27.42
N ASP F 90 -52.55 -5.20 27.39
CA ASP F 90 -53.15 -4.62 26.19
C ASP F 90 -52.83 -3.13 26.05
N THR F 91 -52.18 -2.54 27.04
CA THR F 91 -51.74 -1.16 26.94
C THR F 91 -50.68 -1.04 25.86
N ALA F 92 -51.00 -0.33 24.78
CA ALA F 92 -50.09 -0.23 23.65
C ALA F 92 -50.60 0.86 22.71
N VAL F 93 -49.80 1.14 21.68
CA VAL F 93 -50.20 2.04 20.61
C VAL F 93 -50.69 1.19 19.45
N TYR F 94 -51.93 1.39 19.04
CA TYR F 94 -52.55 0.58 18.01
C TYR F 94 -52.55 1.34 16.69
N TYR F 95 -52.03 0.70 15.66
CA TYR F 95 -51.92 1.27 14.32
C TYR F 95 -52.82 0.51 13.37
N CYS F 96 -53.54 1.25 12.54
CA CYS F 96 -54.20 0.72 11.36
C CYS F 96 -53.32 0.99 10.17
N ALA F 97 -53.06 -0.05 9.39
CA ALA F 97 -52.15 0.02 8.26
C ALA F 97 -52.86 -0.48 7.02
N ARG F 98 -53.03 0.39 6.04
CA ARG F 98 -53.49 -0.03 4.73
C ARG F 98 -52.34 -0.75 4.03
N ALA F 99 -52.65 -1.94 3.50
CA ALA F 99 -51.67 -2.77 2.81
C ALA F 99 -52.03 -2.81 1.33
N GLY F 100 -51.07 -2.47 0.49
CA GLY F 100 -51.28 -2.45 -0.94
C GLY F 100 -50.00 -2.79 -1.67
N TYR F 101 -50.08 -2.78 -3.00
CA TYR F 101 -48.95 -3.13 -3.84
C TYR F 101 -48.14 -1.90 -4.20
N TYR F 102 -46.82 -2.02 -4.10
CA TYR F 102 -45.90 -1.02 -4.62
C TYR F 102 -44.96 -1.71 -5.60
N ARG F 103 -45.14 -1.43 -6.89
CA ARG F 103 -44.35 -2.05 -7.94
C ARG F 103 -44.43 -3.58 -7.87
N GLY F 104 -45.62 -4.09 -7.57
CA GLY F 104 -45.85 -5.52 -7.52
C GLY F 104 -45.59 -6.18 -6.18
N TYR F 105 -45.12 -5.44 -5.19
CA TYR F 105 -44.81 -6.00 -3.88
C TYR F 105 -45.85 -5.56 -2.87
N TYR F 106 -46.34 -6.51 -2.09
CA TYR F 106 -47.47 -6.29 -1.19
C TYR F 106 -46.95 -6.10 0.23
N ALA F 107 -47.26 -4.95 0.82
CA ALA F 107 -46.86 -4.64 2.19
C ALA F 107 -47.75 -3.53 2.71
N MET F 108 -47.61 -3.22 3.99
CA MET F 108 -48.43 -2.22 4.66
C MET F 108 -47.92 -0.85 4.21
N ASP F 109 -48.54 -0.31 3.16
CA ASP F 109 -47.97 0.89 2.54
C ASP F 109 -48.40 2.17 3.22
N TYR F 110 -49.44 2.17 4.03
CA TYR F 110 -49.85 3.38 4.75
C TYR F 110 -50.20 3.04 6.19
N TRP F 111 -49.95 3.98 7.08
CA TRP F 111 -50.15 3.75 8.51
C TRP F 111 -50.87 4.93 9.13
N GLY F 112 -51.70 4.64 10.13
CA GLY F 112 -52.29 5.68 10.93
C GLY F 112 -51.38 6.10 12.06
N GLN F 113 -51.68 7.26 12.65
CA GLN F 113 -50.80 7.80 13.69
C GLN F 113 -50.80 6.94 14.95
N GLY F 114 -51.79 6.09 15.14
CA GLY F 114 -51.83 5.23 16.31
C GLY F 114 -52.65 5.82 17.44
N THR F 115 -53.26 4.94 18.21
CA THR F 115 -54.02 5.33 19.40
C THR F 115 -53.41 4.66 20.61
N THR F 116 -53.14 5.44 21.66
CA THR F 116 -52.57 4.92 22.89
C THR F 116 -53.71 4.42 23.76
N VAL F 117 -53.77 3.10 23.97
CA VAL F 117 -54.77 2.48 24.83
C VAL F 117 -54.07 2.03 26.11
N THR F 118 -54.48 2.61 27.22
CA THR F 118 -53.92 2.32 28.54
C THR F 118 -54.94 1.53 29.33
N VAL F 119 -54.64 0.27 29.59
CA VAL F 119 -55.55 -0.60 30.35
C VAL F 119 -54.95 -0.71 31.75
N SER F 120 -55.41 0.16 32.65
CA SER F 120 -54.95 0.16 34.03
C SER F 120 -56.15 0.29 34.96
N SER F 121 -56.03 -0.30 36.14
CA SER F 121 -57.08 -0.24 37.14
C SER F 121 -57.07 1.04 37.95
N ALA F 122 -56.04 1.88 37.79
CA ALA F 122 -55.97 3.14 38.52
C ALA F 122 -56.91 4.17 37.91
N SER F 123 -57.42 5.05 38.75
CA SER F 123 -58.28 6.12 38.31
C SER F 123 -57.48 7.40 38.08
N THR F 124 -58.15 8.41 37.51
CA THR F 124 -57.47 9.67 37.25
C THR F 124 -57.04 10.32 38.56
N LYS F 125 -55.77 10.74 38.60
CA LYS F 125 -55.20 11.34 39.79
C LYS F 125 -54.25 12.44 39.38
N GLY F 126 -54.32 13.58 40.08
CA GLY F 126 -53.47 14.69 39.81
C GLY F 126 -52.03 14.43 40.24
N PRO F 127 -51.09 15.11 39.61
CA PRO F 127 -49.68 14.90 39.94
C PRO F 127 -49.27 15.66 41.18
N SER F 128 -48.33 15.07 41.93
CA SER F 128 -47.70 15.73 43.06
C SER F 128 -46.27 16.06 42.66
N VAL F 129 -45.94 17.34 42.59
CA VAL F 129 -44.62 17.80 42.17
C VAL F 129 -43.83 18.19 43.40
N PHE F 130 -42.58 17.73 43.46
CA PHE F 130 -41.70 18.02 44.58
C PHE F 130 -40.39 18.59 44.06
N PRO F 131 -39.77 19.50 44.80
CA PRO F 131 -38.50 20.07 44.36
C PRO F 131 -37.36 19.08 44.47
N LEU F 132 -36.33 19.30 43.65
CA LEU F 132 -35.08 18.56 43.69
C LEU F 132 -34.01 19.63 43.74
N ALA F 133 -33.60 20.00 44.95
CA ALA F 133 -32.71 21.11 45.22
C ALA F 133 -31.25 20.71 45.01
N PRO F 134 -30.40 21.66 44.64
CA PRO F 134 -28.98 21.36 44.45
C PRO F 134 -28.24 21.38 45.78
N SER F 135 -27.02 20.86 45.74
CA SER F 135 -26.17 20.80 46.93
C SER F 135 -25.58 22.17 47.25
N GLY F 142 -18.84 23.95 38.59
CA GLY F 142 -19.52 25.23 38.45
C GLY F 142 -20.94 25.08 37.90
N THR F 143 -21.41 23.85 37.82
CA THR F 143 -22.75 23.55 37.32
C THR F 143 -23.51 22.76 38.36
N ALA F 144 -24.78 23.13 38.56
CA ALA F 144 -25.65 22.45 39.52
C ALA F 144 -26.98 22.15 38.85
N ALA F 145 -27.57 21.03 39.24
CA ALA F 145 -28.80 20.54 38.64
C ALA F 145 -29.97 20.78 39.58
N LEU F 146 -31.01 21.41 39.06
CA LEU F 146 -32.29 21.57 39.72
C LEU F 146 -33.27 20.59 39.12
N GLY F 147 -34.35 20.31 39.85
CA GLY F 147 -35.34 19.43 39.24
C GLY F 147 -36.69 19.53 39.92
N CYS F 148 -37.67 18.93 39.25
CA CYS F 148 -38.99 18.69 39.83
C CYS F 148 -39.38 17.26 39.57
N LEU F 149 -39.73 16.54 40.63
CA LEU F 149 -40.19 15.17 40.57
C LEU F 149 -41.70 15.18 40.54
N VAL F 150 -42.28 14.74 39.43
CA VAL F 150 -43.72 14.68 39.25
C VAL F 150 -44.14 13.25 39.50
N LYS F 151 -44.76 13.00 40.66
CA LYS F 151 -45.00 11.65 41.14
C LYS F 151 -46.50 11.42 41.33
N ASP F 152 -46.91 10.16 41.15
CA ASP F 152 -48.25 9.69 41.48
C ASP F 152 -49.32 10.46 40.70
N TYR F 153 -49.29 10.30 39.39
CA TYR F 153 -50.30 10.86 38.51
C TYR F 153 -50.77 9.80 37.52
N PHE F 154 -52.00 9.98 37.03
CA PHE F 154 -52.56 9.07 36.05
C PHE F 154 -53.66 9.79 35.30
N PRO F 155 -53.73 9.65 33.97
CA PRO F 155 -52.79 8.88 33.17
C PRO F 155 -51.73 9.74 32.48
N GLU F 156 -50.90 9.08 31.67
CA GLU F 156 -49.92 9.77 30.85
C GLU F 156 -50.65 10.66 29.85
N PRO F 157 -50.10 11.84 29.52
CA PRO F 157 -48.87 12.51 29.96
C PRO F 157 -49.06 13.73 30.83
N VAL F 158 -47.94 14.26 31.31
CA VAL F 158 -47.87 15.59 31.93
C VAL F 158 -46.78 16.36 31.22
N THR F 159 -47.03 17.64 30.97
CA THR F 159 -46.05 18.50 30.32
C THR F 159 -45.37 19.37 31.38
N VAL F 160 -44.04 19.31 31.40
CA VAL F 160 -43.24 20.05 32.36
C VAL F 160 -42.43 21.09 31.61
N SER F 161 -42.64 22.36 31.95
CA SER F 161 -41.87 23.46 31.40
C SER F 161 -41.09 24.12 32.53
N TRP F 162 -40.13 24.96 32.16
CA TRP F 162 -39.31 25.68 33.13
C TRP F 162 -39.35 27.16 32.82
N ASN F 163 -39.62 27.98 33.84
CA ASN F 163 -39.74 29.42 33.70
C ASN F 163 -40.75 29.79 32.62
N SER F 164 -41.87 29.05 32.59
CA SER F 164 -42.94 29.25 31.62
C SER F 164 -42.42 29.16 30.19
N GLY F 165 -41.51 28.23 29.94
CA GLY F 165 -40.96 28.00 28.63
C GLY F 165 -39.76 28.84 28.28
N ALA F 166 -39.39 29.80 29.14
CA ALA F 166 -38.20 30.61 28.86
C ALA F 166 -36.93 29.77 28.91
N LEU F 167 -36.84 28.86 29.88
CA LEU F 167 -35.67 28.01 30.05
C LEU F 167 -35.94 26.67 29.35
N THR F 168 -35.18 26.40 28.30
CA THR F 168 -35.34 25.16 27.54
C THR F 168 -34.00 24.46 27.38
N SER F 169 -32.92 25.24 27.33
CA SER F 169 -31.59 24.66 27.17
C SER F 169 -31.20 23.90 28.44
N GLY F 170 -30.68 22.69 28.26
CA GLY F 170 -30.25 21.87 29.38
C GLY F 170 -31.36 21.18 30.13
N VAL F 171 -32.58 21.20 29.62
CA VAL F 171 -33.72 20.59 30.30
C VAL F 171 -33.90 19.17 29.78
N HIS F 172 -33.86 18.20 30.70
CA HIS F 172 -34.13 16.80 30.39
C HIS F 172 -35.38 16.37 31.14
N THR F 173 -36.43 16.01 30.40
CA THR F 173 -37.65 15.49 30.99
C THR F 173 -37.69 13.99 30.72
N PHE F 174 -37.49 13.21 31.78
CA PHE F 174 -37.36 11.77 31.63
C PHE F 174 -38.72 11.13 31.35
N PRO F 175 -38.74 10.05 30.58
CA PRO F 175 -40.00 9.33 30.35
C PRO F 175 -40.58 8.82 31.67
N ALA F 176 -41.90 8.86 31.77
CA ALA F 176 -42.57 8.43 32.98
C ALA F 176 -42.46 6.92 33.14
N VAL F 177 -42.34 6.47 34.38
CA VAL F 177 -42.32 5.05 34.70
C VAL F 177 -43.56 4.71 35.50
N LEU F 178 -44.02 3.47 35.32
CA LEU F 178 -45.22 2.96 35.98
C LEU F 178 -44.77 2.11 37.16
N GLN F 179 -44.83 2.68 38.37
CA GLN F 179 -44.43 1.93 39.54
C GLN F 179 -45.52 0.94 39.95
N SER F 180 -45.27 0.22 41.04
CA SER F 180 -46.19 -0.82 41.48
C SER F 180 -47.55 -0.27 41.88
N SER F 181 -47.63 1.01 42.26
CA SER F 181 -48.90 1.60 42.66
C SER F 181 -49.85 1.80 41.49
N GLY F 182 -49.40 1.62 40.25
CA GLY F 182 -50.22 1.85 39.09
C GLY F 182 -50.26 3.27 38.60
N LEU F 183 -49.57 4.18 39.27
CA LEU F 183 -49.48 5.59 38.86
C LEU F 183 -48.14 5.85 38.21
N TYR F 184 -48.04 7.00 37.56
CA TYR F 184 -46.84 7.37 36.81
C TYR F 184 -45.98 8.34 37.62
N SER F 185 -44.70 8.36 37.31
CA SER F 185 -43.76 9.23 37.99
C SER F 185 -42.60 9.53 37.06
N LEU F 186 -42.37 10.81 36.79
CA LEU F 186 -41.23 11.24 36.00
C LEU F 186 -40.50 12.34 36.77
N SER F 187 -39.39 12.79 36.19
CA SER F 187 -38.59 13.86 36.77
C SER F 187 -38.09 14.75 35.65
N SER F 188 -38.12 16.06 35.87
CA SER F 188 -37.56 17.03 34.95
C SER F 188 -36.39 17.71 35.61
N VAL F 189 -35.21 17.65 34.98
CA VAL F 189 -34.00 18.22 35.53
C VAL F 189 -33.46 19.28 34.58
N VAL F 190 -32.69 20.20 35.13
CA VAL F 190 -32.06 21.25 34.35
C VAL F 190 -30.76 21.65 35.02
N THR F 191 -29.70 21.73 34.25
CA THR F 191 -28.40 22.14 34.75
C THR F 191 -28.17 23.60 34.47
N VAL F 192 -27.81 24.36 35.51
CA VAL F 192 -27.57 25.79 35.42
C VAL F 192 -26.27 26.10 36.13
N PRO F 193 -25.58 27.19 35.79
CA PRO F 193 -24.36 27.54 36.53
C PRO F 193 -24.67 27.73 38.02
N SER F 194 -23.77 27.24 38.85
CA SER F 194 -23.99 27.26 40.30
C SER F 194 -23.94 28.65 40.89
N SER F 195 -23.48 29.66 40.12
CA SER F 195 -23.43 31.03 40.61
C SER F 195 -24.75 31.78 40.42
N SER F 196 -25.64 31.26 39.58
CA SER F 196 -26.92 31.91 39.32
C SER F 196 -28.08 31.25 40.07
N LEU F 197 -27.79 30.34 41.00
CA LEU F 197 -28.86 29.68 41.74
C LEU F 197 -29.67 30.66 42.57
N GLY F 198 -29.01 31.59 43.26
CA GLY F 198 -29.70 32.53 44.10
C GLY F 198 -30.21 33.78 43.42
N THR F 199 -29.70 34.09 42.24
CA THR F 199 -30.10 35.28 41.50
C THR F 199 -31.14 35.00 40.43
N GLN F 200 -31.58 33.76 40.30
CA GLN F 200 -32.56 33.39 39.28
C GLN F 200 -33.72 32.65 39.92
N THR F 201 -34.93 33.01 39.51
CA THR F 201 -36.14 32.34 39.98
C THR F 201 -36.40 31.14 39.09
N TYR F 202 -36.53 29.96 39.70
CA TYR F 202 -36.69 28.70 38.96
C TYR F 202 -38.09 28.15 39.23
N ILE F 203 -38.99 28.35 38.27
CA ILE F 203 -40.36 27.88 38.35
C ILE F 203 -40.50 26.74 37.36
N CYS F 204 -40.93 25.58 37.85
CA CYS F 204 -41.28 24.47 36.99
C CYS F 204 -42.80 24.35 36.93
N ASN F 205 -43.31 24.26 35.71
CA ASN F 205 -44.74 24.31 35.44
C ASN F 205 -45.19 22.93 35.00
N VAL F 206 -46.04 22.29 35.80
CA VAL F 206 -46.53 20.95 35.52
C VAL F 206 -47.99 21.06 35.10
N ASN F 207 -48.30 20.51 33.93
CA ASN F 207 -49.65 20.49 33.39
C ASN F 207 -50.10 19.06 33.18
N HIS F 208 -51.27 18.72 33.73
CA HIS F 208 -51.88 17.41 33.59
C HIS F 208 -53.29 17.62 33.05
N LYS F 209 -53.45 17.55 31.74
CA LYS F 209 -54.75 17.77 31.13
C LYS F 209 -55.84 16.78 31.59
N PRO F 210 -55.60 15.47 31.69
CA PRO F 210 -56.68 14.58 32.10
C PRO F 210 -57.30 14.95 33.45
N SER F 211 -56.50 15.41 34.39
CA SER F 211 -57.01 15.90 35.66
C SER F 211 -57.17 17.41 35.70
N ASN F 212 -56.80 18.10 34.62
CA ASN F 212 -56.87 19.56 34.53
C ASN F 212 -56.15 20.20 35.71
N THR F 213 -54.85 19.90 35.81
CA THR F 213 -54.03 20.35 36.92
C THR F 213 -52.89 21.22 36.42
N LYS F 214 -52.75 22.41 37.00
CA LYS F 214 -51.65 23.32 36.74
C LYS F 214 -50.95 23.59 38.07
N VAL F 215 -49.70 23.16 38.18
CA VAL F 215 -48.94 23.36 39.41
C VAL F 215 -47.64 24.09 39.09
N ASP F 216 -47.36 25.14 39.85
CA ASP F 216 -46.15 25.94 39.67
C ASP F 216 -45.28 25.76 40.90
N LYS F 217 -44.14 25.07 40.74
CA LYS F 217 -43.28 24.76 41.87
C LYS F 217 -41.98 25.54 41.75
N ARG F 218 -41.60 26.23 42.83
CA ARG F 218 -40.43 27.08 42.82
C ARG F 218 -39.30 26.37 43.55
N VAL F 219 -38.17 26.20 42.87
CA VAL F 219 -37.06 25.38 43.34
C VAL F 219 -36.00 26.27 43.94
N GLU F 220 -35.60 25.98 45.18
CA GLU F 220 -34.61 26.75 45.89
C GLU F 220 -33.52 25.84 46.45
N PRO F 221 -32.28 26.32 46.53
CA PRO F 221 -31.22 25.53 47.16
C PRO F 221 -31.50 25.29 48.63
N LYS F 222 -31.06 24.14 49.11
CA LYS F 222 -31.29 23.76 50.50
C LYS F 222 -30.04 23.99 51.34
N GLU G 1 -45.64 -20.33 14.45
CA GLU G 1 -45.53 -19.14 13.61
C GLU G 1 -44.08 -18.92 13.17
N ILE G 2 -43.87 -17.87 12.39
CA ILE G 2 -42.54 -17.50 11.91
C ILE G 2 -41.90 -16.59 12.95
N VAL G 3 -40.71 -16.95 13.40
CA VAL G 3 -40.00 -16.16 14.40
C VAL G 3 -38.95 -15.31 13.68
N MET G 4 -39.05 -13.99 13.86
CA MET G 4 -38.24 -13.03 13.12
C MET G 4 -37.20 -12.49 14.09
N THR G 5 -35.94 -12.88 13.93
CA THR G 5 -34.88 -12.46 14.85
C THR G 5 -34.04 -11.37 14.21
N GLN G 6 -33.88 -10.26 14.90
CA GLN G 6 -33.13 -9.13 14.38
C GLN G 6 -31.84 -8.94 15.16
N SER G 7 -30.80 -8.50 14.45
CA SER G 7 -29.50 -8.35 15.07
C SER G 7 -28.76 -7.16 14.47
N PRO G 8 -28.10 -6.34 15.30
CA PRO G 8 -28.17 -6.45 16.76
C PRO G 8 -29.42 -5.77 17.32
N ALA G 9 -29.62 -5.85 18.64
CA ALA G 9 -30.75 -5.14 19.23
C ALA G 9 -30.62 -3.64 19.02
N THR G 10 -29.43 -3.09 19.20
CA THR G 10 -29.12 -1.71 18.87
C THR G 10 -27.78 -1.67 18.17
N LEU G 11 -27.65 -0.76 17.20
CA LEU G 11 -26.44 -0.64 16.39
C LEU G 11 -25.92 0.78 16.51
N SER G 12 -24.81 0.94 17.23
CA SER G 12 -24.19 2.26 17.42
C SER G 12 -23.23 2.50 16.27
N VAL G 13 -23.61 3.39 15.36
CA VAL G 13 -22.79 3.72 14.20
C VAL G 13 -22.66 5.23 14.11
N SER G 14 -21.44 5.71 13.87
CA SER G 14 -21.22 7.13 13.72
C SER G 14 -21.75 7.60 12.38
N PRO G 15 -22.21 8.85 12.29
CA PRO G 15 -22.75 9.35 11.03
C PRO G 15 -21.71 9.28 9.90
N GLY G 16 -22.18 8.92 8.71
CA GLY G 16 -21.33 8.81 7.56
C GLY G 16 -20.70 7.44 7.36
N GLU G 17 -20.95 6.48 8.23
CA GLU G 17 -20.37 5.16 8.10
C GLU G 17 -21.36 4.19 7.47
N ARG G 18 -20.98 2.92 7.48
CA ARG G 18 -21.74 1.85 6.84
C ARG G 18 -22.40 1.00 7.91
N ALA G 19 -23.71 0.79 7.77
CA ALA G 19 -24.49 0.07 8.78
C ALA G 19 -25.14 -1.16 8.14
N THR G 20 -25.15 -2.26 8.90
CA THR G 20 -25.71 -3.52 8.44
C THR G 20 -26.61 -4.09 9.51
N LEU G 21 -27.86 -4.37 9.15
CA LEU G 21 -28.87 -4.92 10.04
C LEU G 21 -29.26 -6.29 9.53
N SER G 22 -29.16 -7.31 10.38
CA SER G 22 -29.43 -8.68 9.97
C SER G 22 -30.79 -9.13 10.47
N CYS G 23 -31.49 -9.91 9.66
CA CYS G 23 -32.79 -10.46 10.01
C CYS G 23 -32.77 -11.95 9.66
N SER G 24 -32.75 -12.80 10.68
CA SER G 24 -32.87 -14.23 10.50
C SER G 24 -34.33 -14.64 10.63
N VAL G 25 -34.72 -15.64 9.85
CA VAL G 25 -36.10 -16.10 9.80
C VAL G 25 -36.13 -17.57 10.18
N SER G 26 -37.07 -17.95 11.04
CA SER G 26 -37.13 -19.32 11.53
C SER G 26 -37.39 -20.32 10.41
N SER G 27 -37.99 -19.89 9.31
CA SER G 27 -38.26 -20.76 8.18
C SER G 27 -37.86 -20.06 6.90
N SER G 28 -37.55 -20.84 5.88
CA SER G 28 -37.17 -20.28 4.59
C SER G 28 -38.37 -19.59 3.97
N ILE G 29 -38.20 -18.32 3.59
CA ILE G 29 -39.27 -17.52 3.01
C ILE G 29 -38.76 -16.86 1.74
N SER G 30 -39.71 -16.47 0.89
CA SER G 30 -39.37 -15.81 -0.36
C SER G 30 -38.80 -14.42 -0.09
N SER G 31 -37.93 -13.98 -1.00
CA SER G 31 -37.37 -12.63 -0.88
C SER G 31 -38.47 -11.58 -1.01
N SER G 32 -39.46 -11.83 -1.87
CA SER G 32 -40.55 -10.88 -2.06
C SER G 32 -41.47 -10.79 -0.84
N ASN G 33 -41.41 -11.76 0.06
CA ASN G 33 -42.31 -11.80 1.21
C ASN G 33 -41.74 -11.13 2.44
N LEU G 34 -40.53 -10.59 2.38
CA LEU G 34 -39.93 -9.90 3.52
C LEU G 34 -39.74 -8.43 3.18
N HIS G 35 -40.21 -7.57 4.08
CA HIS G 35 -40.16 -6.13 3.89
C HIS G 35 -39.54 -5.49 5.11
N TRP G 36 -39.08 -4.25 4.95
CA TRP G 36 -38.45 -3.50 6.02
C TRP G 36 -39.24 -2.21 6.25
N TYR G 37 -39.50 -1.92 7.52
CA TYR G 37 -40.19 -0.70 7.94
C TYR G 37 -39.26 0.13 8.83
N GLN G 38 -39.35 1.44 8.72
CA GLN G 38 -38.61 2.35 9.56
C GLN G 38 -39.57 3.14 10.44
N GLN G 39 -39.24 3.26 11.72
CA GLN G 39 -40.04 4.00 12.68
C GLN G 39 -39.14 4.95 13.46
N LYS G 40 -39.54 6.16 13.53
CA LYS G 40 -38.90 7.12 14.41
C LYS G 40 -39.74 7.32 15.66
N PRO G 41 -39.13 7.65 16.80
CA PRO G 41 -39.89 7.73 18.04
C PRO G 41 -41.03 8.74 17.94
N GLY G 42 -42.19 8.34 18.46
CA GLY G 42 -43.38 9.18 18.38
C GLY G 42 -44.06 9.20 17.04
N GLN G 43 -43.70 8.30 16.14
CA GLN G 43 -44.27 8.28 14.80
C GLN G 43 -44.61 6.84 14.42
N ALA G 44 -45.57 6.71 13.50
CA ALA G 44 -45.98 5.42 13.01
C ALA G 44 -44.89 4.80 12.15
N PRO G 45 -44.83 3.48 12.05
CA PRO G 45 -43.87 2.84 11.14
C PRO G 45 -44.15 3.25 9.71
N ARG G 46 -43.08 3.29 8.91
CA ARG G 46 -43.18 3.73 7.54
C ARG G 46 -42.61 2.65 6.63
N PRO G 47 -43.33 2.23 5.59
CA PRO G 47 -42.79 1.21 4.67
C PRO G 47 -41.52 1.71 4.01
N TRP G 48 -40.46 0.93 4.15
CA TRP G 48 -39.12 1.38 3.77
C TRP G 48 -38.55 0.59 2.60
N ILE G 49 -38.61 -0.74 2.66
CA ILE G 49 -38.16 -1.58 1.56
C ILE G 49 -39.19 -2.68 1.31
N TYR G 50 -39.58 -2.85 0.06
CA TYR G 50 -40.51 -3.89 -0.35
C TYR G 50 -39.74 -5.04 -0.98
N GLY G 51 -40.10 -6.26 -0.60
CA GLY G 51 -39.53 -7.44 -1.23
C GLY G 51 -38.04 -7.56 -1.08
N THR G 52 -37.49 -7.10 0.05
CA THR G 52 -36.11 -7.31 0.47
C THR G 52 -35.12 -6.52 -0.37
N SER G 53 -35.55 -5.92 -1.47
CA SER G 53 -34.61 -5.18 -2.31
C SER G 53 -35.15 -3.87 -2.86
N ASN G 54 -36.44 -3.63 -2.84
CA ASN G 54 -37.04 -2.51 -3.56
C ASN G 54 -37.36 -1.39 -2.57
N LEU G 55 -36.64 -0.29 -2.68
CA LEU G 55 -36.94 0.88 -1.87
C LEU G 55 -38.30 1.44 -2.26
N ALA G 56 -39.00 2.00 -1.29
CA ALA G 56 -40.28 2.64 -1.56
C ALA G 56 -40.02 4.03 -2.15
N SER G 57 -41.08 4.83 -2.30
CA SER G 57 -40.92 6.14 -2.89
C SER G 57 -40.33 7.11 -1.88
N GLY G 58 -39.22 7.75 -2.25
CA GLY G 58 -38.58 8.75 -1.44
C GLY G 58 -37.37 8.28 -0.66
N ILE G 59 -37.22 6.98 -0.48
CA ILE G 59 -36.05 6.45 0.24
C ILE G 59 -34.81 6.62 -0.64
N PRO G 60 -33.75 7.24 -0.14
CA PRO G 60 -32.58 7.51 -0.97
C PRO G 60 -31.81 6.25 -1.30
N ALA G 61 -30.82 6.41 -2.18
CA ALA G 61 -30.05 5.28 -2.70
C ALA G 61 -29.10 4.69 -1.67
N ARG G 62 -28.91 5.32 -0.52
CA ARG G 62 -28.04 4.76 0.51
C ARG G 62 -28.55 3.41 0.99
N PHE G 63 -29.85 3.29 1.18
CA PHE G 63 -30.43 2.05 1.68
C PHE G 63 -30.47 1.00 0.58
N SER G 64 -30.19 -0.25 0.97
CA SER G 64 -30.29 -1.38 0.07
C SER G 64 -30.61 -2.61 0.90
N GLY G 65 -31.11 -3.63 0.24
CA GLY G 65 -31.45 -4.88 0.91
C GLY G 65 -31.01 -6.06 0.09
N SER G 66 -30.65 -7.13 0.79
CA SER G 66 -30.18 -8.33 0.10
C SER G 66 -30.32 -9.53 1.03
N GLY G 67 -30.72 -10.65 0.48
CA GLY G 67 -30.83 -11.86 1.27
C GLY G 67 -31.78 -12.85 0.63
N SER G 68 -31.88 -14.00 1.29
CA SER G 68 -32.73 -15.08 0.81
C SER G 68 -32.89 -16.10 1.93
N GLY G 69 -33.82 -17.03 1.72
CA GLY G 69 -34.02 -18.14 2.63
C GLY G 69 -34.31 -17.71 4.04
N THR G 70 -33.35 -17.90 4.94
CA THR G 70 -33.50 -17.55 6.34
C THR G 70 -32.57 -16.44 6.79
N GLU G 71 -32.00 -15.68 5.86
CA GLU G 71 -31.07 -14.61 6.22
C GLU G 71 -31.25 -13.44 5.27
N PHE G 72 -31.54 -12.26 5.83
CA PHE G 72 -31.75 -11.06 5.06
C PHE G 72 -30.99 -9.91 5.71
N THR G 73 -30.71 -8.87 4.95
CA THR G 73 -29.83 -7.81 5.41
C THR G 73 -30.27 -6.48 4.83
N LEU G 74 -30.31 -5.47 5.71
CA LEU G 74 -30.49 -4.07 5.34
C LEU G 74 -29.17 -3.35 5.48
N THR G 75 -28.75 -2.64 4.44
CA THR G 75 -27.44 -2.00 4.40
C THR G 75 -27.61 -0.51 4.10
N ILE G 76 -26.92 0.32 4.87
CA ILE G 76 -26.84 1.75 4.61
C ILE G 76 -25.38 2.09 4.35
N SER G 77 -25.10 2.60 3.14
CA SER G 77 -23.71 2.88 2.77
C SER G 77 -23.14 4.03 3.60
N SER G 78 -23.88 5.13 3.72
CA SER G 78 -23.42 6.31 4.45
C SER G 78 -24.57 6.77 5.33
N VAL G 79 -24.53 6.39 6.61
CA VAL G 79 -25.61 6.74 7.53
C VAL G 79 -25.61 8.25 7.75
N GLN G 80 -26.78 8.86 7.60
CA GLN G 80 -26.96 10.28 7.81
C GLN G 80 -27.76 10.52 9.08
N ALA G 81 -28.00 11.79 9.37
CA ALA G 81 -28.65 12.16 10.63
C ALA G 81 -30.07 11.61 10.71
N GLU G 82 -30.78 11.57 9.59
CA GLU G 82 -32.17 11.15 9.56
C GLU G 82 -32.33 9.64 9.51
N ASP G 83 -31.23 8.88 9.44
CA ASP G 83 -31.30 7.44 9.33
C ASP G 83 -31.35 6.73 10.67
N PHE G 84 -31.15 7.44 11.77
CA PHE G 84 -31.10 6.81 13.09
C PHE G 84 -32.52 6.60 13.60
N ALA G 85 -32.92 5.33 13.71
CA ALA G 85 -34.32 4.98 13.96
C ALA G 85 -34.46 3.48 14.13
N VAL G 86 -35.66 2.99 14.41
CA VAL G 86 -35.87 1.56 14.62
C VAL G 86 -36.34 0.94 13.31
N TYR G 87 -35.64 -0.12 12.87
CA TYR G 87 -35.96 -0.82 11.64
C TYR G 87 -36.50 -2.20 11.98
N TYR G 88 -37.62 -2.56 11.36
CA TYR G 88 -38.27 -3.84 11.58
C TYR G 88 -38.29 -4.63 10.28
N CYS G 89 -38.01 -5.92 10.36
CA CYS G 89 -38.19 -6.83 9.22
C CYS G 89 -39.46 -7.62 9.44
N GLN G 90 -40.34 -7.61 8.46
CA GLN G 90 -41.65 -8.23 8.55
C GLN G 90 -41.81 -9.22 7.42
N GLN G 91 -42.12 -10.47 7.76
CA GLN G 91 -42.40 -11.47 6.74
C GLN G 91 -43.87 -11.42 6.39
N TRP G 92 -44.19 -11.86 5.19
CA TRP G 92 -45.59 -11.95 4.78
C TRP G 92 -45.97 -13.40 4.51
N SER G 93 -45.01 -14.32 4.58
CA SER G 93 -45.15 -15.63 3.96
C SER G 93 -46.36 -16.39 4.48
N SER G 94 -46.58 -16.37 5.80
CA SER G 94 -47.66 -17.15 6.38
C SER G 94 -48.29 -16.37 7.53
N TYR G 95 -49.55 -16.68 7.80
CA TYR G 95 -50.26 -16.07 8.92
C TYR G 95 -49.93 -16.82 10.22
N PRO G 96 -49.83 -16.11 11.35
CA PRO G 96 -49.98 -14.66 11.45
C PRO G 96 -48.72 -13.91 11.00
N LEU G 97 -48.91 -12.69 10.50
CA LEU G 97 -47.76 -11.87 10.14
C LEU G 97 -46.95 -11.55 11.37
N THR G 98 -45.63 -11.60 11.25
CA THR G 98 -44.74 -11.36 12.36
C THR G 98 -43.72 -10.30 11.98
N PHE G 99 -43.38 -9.45 12.94
CA PHE G 99 -42.36 -8.44 12.79
C PHE G 99 -41.13 -8.84 13.60
N GLY G 100 -39.98 -8.31 13.20
CA GLY G 100 -38.81 -8.43 14.03
C GLY G 100 -38.91 -7.56 15.27
N GLN G 101 -38.08 -7.89 16.26
CA GLN G 101 -38.08 -7.11 17.50
C GLN G 101 -37.59 -5.69 17.28
N GLY G 102 -36.94 -5.42 16.14
CA GLY G 102 -36.48 -4.08 15.82
C GLY G 102 -35.03 -3.86 16.14
N THR G 103 -34.30 -3.25 15.21
CA THR G 103 -32.92 -2.84 15.42
C THR G 103 -32.88 -1.32 15.43
N LYS G 104 -32.35 -0.76 16.52
CA LYS G 104 -32.31 0.69 16.69
C LYS G 104 -30.97 1.19 16.18
N LEU G 105 -30.97 1.78 14.97
CA LEU G 105 -29.81 2.47 14.47
C LEU G 105 -29.60 3.74 15.28
N GLU G 106 -28.44 3.82 15.94
CA GLU G 106 -28.14 4.78 16.99
C GLU G 106 -26.86 5.54 16.67
N ILE G 107 -26.83 6.81 17.07
CA ILE G 107 -25.66 7.64 16.84
C ILE G 107 -24.51 7.17 17.73
N LYS G 108 -23.32 7.07 17.14
CA LYS G 108 -22.11 6.75 17.87
C LYS G 108 -21.23 7.98 17.97
N ARG G 109 -20.70 8.23 19.17
CA ARG G 109 -19.88 9.40 19.40
C ARG G 109 -18.80 9.05 20.42
N THR G 110 -18.00 10.05 20.79
CA THR G 110 -16.94 9.85 21.76
C THR G 110 -17.53 9.53 23.13
N VAL G 111 -16.86 8.64 23.86
CA VAL G 111 -17.33 8.23 25.17
C VAL G 111 -17.25 9.41 26.13
N ALA G 112 -18.37 9.72 26.78
CA ALA G 112 -18.45 10.83 27.74
C ALA G 112 -18.91 10.28 29.08
N ALA G 113 -18.18 10.65 30.13
CA ALA G 113 -18.53 10.24 31.47
C ALA G 113 -19.73 11.03 31.98
N PRO G 114 -20.60 10.41 32.77
CA PRO G 114 -21.77 11.12 33.27
C PRO G 114 -21.42 12.10 34.37
N SER G 115 -22.29 13.10 34.54
CA SER G 115 -22.24 13.99 35.69
C SER G 115 -23.29 13.49 36.68
N VAL G 116 -22.85 13.07 37.86
CA VAL G 116 -23.72 12.38 38.81
C VAL G 116 -24.12 13.35 39.91
N PHE G 117 -25.42 13.57 40.05
CA PHE G 117 -25.99 14.38 41.11
C PHE G 117 -26.93 13.52 41.94
N ILE G 118 -27.02 13.83 43.22
CA ILE G 118 -27.93 13.13 44.11
C ILE G 118 -28.85 14.14 44.79
N PHE G 119 -30.14 13.84 44.79
CA PHE G 119 -31.17 14.70 45.35
C PHE G 119 -31.87 13.97 46.49
N PRO G 120 -31.76 14.45 47.72
CA PRO G 120 -32.52 13.87 48.82
C PRO G 120 -33.99 14.22 48.69
N PRO G 121 -34.87 13.44 49.29
CA PRO G 121 -36.30 13.76 49.21
C PRO G 121 -36.61 15.10 49.88
N SER G 122 -37.55 15.83 49.28
CA SER G 122 -37.94 17.13 49.81
C SER G 122 -38.76 16.95 51.09
N ASP G 123 -38.87 18.04 51.85
CA ASP G 123 -39.62 17.99 53.10
C ASP G 123 -41.11 17.75 52.86
N GLU G 124 -41.65 18.29 51.77
CA GLU G 124 -43.06 18.06 51.46
C GLU G 124 -43.34 16.58 51.23
N GLN G 125 -42.44 15.90 50.50
CA GLN G 125 -42.63 14.48 50.27
C GLN G 125 -42.57 13.70 51.57
N LEU G 126 -41.66 14.09 52.48
CA LEU G 126 -41.63 13.45 53.79
C LEU G 126 -42.93 13.67 54.55
N LYS G 127 -43.48 14.87 54.47
CA LYS G 127 -44.80 15.10 55.08
C LYS G 127 -45.87 14.26 54.41
N SER G 128 -45.66 13.88 53.14
CA SER G 128 -46.61 13.03 52.44
C SER G 128 -46.47 11.55 52.80
N GLY G 129 -45.44 11.16 53.53
CA GLY G 129 -45.28 9.80 53.98
C GLY G 129 -44.42 8.90 53.13
N THR G 130 -43.70 9.45 52.15
CA THR G 130 -42.86 8.67 51.27
C THR G 130 -41.60 9.48 50.99
N ALA G 131 -40.50 8.79 50.67
CA ALA G 131 -39.25 9.44 50.34
C ALA G 131 -38.72 8.90 49.03
N SER G 132 -38.37 9.79 48.11
CA SER G 132 -37.77 9.43 46.84
C SER G 132 -36.42 10.09 46.72
N VAL G 133 -35.36 9.28 46.69
CA VAL G 133 -34.00 9.75 46.52
C VAL G 133 -33.61 9.59 45.06
N VAL G 134 -33.20 10.69 44.42
CA VAL G 134 -33.01 10.70 42.98
C VAL G 134 -31.51 10.76 42.68
N CYS G 135 -31.07 9.98 41.71
CA CYS G 135 -29.70 10.02 41.20
C CYS G 135 -29.77 10.33 39.72
N LEU G 136 -29.05 11.37 39.30
CA LEU G 136 -29.08 11.87 37.94
C LEU G 136 -27.70 11.69 37.31
N LEU G 137 -27.65 10.93 36.22
CA LEU G 137 -26.44 10.70 35.44
C LEU G 137 -26.64 11.48 34.14
N ASN G 138 -26.13 12.71 34.11
CA ASN G 138 -26.41 13.62 33.02
C ASN G 138 -25.31 13.57 31.97
N ASN G 139 -25.73 13.49 30.70
CA ASN G 139 -24.86 13.66 29.53
C ASN G 139 -23.72 12.64 29.53
N PHE G 140 -24.10 11.38 29.36
CA PHE G 140 -23.13 10.30 29.24
C PHE G 140 -23.37 9.51 27.96
N TYR G 141 -22.31 8.84 27.51
CA TYR G 141 -22.35 7.94 26.37
C TYR G 141 -21.30 6.88 26.63
N PRO G 142 -21.57 5.60 26.32
CA PRO G 142 -22.79 5.06 25.70
C PRO G 142 -23.94 4.86 26.68
N ARG G 143 -25.01 4.22 26.19
CA ARG G 143 -26.21 4.03 27.01
C ARG G 143 -25.91 3.18 28.23
N GLU G 144 -25.11 2.13 28.08
CA GLU G 144 -24.88 1.19 29.17
C GLU G 144 -24.25 1.89 30.36
N ALA G 145 -24.99 1.97 31.46
CA ALA G 145 -24.50 2.55 32.71
C ALA G 145 -25.20 1.86 33.86
N LYS G 146 -24.44 1.55 34.91
CA LYS G 146 -24.96 0.83 36.06
C LYS G 146 -25.09 1.76 37.25
N VAL G 147 -26.26 1.75 37.88
CA VAL G 147 -26.53 2.57 39.06
C VAL G 147 -26.88 1.63 40.20
N GLN G 148 -26.18 1.78 41.33
CA GLN G 148 -26.41 0.98 42.51
C GLN G 148 -26.73 1.89 43.69
N TRP G 149 -27.67 1.48 44.51
CA TRP G 149 -28.09 2.27 45.67
C TRP G 149 -27.56 1.61 46.93
N LYS G 150 -26.77 2.35 47.70
CA LYS G 150 -26.22 1.86 48.95
C LYS G 150 -26.78 2.69 50.09
N VAL G 151 -27.53 2.04 50.97
CA VAL G 151 -28.15 2.69 52.12
C VAL G 151 -27.38 2.26 53.35
N ASP G 152 -26.63 3.19 53.94
CA ASP G 152 -25.71 2.89 55.04
C ASP G 152 -24.76 1.76 54.64
N ASN G 153 -24.20 1.86 53.44
CA ASN G 153 -23.27 0.92 52.85
C ASN G 153 -23.88 -0.45 52.61
N ALA G 154 -25.20 -0.56 52.63
CA ALA G 154 -25.89 -1.81 52.33
C ALA G 154 -26.53 -1.70 50.95
N LEU G 155 -26.21 -2.67 50.09
CA LEU G 155 -26.73 -2.64 48.72
C LEU G 155 -28.24 -2.83 48.72
N GLN G 156 -28.93 -2.07 47.87
CA GLN G 156 -30.37 -2.11 47.76
C GLN G 156 -30.78 -2.60 46.38
N SER G 157 -31.91 -3.29 46.33
CA SER G 157 -32.44 -3.80 45.06
C SER G 157 -33.94 -3.97 45.19
N GLY G 158 -34.63 -3.84 44.06
CA GLY G 158 -36.06 -4.04 44.00
C GLY G 158 -36.91 -2.85 44.38
N ASN G 159 -36.30 -1.73 44.76
CA ASN G 159 -37.05 -0.54 45.16
C ASN G 159 -36.59 0.70 44.42
N SER G 160 -35.93 0.55 43.27
CA SER G 160 -35.44 1.68 42.49
C SER G 160 -35.87 1.50 41.04
N GLN G 161 -36.17 2.62 40.38
CA GLN G 161 -36.62 2.61 39.00
C GLN G 161 -35.82 3.63 38.18
N GLU G 162 -35.44 3.24 36.97
CA GLU G 162 -34.59 4.05 36.13
C GLU G 162 -35.34 4.51 34.87
N SER G 163 -35.14 5.77 34.52
CA SER G 163 -35.66 6.36 33.30
C SER G 163 -34.51 6.92 32.49
N VAL G 164 -34.52 6.69 31.18
CA VAL G 164 -33.47 7.16 30.30
C VAL G 164 -34.08 8.02 29.21
N THR G 165 -33.52 9.21 29.02
CA THR G 165 -33.96 10.06 27.92
C THR G 165 -33.49 9.49 26.59
N GLU G 166 -34.17 9.91 25.52
CA GLU G 166 -33.71 9.57 24.18
C GLU G 166 -32.37 10.25 23.92
N GLN G 167 -31.66 9.73 22.93
CA GLN G 167 -30.36 10.30 22.58
C GLN G 167 -30.54 11.76 22.19
N ASP G 168 -29.67 12.61 22.74
CA ASP G 168 -29.82 14.04 22.58
C ASP G 168 -29.64 14.45 21.11
N SER G 169 -30.34 15.50 20.73
CA SER G 169 -30.26 16.00 19.36
C SER G 169 -28.96 16.75 19.07
N LYS G 170 -28.36 17.36 20.09
CA LYS G 170 -27.18 18.20 19.90
C LYS G 170 -25.89 17.42 20.07
N ASP G 171 -25.66 16.84 21.23
CA ASP G 171 -24.41 16.12 21.53
C ASP G 171 -24.60 14.61 21.55
N SER G 172 -25.80 14.12 21.27
CA SER G 172 -26.08 12.69 21.17
C SER G 172 -25.71 11.93 22.45
N THR G 173 -25.95 12.56 23.60
CA THR G 173 -25.68 11.93 24.89
C THR G 173 -26.98 11.51 25.56
N TYR G 174 -26.86 10.66 26.57
CA TYR G 174 -27.99 10.17 27.34
C TYR G 174 -27.99 10.79 28.73
N SER G 175 -29.18 10.82 29.33
CA SER G 175 -29.33 11.18 30.74
C SER G 175 -30.18 10.11 31.41
N LEU G 176 -29.77 9.71 32.61
CA LEU G 176 -30.44 8.66 33.35
C LEU G 176 -30.89 9.21 34.69
N SER G 177 -32.04 8.73 35.17
CA SER G 177 -32.60 9.14 36.44
C SER G 177 -33.05 7.89 37.18
N SER G 178 -32.37 7.59 38.29
CA SER G 178 -32.71 6.45 39.12
C SER G 178 -33.36 6.95 40.41
N THR G 179 -34.61 6.60 40.62
CA THR G 179 -35.37 7.01 41.80
C THR G 179 -35.50 5.83 42.74
N LEU G 180 -35.05 6.01 43.98
CA LEU G 180 -35.18 5.01 45.03
C LEU G 180 -36.33 5.44 45.93
N THR G 181 -37.35 4.59 46.02
CA THR G 181 -38.57 4.91 46.76
C THR G 181 -38.59 4.12 48.06
N LEU G 182 -38.82 4.81 49.17
CA LEU G 182 -38.89 4.19 50.48
C LEU G 182 -40.04 4.83 51.27
N SER G 183 -40.49 4.11 52.28
CA SER G 183 -41.44 4.70 53.21
C SER G 183 -40.73 5.72 54.11
N LYS G 184 -41.53 6.57 54.75
CA LYS G 184 -40.95 7.57 55.64
C LYS G 184 -40.22 6.90 56.80
N ALA G 185 -40.80 5.86 57.38
CA ALA G 185 -40.14 5.15 58.48
C ALA G 185 -38.84 4.51 58.02
N ASP G 186 -38.85 3.88 56.85
CA ASP G 186 -37.63 3.27 56.32
C ASP G 186 -36.58 4.34 56.00
N TYR G 187 -37.01 5.47 55.44
CA TYR G 187 -36.07 6.52 55.09
C TYR G 187 -35.42 7.11 56.34
N GLU G 188 -36.20 7.34 57.39
CA GLU G 188 -35.67 7.89 58.62
C GLU G 188 -34.91 6.85 59.45
N LYS G 189 -35.00 5.57 59.10
CA LYS G 189 -34.33 4.51 59.81
C LYS G 189 -32.84 4.43 59.50
N HIS G 190 -32.39 5.11 58.44
CA HIS G 190 -31.00 5.05 58.03
C HIS G 190 -30.45 6.47 57.93
N LYS G 191 -29.15 6.56 57.70
CA LYS G 191 -28.48 7.86 57.67
C LYS G 191 -27.82 8.18 56.34
N VAL G 192 -27.01 7.27 55.80
CA VAL G 192 -26.19 7.52 54.62
C VAL G 192 -26.88 6.92 53.40
N TYR G 193 -27.11 7.75 52.39
CA TYR G 193 -27.69 7.30 51.13
C TYR G 193 -26.71 7.64 50.02
N ALA G 194 -26.31 6.63 49.24
CA ALA G 194 -25.28 6.80 48.23
C ALA G 194 -25.73 6.17 46.92
N CYS G 195 -25.41 6.85 45.83
CA CYS G 195 -25.61 6.37 44.48
C CYS G 195 -24.25 6.11 43.86
N GLU G 196 -23.99 4.86 43.47
CA GLU G 196 -22.73 4.45 42.88
C GLU G 196 -22.94 4.21 41.39
N VAL G 197 -22.13 4.85 40.58
CA VAL G 197 -22.27 4.83 39.12
C VAL G 197 -21.06 4.13 38.53
N THR G 198 -21.32 3.07 37.76
CA THR G 198 -20.29 2.35 37.01
C THR G 198 -20.55 2.58 35.54
N HIS G 199 -19.62 3.24 34.87
CA HIS G 199 -19.76 3.59 33.47
C HIS G 199 -18.42 3.42 32.76
N GLN G 200 -18.47 3.21 31.44
CA GLN G 200 -17.25 3.04 30.67
C GLN G 200 -16.40 4.30 30.69
N GLY G 201 -17.02 5.46 30.70
CA GLY G 201 -16.28 6.71 30.73
C GLY G 201 -15.67 7.07 32.06
N LEU G 202 -15.96 6.33 33.10
CA LEU G 202 -15.40 6.54 34.43
C LEU G 202 -14.39 5.45 34.73
N SER G 203 -13.18 5.85 35.14
CA SER G 203 -12.15 4.87 35.48
C SER G 203 -12.58 4.01 36.67
N SER G 204 -13.18 4.63 37.67
CA SER G 204 -13.73 3.94 38.82
C SER G 204 -15.16 4.38 39.05
N PRO G 205 -16.01 3.52 39.62
CA PRO G 205 -17.37 3.93 39.92
C PRO G 205 -17.39 5.11 40.88
N VAL G 206 -18.20 6.12 40.54
CA VAL G 206 -18.27 7.36 41.32
C VAL G 206 -19.46 7.27 42.27
N THR G 207 -19.22 7.58 43.54
CA THR G 207 -20.25 7.49 44.56
C THR G 207 -20.62 8.89 45.02
N LYS G 208 -21.89 9.24 44.87
CA LYS G 208 -22.43 10.49 45.41
C LYS G 208 -23.30 10.14 46.61
N SER G 209 -22.95 10.65 47.78
CA SER G 209 -23.61 10.26 49.01
C SER G 209 -24.05 11.49 49.78
N PHE G 210 -25.05 11.30 50.63
CA PHE G 210 -25.51 12.34 51.53
C PHE G 210 -26.02 11.71 52.81
N ASN G 211 -26.16 12.56 53.83
CA ASN G 211 -26.69 12.15 55.14
C ASN G 211 -27.91 12.97 55.45
N ARG G 212 -28.86 12.36 56.17
CA ARG G 212 -30.07 13.08 56.55
C ARG G 212 -29.74 14.21 57.51
N GLY G 213 -30.42 15.35 57.33
CA GLY G 213 -30.24 16.51 58.17
C GLY G 213 -29.26 17.53 57.65
N GLU G 214 -28.47 17.20 56.63
CA GLU G 214 -27.53 18.16 56.07
C GLU G 214 -28.28 19.27 55.34
N CYS G 215 -27.77 20.49 55.47
CA CYS G 215 -28.38 21.65 54.83
C CYS G 215 -27.71 21.95 53.49
N GLU H 1 -44.66 -2.37 -34.21
CA GLU H 1 -43.93 -3.00 -33.12
C GLU H 1 -43.39 -1.94 -32.16
N ILE H 2 -42.82 -2.40 -31.05
CA ILE H 2 -42.21 -1.50 -30.08
C ILE H 2 -40.73 -1.38 -30.41
N VAL H 3 -40.33 -0.21 -30.91
CA VAL H 3 -38.96 0.04 -31.33
C VAL H 3 -38.19 0.61 -30.14
N MET H 4 -37.16 -0.09 -29.72
CA MET H 4 -36.50 0.19 -28.45
C MET H 4 -34.99 0.21 -28.64
N THR H 5 -34.37 1.25 -28.09
CA THR H 5 -33.02 1.68 -28.47
C THR H 5 -32.10 1.64 -27.26
N GLN H 6 -30.83 1.31 -27.50
CA GLN H 6 -29.84 1.23 -26.45
C GLN H 6 -28.78 2.31 -26.61
N SER H 7 -28.30 2.82 -25.48
CA SER H 7 -27.29 3.86 -25.47
C SER H 7 -26.28 3.59 -24.34
N PRO H 8 -24.99 3.80 -24.60
CA PRO H 8 -24.45 4.09 -25.93
C PRO H 8 -24.28 2.81 -26.74
N ALA H 9 -24.01 2.93 -28.03
CA ALA H 9 -23.74 1.74 -28.83
C ALA H 9 -22.51 1.00 -28.31
N THR H 10 -21.46 1.74 -27.95
CA THR H 10 -20.27 1.18 -27.35
C THR H 10 -19.93 1.96 -26.10
N LEU H 11 -19.68 1.25 -25.00
CA LEU H 11 -19.37 1.87 -23.71
C LEU H 11 -17.95 1.51 -23.34
N SER H 12 -17.06 2.49 -23.35
CA SER H 12 -15.67 2.30 -22.97
C SER H 12 -15.52 2.56 -21.47
N VAL H 13 -15.31 1.49 -20.71
CA VAL H 13 -15.17 1.56 -19.27
C VAL H 13 -13.96 0.73 -18.85
N SER H 14 -13.02 1.36 -18.14
CA SER H 14 -11.89 0.63 -17.61
C SER H 14 -12.35 -0.24 -16.43
N PRO H 15 -11.68 -1.36 -16.20
CA PRO H 15 -12.10 -2.27 -15.12
C PRO H 15 -12.11 -1.57 -13.78
N GLY H 16 -13.12 -1.90 -12.96
CA GLY H 16 -13.25 -1.32 -11.64
C GLY H 16 -14.13 -0.10 -11.55
N GLU H 17 -14.49 0.52 -12.67
CA GLU H 17 -15.31 1.71 -12.65
C GLU H 17 -16.79 1.35 -12.64
N ARG H 18 -17.63 2.38 -12.79
CA ARG H 18 -19.08 2.24 -12.78
C ARG H 18 -19.60 2.42 -14.21
N ALA H 19 -20.44 1.49 -14.64
CA ALA H 19 -20.98 1.50 -15.99
C ALA H 19 -22.49 1.59 -15.96
N THR H 20 -23.05 2.44 -16.82
CA THR H 20 -24.48 2.63 -16.92
C THR H 20 -24.91 2.48 -18.37
N LEU H 21 -25.91 1.63 -18.60
CA LEU H 21 -26.43 1.33 -19.93
C LEU H 21 -27.90 1.72 -19.95
N SER H 22 -28.30 2.54 -20.92
CA SER H 22 -29.65 3.07 -21.00
C SER H 22 -30.44 2.37 -22.09
N CYS H 23 -31.68 2.02 -21.78
CA CYS H 23 -32.60 1.45 -22.75
C CYS H 23 -33.85 2.33 -22.78
N SER H 24 -34.16 2.86 -23.95
CA SER H 24 -35.31 3.73 -24.15
C SER H 24 -36.34 3.03 -25.02
N VAL H 25 -37.58 3.00 -24.56
CA VAL H 25 -38.66 2.26 -25.21
C VAL H 25 -39.60 3.25 -25.86
N SER H 26 -40.03 2.95 -27.09
CA SER H 26 -40.89 3.88 -27.83
C SER H 26 -42.21 4.11 -27.13
N SER H 27 -42.80 3.06 -26.55
CA SER H 27 -44.04 3.16 -25.82
C SER H 27 -43.81 2.70 -24.39
N SER H 28 -44.54 3.31 -23.46
CA SER H 28 -44.40 2.96 -22.06
C SER H 28 -44.80 1.50 -21.84
N ILE H 29 -43.94 0.77 -21.13
CA ILE H 29 -44.17 -0.63 -20.83
C ILE H 29 -44.03 -0.84 -19.34
N SER H 30 -44.60 -1.94 -18.86
CA SER H 30 -44.51 -2.26 -17.45
C SER H 30 -43.07 -2.55 -17.05
N SER H 31 -42.74 -2.27 -15.79
CA SER H 31 -41.39 -2.49 -15.31
C SER H 31 -41.02 -3.97 -15.38
N SER H 32 -41.98 -4.85 -15.09
CA SER H 32 -41.74 -6.29 -15.14
C SER H 32 -41.58 -6.81 -16.56
N ASN H 33 -41.85 -5.99 -17.57
CA ASN H 33 -41.85 -6.43 -18.96
C ASN H 33 -40.50 -6.26 -19.65
N LEU H 34 -39.48 -5.77 -18.97
CA LEU H 34 -38.18 -5.53 -19.58
C LEU H 34 -37.17 -6.50 -18.97
N HIS H 35 -36.39 -7.15 -19.82
CA HIS H 35 -35.35 -8.07 -19.40
C HIS H 35 -34.02 -7.66 -20.01
N TRP H 36 -32.94 -8.04 -19.33
CA TRP H 36 -31.59 -7.76 -19.80
C TRP H 36 -30.86 -9.07 -19.99
N TYR H 37 -30.17 -9.21 -21.13
CA TYR H 37 -29.39 -10.38 -21.46
C TYR H 37 -27.95 -9.97 -21.75
N GLN H 38 -27.03 -10.85 -21.38
CA GLN H 38 -25.61 -10.66 -21.67
C GLN H 38 -25.15 -11.72 -22.66
N GLN H 39 -24.39 -11.29 -23.66
CA GLN H 39 -23.86 -12.18 -24.67
C GLN H 39 -22.36 -11.93 -24.84
N LYS H 40 -21.60 -13.00 -24.82
CA LYS H 40 -20.18 -12.97 -25.15
C LYS H 40 -19.97 -13.56 -26.54
N PRO H 41 -18.92 -13.15 -27.25
CA PRO H 41 -18.74 -13.61 -28.63
C PRO H 41 -18.71 -15.13 -28.71
N GLY H 42 -19.43 -15.66 -29.69
CA GLY H 42 -19.50 -17.10 -29.88
C GLY H 42 -20.36 -17.84 -28.89
N GLN H 43 -21.23 -17.15 -28.15
CA GLN H 43 -22.06 -17.78 -27.13
C GLN H 43 -23.48 -17.25 -27.23
N ALA H 44 -24.42 -18.07 -26.75
CA ALA H 44 -25.81 -17.68 -26.70
C ALA H 44 -26.03 -16.62 -25.62
N PRO H 45 -27.04 -15.77 -25.78
CA PRO H 45 -27.35 -14.79 -24.74
C PRO H 45 -27.76 -15.47 -23.45
N ARG H 46 -27.47 -14.81 -22.33
CA ARG H 46 -27.76 -15.35 -21.02
C ARG H 46 -28.76 -14.45 -20.30
N PRO H 47 -29.88 -15.00 -19.81
CA PRO H 47 -30.81 -14.18 -19.02
C PRO H 47 -30.09 -13.57 -17.83
N TRP H 48 -30.16 -12.25 -17.71
CA TRP H 48 -29.24 -11.55 -16.84
C TRP H 48 -29.94 -10.70 -15.79
N ILE H 49 -30.99 -9.96 -16.18
CA ILE H 49 -31.77 -9.16 -15.23
C ILE H 49 -33.25 -9.28 -15.57
N TYR H 50 -34.07 -9.50 -14.55
CA TYR H 50 -35.48 -9.82 -14.73
C TYR H 50 -36.32 -8.60 -14.41
N GLY H 51 -37.30 -8.31 -15.26
CA GLY H 51 -38.30 -7.30 -14.89
C GLY H 51 -37.70 -5.98 -14.48
N THR H 52 -36.61 -5.58 -15.13
CA THR H 52 -35.93 -4.30 -14.95
C THR H 52 -35.15 -4.23 -13.64
N SER H 53 -35.39 -5.16 -12.72
CA SER H 53 -34.74 -5.04 -11.41
C SER H 53 -34.24 -6.35 -10.81
N ASN H 54 -34.66 -7.51 -11.28
CA ASN H 54 -34.38 -8.77 -10.59
C ASN H 54 -33.22 -9.48 -11.27
N LEU H 55 -32.16 -9.74 -10.51
CA LEU H 55 -31.04 -10.51 -11.02
C LEU H 55 -31.45 -11.96 -11.23
N ALA H 56 -30.89 -12.58 -12.25
CA ALA H 56 -31.17 -13.98 -12.52
C ALA H 56 -30.27 -14.86 -11.65
N SER H 57 -30.24 -16.15 -11.92
CA SER H 57 -29.51 -17.10 -11.07
C SER H 57 -28.02 -17.05 -11.40
N GLY H 58 -27.21 -16.73 -10.39
CA GLY H 58 -25.77 -16.74 -10.52
C GLY H 58 -25.15 -15.39 -10.81
N ILE H 59 -25.93 -14.43 -11.28
CA ILE H 59 -25.39 -13.09 -11.58
C ILE H 59 -25.06 -12.38 -10.27
N PRO H 60 -23.85 -11.83 -10.13
CA PRO H 60 -23.44 -11.26 -8.84
C PRO H 60 -24.16 -9.96 -8.54
N ALA H 61 -23.92 -9.47 -7.32
CA ALA H 61 -24.59 -8.28 -6.83
C ALA H 61 -24.11 -7.00 -7.48
N ARG H 62 -23.03 -7.04 -8.27
CA ARG H 62 -22.55 -5.84 -8.94
C ARG H 62 -23.61 -5.26 -9.87
N PHE H 63 -24.35 -6.13 -10.53
CA PHE H 63 -25.34 -5.70 -11.51
C PHE H 63 -26.64 -5.32 -10.83
N SER H 64 -27.25 -4.23 -11.32
CA SER H 64 -28.55 -3.79 -10.83
C SER H 64 -29.29 -3.17 -11.99
N GLY H 65 -30.60 -3.06 -11.84
CA GLY H 65 -31.43 -2.41 -12.85
C GLY H 65 -32.42 -1.48 -12.20
N SER H 66 -32.78 -0.44 -12.94
CA SER H 66 -33.72 0.54 -12.41
C SER H 66 -34.33 1.33 -13.57
N GLY H 67 -35.63 1.45 -13.58
CA GLY H 67 -36.29 2.22 -14.61
C GLY H 67 -37.78 1.99 -14.60
N SER H 68 -38.46 2.79 -15.44
CA SER H 68 -39.90 2.69 -15.56
C SER H 68 -40.31 3.33 -16.88
N GLY H 69 -41.54 3.01 -17.31
CA GLY H 69 -42.13 3.62 -18.47
C GLY H 69 -41.27 3.47 -19.71
N THR H 70 -40.66 4.58 -20.13
CA THR H 70 -39.81 4.61 -21.31
C THR H 70 -38.36 4.30 -20.99
N GLU H 71 -37.85 4.76 -19.84
CA GLU H 71 -36.42 4.77 -19.59
C GLU H 71 -36.05 3.73 -18.56
N PHE H 72 -35.07 2.89 -18.89
CA PHE H 72 -34.52 1.91 -17.97
C PHE H 72 -33.01 1.93 -18.05
N THR H 73 -32.36 1.46 -16.99
CA THR H 73 -30.90 1.46 -16.92
C THR H 73 -30.42 0.18 -16.26
N LEU H 74 -29.32 -0.34 -16.79
CA LEU H 74 -28.55 -1.42 -16.18
C LEU H 74 -27.23 -0.84 -15.70
N THR H 75 -26.92 -1.06 -14.43
CA THR H 75 -25.77 -0.42 -13.80
C THR H 75 -24.86 -1.48 -13.18
N ILE H 76 -23.57 -1.37 -13.46
CA ILE H 76 -22.53 -2.17 -12.81
C ILE H 76 -21.72 -1.24 -11.93
N SER H 77 -21.65 -1.55 -10.64
CA SER H 77 -20.93 -0.69 -9.71
C SER H 77 -19.41 -0.78 -9.93
N SER H 78 -18.89 -1.99 -10.09
CA SER H 78 -17.46 -2.21 -10.27
C SER H 78 -17.29 -3.20 -11.42
N VAL H 79 -16.99 -2.67 -12.61
CA VAL H 79 -16.82 -3.52 -13.79
C VAL H 79 -15.59 -4.39 -13.62
N GLN H 80 -15.76 -5.69 -13.82
CA GLN H 80 -14.66 -6.64 -13.76
C GLN H 80 -14.33 -7.13 -15.17
N ALA H 81 -13.23 -7.88 -15.27
CA ALA H 81 -12.74 -8.33 -16.56
C ALA H 81 -13.74 -9.23 -17.26
N GLU H 82 -14.62 -9.89 -16.51
CA GLU H 82 -15.60 -10.81 -17.08
C GLU H 82 -16.89 -10.10 -17.47
N ASP H 83 -17.01 -8.80 -17.25
CA ASP H 83 -18.24 -8.07 -17.50
C ASP H 83 -18.26 -7.35 -18.84
N PHE H 84 -17.23 -7.51 -19.66
CA PHE H 84 -17.14 -6.85 -20.96
C PHE H 84 -17.80 -7.75 -22.00
N ALA H 85 -18.95 -7.32 -22.51
CA ALA H 85 -19.79 -8.15 -23.37
C ALA H 85 -20.88 -7.26 -23.94
N VAL H 86 -21.77 -7.85 -24.73
CA VAL H 86 -22.87 -7.13 -25.36
C VAL H 86 -24.12 -7.35 -24.52
N TYR H 87 -24.75 -6.26 -24.10
CA TYR H 87 -25.95 -6.32 -23.28
C TYR H 87 -27.14 -5.88 -24.11
N TYR H 88 -28.20 -6.69 -24.09
CA TYR H 88 -29.42 -6.44 -24.84
C TYR H 88 -30.56 -6.24 -23.87
N CYS H 89 -31.35 -5.19 -24.09
CA CYS H 89 -32.62 -5.03 -23.40
C CYS H 89 -33.73 -5.50 -24.32
N GLN H 90 -34.67 -6.26 -23.76
CA GLN H 90 -35.74 -6.87 -24.51
C GLN H 90 -37.06 -6.64 -23.82
N GLN H 91 -38.08 -6.24 -24.58
CA GLN H 91 -39.40 -6.03 -24.03
C GLN H 91 -40.20 -7.32 -24.06
N TRP H 92 -41.00 -7.52 -23.02
CA TRP H 92 -41.93 -8.63 -22.93
C TRP H 92 -43.38 -8.14 -22.90
N SER H 93 -43.63 -6.95 -23.43
CA SER H 93 -44.95 -6.34 -23.29
C SER H 93 -45.93 -6.90 -24.33
N SER H 94 -45.56 -6.87 -25.60
CA SER H 94 -46.46 -7.32 -26.65
C SER H 94 -45.66 -7.89 -27.80
N TYR H 95 -46.33 -8.73 -28.60
CA TYR H 95 -45.73 -9.29 -29.80
C TYR H 95 -45.71 -8.24 -30.90
N PRO H 96 -44.66 -8.21 -31.73
CA PRO H 96 -43.47 -9.06 -31.71
C PRO H 96 -42.48 -8.67 -30.64
N LEU H 97 -41.77 -9.64 -30.07
CA LEU H 97 -40.67 -9.32 -29.18
C LEU H 97 -39.60 -8.54 -29.92
N THR H 98 -39.09 -7.49 -29.29
CA THR H 98 -38.04 -6.68 -29.88
C THR H 98 -36.89 -6.56 -28.88
N PHE H 99 -35.68 -6.58 -29.42
CA PHE H 99 -34.47 -6.46 -28.64
C PHE H 99 -33.78 -5.14 -28.98
N GLY H 100 -33.00 -4.64 -28.03
CA GLY H 100 -32.16 -3.50 -28.31
C GLY H 100 -31.05 -3.86 -29.27
N GLN H 101 -30.47 -2.82 -29.89
CA GLN H 101 -29.36 -3.06 -30.80
C GLN H 101 -28.14 -3.62 -30.10
N GLY H 102 -28.09 -3.52 -28.77
CA GLY H 102 -26.99 -4.04 -28.00
C GLY H 102 -25.99 -2.98 -27.63
N THR H 103 -25.51 -3.00 -26.39
CA THR H 103 -24.44 -2.12 -25.94
C THR H 103 -23.22 -2.97 -25.64
N LYS H 104 -22.12 -2.67 -26.33
CA LYS H 104 -20.87 -3.43 -26.18
C LYS H 104 -20.05 -2.78 -25.09
N LEU H 105 -20.21 -3.26 -23.86
CA LEU H 105 -19.38 -2.80 -22.76
C LEU H 105 -17.99 -3.39 -22.94
N GLU H 106 -16.98 -2.53 -23.14
CA GLU H 106 -15.66 -2.94 -23.58
C GLU H 106 -14.59 -2.16 -22.83
N ILE H 107 -13.38 -2.73 -22.79
CA ILE H 107 -12.32 -2.23 -21.92
C ILE H 107 -11.81 -0.89 -22.44
N LYS H 108 -11.70 0.08 -21.53
CA LYS H 108 -11.12 1.38 -21.85
C LYS H 108 -9.67 1.40 -21.44
N ARG H 109 -8.83 2.06 -22.24
CA ARG H 109 -7.41 2.17 -21.96
C ARG H 109 -6.90 3.43 -22.66
N THR H 110 -5.59 3.66 -22.52
CA THR H 110 -4.98 4.84 -23.11
C THR H 110 -5.00 4.76 -24.64
N VAL H 111 -5.11 5.92 -25.29
CA VAL H 111 -5.15 5.96 -26.73
C VAL H 111 -3.80 5.56 -27.31
N ALA H 112 -3.82 4.61 -28.23
CA ALA H 112 -2.61 4.13 -28.89
C ALA H 112 -2.76 4.28 -30.40
N ALA H 113 -1.75 4.88 -31.03
CA ALA H 113 -1.77 5.05 -32.47
C ALA H 113 -1.43 3.73 -33.17
N PRO H 114 -2.15 3.39 -34.24
CA PRO H 114 -1.85 2.15 -34.96
C PRO H 114 -0.49 2.19 -35.64
N SER H 115 0.14 1.02 -35.71
CA SER H 115 1.28 0.82 -36.59
C SER H 115 0.73 0.40 -37.95
N VAL H 116 1.03 1.19 -38.98
CA VAL H 116 0.42 1.02 -40.30
C VAL H 116 1.45 0.39 -41.22
N PHE H 117 1.10 -0.75 -41.79
CA PHE H 117 1.91 -1.44 -42.78
C PHE H 117 1.09 -1.63 -44.05
N ILE H 118 1.77 -1.71 -45.18
CA ILE H 118 1.11 -1.95 -46.47
C ILE H 118 1.81 -3.11 -47.16
N PHE H 119 1.02 -4.04 -47.69
CA PHE H 119 1.51 -5.22 -48.38
C PHE H 119 0.95 -5.23 -49.80
N PRO H 120 1.80 -5.13 -50.82
CA PRO H 120 1.35 -5.29 -52.19
C PRO H 120 1.00 -6.73 -52.48
N PRO H 121 0.19 -6.99 -53.50
CA PRO H 121 -0.15 -8.38 -53.85
C PRO H 121 1.08 -9.17 -54.25
N SER H 122 1.09 -10.44 -53.87
CA SER H 122 2.22 -11.30 -54.15
C SER H 122 2.23 -11.73 -55.61
N ASP H 123 3.33 -12.34 -56.04
CA ASP H 123 3.42 -12.84 -57.40
C ASP H 123 2.42 -13.96 -57.65
N GLU H 124 2.22 -14.83 -56.67
CA GLU H 124 1.27 -15.92 -56.84
C GLU H 124 -0.13 -15.39 -57.09
N GLN H 125 -0.54 -14.37 -56.34
CA GLN H 125 -1.85 -13.77 -56.57
C GLN H 125 -1.93 -13.12 -57.95
N LEU H 126 -0.85 -12.47 -58.38
CA LEU H 126 -0.82 -11.84 -59.69
C LEU H 126 -0.96 -12.84 -60.82
N LYS H 127 -0.32 -14.01 -60.72
CA LYS H 127 -0.55 -15.07 -61.70
C LYS H 127 -1.90 -15.73 -61.54
N SER H 128 -2.52 -15.65 -60.35
CA SER H 128 -3.87 -16.19 -60.19
C SER H 128 -4.88 -15.42 -61.03
N GLY H 129 -4.77 -14.08 -61.06
CA GLY H 129 -5.65 -13.28 -61.87
C GLY H 129 -6.25 -12.09 -61.16
N THR H 130 -5.90 -11.90 -59.88
CA THR H 130 -6.40 -10.79 -59.09
C THR H 130 -5.24 -10.18 -58.32
N ALA H 131 -5.53 -9.12 -57.57
CA ALA H 131 -4.51 -8.45 -56.77
C ALA H 131 -5.18 -7.85 -55.53
N SER H 132 -4.69 -8.23 -54.35
CA SER H 132 -5.23 -7.76 -53.09
C SER H 132 -4.15 -7.00 -52.33
N VAL H 133 -4.34 -5.69 -52.20
CA VAL H 133 -3.42 -4.83 -51.46
C VAL H 133 -3.94 -4.73 -50.03
N VAL H 134 -3.08 -5.02 -49.06
CA VAL H 134 -3.50 -5.14 -47.67
C VAL H 134 -2.90 -4.00 -46.86
N CYS H 135 -3.75 -3.33 -46.07
CA CYS H 135 -3.31 -2.30 -45.14
C CYS H 135 -3.60 -2.79 -43.72
N LEU H 136 -2.55 -2.83 -42.90
CA LEU H 136 -2.62 -3.36 -41.55
C LEU H 136 -2.45 -2.23 -40.56
N LEU H 137 -3.45 -2.04 -39.70
CA LEU H 137 -3.41 -1.07 -38.60
C LEU H 137 -3.32 -1.91 -37.33
N ASN H 138 -2.11 -2.06 -36.80
CA ASN H 138 -1.85 -3.02 -35.75
C ASN H 138 -1.73 -2.29 -34.42
N ASN H 139 -2.42 -2.81 -33.39
CA ASN H 139 -2.35 -2.32 -32.02
C ASN H 139 -2.75 -0.84 -31.92
N PHE H 140 -4.02 -0.59 -32.13
CA PHE H 140 -4.57 0.75 -31.96
C PHE H 140 -5.77 0.74 -31.02
N TYR H 141 -6.01 1.89 -30.39
CA TYR H 141 -7.17 2.13 -29.55
C TYR H 141 -7.43 3.62 -29.58
N PRO H 142 -8.70 4.07 -29.65
CA PRO H 142 -9.94 3.30 -29.67
C PRO H 142 -10.21 2.58 -30.99
N ARG H 143 -11.30 1.81 -31.03
CA ARG H 143 -11.64 1.03 -32.21
C ARG H 143 -11.89 1.92 -33.43
N GLU H 144 -12.33 3.15 -33.23
CA GLU H 144 -12.66 4.02 -34.34
C GLU H 144 -11.40 4.42 -35.10
N ALA H 145 -11.16 3.76 -36.23
CA ALA H 145 -10.06 4.10 -37.12
C ALA H 145 -10.62 4.14 -38.53
N LYS H 146 -10.13 5.10 -39.33
CA LYS H 146 -10.75 5.41 -40.61
C LYS H 146 -9.68 5.34 -41.69
N VAL H 147 -9.97 4.61 -42.78
CA VAL H 147 -8.98 4.25 -43.78
C VAL H 147 -9.50 4.60 -45.16
N GLN H 148 -8.65 5.25 -45.97
CA GLN H 148 -8.90 5.42 -47.39
C GLN H 148 -7.79 4.75 -48.19
N TRP H 149 -8.14 4.38 -49.42
CA TRP H 149 -7.19 3.87 -50.40
C TRP H 149 -7.03 4.90 -51.51
N LYS H 150 -5.78 5.21 -51.84
CA LYS H 150 -5.44 6.11 -52.93
C LYS H 150 -4.77 5.33 -54.05
N VAL H 151 -5.28 5.48 -55.26
CA VAL H 151 -4.69 4.85 -56.44
C VAL H 151 -4.23 5.98 -57.35
N ASP H 152 -2.92 6.08 -57.55
CA ASP H 152 -2.30 7.17 -58.30
C ASP H 152 -2.75 8.52 -57.75
N ASN H 153 -2.77 8.62 -56.43
CA ASN H 153 -3.21 9.78 -55.67
C ASN H 153 -4.64 10.15 -56.03
N ALA H 154 -5.48 9.16 -56.32
CA ALA H 154 -6.90 9.38 -56.57
C ALA H 154 -7.70 8.50 -55.61
N LEU H 155 -8.73 9.08 -55.00
CA LEU H 155 -9.54 8.35 -54.04
C LEU H 155 -10.28 7.19 -54.73
N GLN H 156 -10.28 6.04 -54.06
CA GLN H 156 -10.98 4.86 -54.54
C GLN H 156 -11.83 4.30 -53.40
N SER H 157 -13.04 3.86 -53.74
CA SER H 157 -13.98 3.40 -52.74
C SER H 157 -14.93 2.40 -53.36
N GLY H 158 -15.63 1.66 -52.50
CA GLY H 158 -16.61 0.69 -52.93
C GLY H 158 -16.06 -0.68 -53.27
N ASN H 159 -14.75 -0.89 -53.15
CA ASN H 159 -14.15 -2.18 -53.49
C ASN H 159 -13.10 -2.59 -52.46
N SER H 160 -13.17 -2.06 -51.25
CA SER H 160 -12.26 -2.40 -50.17
C SER H 160 -13.04 -2.94 -48.99
N GLN H 161 -12.58 -4.06 -48.45
CA GLN H 161 -13.26 -4.74 -47.34
C GLN H 161 -12.31 -4.82 -46.16
N GLU H 162 -12.78 -4.39 -44.99
CA GLU H 162 -11.95 -4.36 -43.80
C GLU H 162 -12.54 -5.23 -42.71
N SER H 163 -11.64 -5.83 -41.92
CA SER H 163 -12.02 -6.68 -40.80
C SER H 163 -11.14 -6.33 -39.60
N VAL H 164 -11.77 -6.32 -38.41
CA VAL H 164 -11.12 -5.90 -37.18
C VAL H 164 -11.16 -7.05 -36.19
N THR H 165 -10.01 -7.34 -35.57
CA THR H 165 -9.96 -8.35 -34.53
C THR H 165 -10.74 -7.90 -33.30
N GLU H 166 -11.16 -8.87 -32.51
CA GLU H 166 -11.76 -8.57 -31.22
C GLU H 166 -10.71 -7.93 -30.32
N GLN H 167 -11.18 -7.16 -29.34
CA GLN H 167 -10.28 -6.43 -28.46
C GLN H 167 -9.31 -7.39 -27.78
N ASP H 168 -8.02 -7.03 -27.81
CA ASP H 168 -6.98 -7.93 -27.36
C ASP H 168 -7.11 -8.22 -25.86
N SER H 169 -6.71 -9.43 -25.48
CA SER H 169 -6.84 -9.83 -24.09
C SER H 169 -5.80 -9.16 -23.19
N LYS H 170 -4.56 -9.06 -23.66
CA LYS H 170 -3.47 -8.64 -22.81
C LYS H 170 -3.24 -7.13 -22.80
N ASP H 171 -3.44 -6.45 -23.93
CA ASP H 171 -3.25 -5.01 -23.98
C ASP H 171 -4.48 -4.24 -24.44
N SER H 172 -5.60 -4.92 -24.69
CA SER H 172 -6.88 -4.28 -24.98
C SER H 172 -6.82 -3.35 -26.19
N THR H 173 -6.02 -3.71 -27.19
CA THR H 173 -5.93 -2.94 -28.42
C THR H 173 -6.59 -3.71 -29.55
N TYR H 174 -6.90 -2.98 -30.63
CA TYR H 174 -7.52 -3.54 -31.81
C TYR H 174 -6.50 -3.69 -32.92
N SER H 175 -6.87 -4.46 -33.94
CA SER H 175 -6.09 -4.57 -35.16
C SER H 175 -7.04 -4.65 -36.33
N LEU H 176 -6.74 -3.90 -37.38
CA LEU H 176 -7.60 -3.76 -38.54
C LEU H 176 -6.83 -4.16 -39.79
N SER H 177 -7.51 -4.84 -40.71
CA SER H 177 -6.94 -5.20 -42.00
C SER H 177 -7.92 -4.79 -43.08
N SER H 178 -7.48 -3.90 -43.97
CA SER H 178 -8.28 -3.45 -45.10
C SER H 178 -7.68 -4.03 -46.37
N THR H 179 -8.48 -4.79 -47.11
CA THR H 179 -8.03 -5.41 -48.35
C THR H 179 -8.71 -4.72 -49.51
N LEU H 180 -7.91 -4.19 -50.43
CA LEU H 180 -8.39 -3.60 -51.67
C LEU H 180 -8.18 -4.63 -52.78
N THR H 181 -9.28 -5.09 -53.38
CA THR H 181 -9.25 -6.15 -54.37
C THR H 181 -9.45 -5.55 -55.76
N LEU H 182 -8.53 -5.83 -56.67
CA LEU H 182 -8.60 -5.34 -58.04
C LEU H 182 -8.28 -6.48 -58.99
N SER H 183 -8.64 -6.29 -60.25
CA SER H 183 -8.22 -7.22 -61.28
C SER H 183 -6.77 -6.96 -61.65
N LYS H 184 -6.25 -7.77 -62.58
CA LYS H 184 -4.90 -7.55 -63.06
C LYS H 184 -4.79 -6.21 -63.79
N ALA H 185 -5.67 -5.98 -64.76
CA ALA H 185 -5.62 -4.74 -65.53
C ALA H 185 -5.62 -3.52 -64.62
N ASP H 186 -6.55 -3.49 -63.65
CA ASP H 186 -6.59 -2.37 -62.73
C ASP H 186 -5.29 -2.24 -61.94
N TYR H 187 -4.63 -3.35 -61.65
CA TYR H 187 -3.42 -3.29 -60.85
C TYR H 187 -2.25 -2.72 -61.65
N GLU H 188 -2.06 -3.17 -62.89
CA GLU H 188 -0.95 -2.64 -63.68
C GLU H 188 -1.30 -1.43 -64.54
N LYS H 189 -2.45 -0.79 -64.33
CA LYS H 189 -2.65 0.52 -64.93
C LYS H 189 -2.13 1.66 -64.06
N HIS H 190 -1.60 1.37 -62.87
CA HIS H 190 -1.18 2.40 -61.94
C HIS H 190 0.18 2.04 -61.36
N LYS H 191 0.85 3.05 -60.79
CA LYS H 191 2.19 2.89 -60.25
C LYS H 191 2.27 2.99 -58.74
N VAL H 192 1.57 3.95 -58.13
CA VAL H 192 1.64 4.18 -56.69
C VAL H 192 0.31 3.81 -56.06
N TYR H 193 0.35 3.00 -55.00
CA TYR H 193 -0.83 2.66 -54.23
C TYR H 193 -0.59 3.05 -52.79
N ALA H 194 -1.55 3.75 -52.19
CA ALA H 194 -1.38 4.34 -50.87
C ALA H 194 -2.54 3.99 -49.98
N CYS H 195 -2.24 3.85 -48.69
CA CYS H 195 -3.23 3.67 -47.64
C CYS H 195 -3.11 4.85 -46.68
N GLU H 196 -4.20 5.60 -46.51
CA GLU H 196 -4.21 6.75 -45.63
C GLU H 196 -5.09 6.47 -44.43
N VAL H 197 -4.53 6.66 -43.24
CA VAL H 197 -5.17 6.30 -41.98
C VAL H 197 -5.35 7.55 -41.15
N THR H 198 -6.59 7.77 -40.69
CA THR H 198 -6.91 8.81 -39.73
C THR H 198 -7.41 8.12 -38.46
N HIS H 199 -6.85 8.55 -37.32
CA HIS H 199 -7.16 7.94 -36.04
C HIS H 199 -6.97 8.99 -34.96
N GLN H 200 -7.58 8.72 -33.79
CA GLN H 200 -7.47 9.66 -32.68
C GLN H 200 -6.03 9.82 -32.22
N GLY H 201 -5.28 8.72 -32.19
CA GLY H 201 -3.90 8.75 -31.74
C GLY H 201 -2.91 9.34 -32.71
N LEU H 202 -3.35 9.78 -33.88
CA LEU H 202 -2.47 10.38 -34.88
C LEU H 202 -2.67 11.89 -34.90
N SER H 203 -1.57 12.64 -34.78
CA SER H 203 -1.65 14.09 -34.96
C SER H 203 -2.08 14.43 -36.38
N SER H 204 -1.55 13.70 -37.37
CA SER H 204 -1.93 13.84 -38.75
C SER H 204 -2.15 12.46 -39.36
N PRO H 205 -3.01 12.34 -40.36
CA PRO H 205 -3.19 11.05 -41.02
C PRO H 205 -1.88 10.54 -41.59
N VAL H 206 -1.66 9.24 -41.46
CA VAL H 206 -0.43 8.61 -41.94
C VAL H 206 -0.71 7.93 -43.27
N THR H 207 0.18 8.15 -44.23
CA THR H 207 0.04 7.57 -45.56
C THR H 207 1.20 6.63 -45.81
N LYS H 208 0.88 5.37 -46.07
CA LYS H 208 1.87 4.36 -46.44
C LYS H 208 1.67 4.01 -47.90
N SER H 209 2.71 4.21 -48.71
CA SER H 209 2.62 4.08 -50.15
C SER H 209 3.65 3.08 -50.65
N PHE H 210 3.31 2.40 -51.74
CA PHE H 210 4.26 1.53 -52.41
C PHE H 210 4.14 1.71 -53.92
N ASN H 211 5.25 1.41 -54.60
CA ASN H 211 5.34 1.47 -56.05
C ASN H 211 5.60 0.07 -56.60
N ARG H 212 4.96 -0.24 -57.72
CA ARG H 212 5.14 -1.55 -58.33
C ARG H 212 6.55 -1.70 -58.88
N GLY H 213 7.11 -2.90 -58.72
CA GLY H 213 8.42 -3.18 -59.28
C GLY H 213 9.49 -3.51 -58.26
N GLU H 214 9.45 -2.84 -57.12
CA GLU H 214 10.46 -3.05 -56.09
C GLU H 214 10.32 -4.42 -55.46
N CYS H 215 11.45 -4.97 -55.02
CA CYS H 215 11.47 -6.28 -54.37
C CYS H 215 11.29 -6.15 -52.86
N TYR I 1 -68.31 -12.03 -12.20
CA TYR I 1 -67.72 -10.74 -12.51
C TYR I 1 -66.92 -10.79 -13.80
N ASP I 2 -67.12 -9.79 -14.66
CA ASP I 2 -66.37 -9.70 -15.91
C ASP I 2 -65.09 -8.90 -15.71
N PHE I 3 -63.97 -9.49 -16.13
CA PHE I 3 -62.66 -8.88 -15.95
C PHE I 3 -62.19 -8.12 -17.18
N THR I 4 -63.13 -7.62 -17.99
CA THR I 4 -62.74 -6.96 -19.23
C THR I 4 -62.06 -5.63 -18.97
N ASN I 5 -62.49 -4.91 -17.94
CA ASN I 5 -62.01 -3.55 -17.69
C ASN I 5 -60.88 -3.49 -16.67
N CYS I 6 -60.29 -4.62 -16.30
CA CYS I 6 -59.21 -4.63 -15.33
C CYS I 6 -57.94 -4.01 -15.91
N ASP I 7 -57.00 -3.70 -15.03
CA ASP I 7 -55.68 -3.25 -15.42
C ASP I 7 -54.77 -4.47 -15.43
N PHE I 8 -54.63 -5.08 -16.61
CA PHE I 8 -53.96 -6.37 -16.69
C PHE I 8 -52.46 -6.26 -16.45
N GLU I 9 -51.84 -5.14 -16.81
CA GLU I 9 -50.39 -5.03 -16.66
C GLU I 9 -50.00 -4.96 -15.19
N LYS I 10 -50.76 -4.23 -14.37
CA LYS I 10 -50.44 -4.14 -12.96
C LYS I 10 -50.67 -5.47 -12.26
N ILE I 11 -51.73 -6.19 -12.64
CA ILE I 11 -51.98 -7.51 -12.08
C ILE I 11 -50.85 -8.47 -12.48
N LYS I 12 -50.41 -8.39 -13.74
CA LYS I 12 -49.31 -9.24 -14.19
C LYS I 12 -48.03 -8.94 -13.42
N ALA I 13 -47.74 -7.65 -13.20
CA ALA I 13 -46.57 -7.28 -12.41
C ALA I 13 -46.67 -7.79 -10.98
N ALA I 14 -47.86 -7.68 -10.39
CA ALA I 14 -48.07 -8.18 -9.03
C ALA I 14 -47.86 -9.67 -8.95
N TYR I 15 -48.33 -10.42 -9.95
CA TYR I 15 -48.10 -11.86 -9.96
C TYR I 15 -46.63 -12.18 -10.12
N LEU I 16 -45.98 -11.59 -11.13
CA LEU I 16 -44.59 -11.90 -11.42
C LEU I 16 -43.67 -11.52 -10.28
N SER I 17 -44.03 -10.51 -9.49
CA SER I 17 -43.20 -10.07 -8.38
C SER I 17 -43.55 -10.78 -7.08
N THR I 18 -44.83 -10.91 -6.77
CA THR I 18 -45.26 -11.37 -5.46
C THR I 18 -46.06 -12.66 -5.49
N ILE I 19 -47.15 -12.71 -6.29
CA ILE I 19 -48.08 -13.83 -6.20
C ILE I 19 -47.42 -15.13 -6.65
N SER I 20 -46.56 -15.06 -7.67
CA SER I 20 -45.92 -16.26 -8.18
C SER I 20 -45.06 -16.92 -7.11
N LYS I 21 -44.36 -16.11 -6.32
CA LYS I 21 -43.47 -16.67 -5.30
C LYS I 21 -44.26 -17.48 -4.28
N ASP I 22 -45.36 -16.92 -3.78
CA ASP I 22 -46.20 -17.65 -2.84
C ASP I 22 -46.84 -18.87 -3.51
N LEU I 23 -47.19 -18.75 -4.78
CA LEU I 23 -47.79 -19.86 -5.50
C LEU I 23 -46.83 -21.04 -5.59
N ILE I 24 -45.56 -20.78 -5.86
CA ILE I 24 -44.57 -21.86 -5.88
C ILE I 24 -44.32 -22.39 -4.47
N THR I 25 -44.17 -21.50 -3.48
CA THR I 25 -43.90 -21.98 -2.13
C THR I 25 -45.06 -22.78 -1.56
N TYR I 26 -46.26 -22.63 -2.11
CA TYR I 26 -47.37 -23.48 -1.69
C TYR I 26 -47.15 -24.92 -2.13
N MET I 27 -46.47 -25.14 -3.26
CA MET I 27 -46.12 -26.49 -3.66
C MET I 27 -45.15 -27.15 -2.69
N SER I 28 -44.35 -26.36 -1.96
CA SER I 28 -43.37 -26.87 -1.01
C SER I 28 -42.42 -27.86 -1.69
N VAL I 39 -56.06 -27.35 -18.45
CA VAL I 39 -56.99 -26.33 -18.89
C VAL I 39 -56.24 -25.15 -19.47
N SER I 40 -56.97 -24.25 -20.13
CA SER I 40 -56.38 -23.07 -20.74
C SER I 40 -57.43 -21.98 -20.82
N CYS I 41 -57.01 -20.82 -21.34
CA CYS I 41 -57.90 -19.67 -21.48
C CYS I 41 -57.56 -18.94 -22.77
N SER I 42 -58.54 -18.18 -23.26
CA SER I 42 -58.42 -17.55 -24.58
C SER I 42 -57.72 -16.19 -24.52
N ASN I 43 -58.17 -15.29 -23.65
CA ASN I 43 -57.62 -13.96 -23.54
C ASN I 43 -57.52 -13.57 -22.08
N ARG I 44 -57.02 -12.36 -21.82
CA ARG I 44 -56.78 -11.91 -20.45
C ARG I 44 -58.04 -11.92 -19.59
N PRO I 45 -59.18 -11.37 -20.01
CA PRO I 45 -60.39 -11.48 -19.16
C PRO I 45 -60.81 -12.92 -18.90
N HIS I 46 -60.76 -13.78 -19.91
CA HIS I 46 -61.11 -15.18 -19.71
C HIS I 46 -60.12 -15.85 -18.77
N CYS I 47 -58.83 -15.54 -18.90
CA CYS I 47 -57.85 -16.09 -17.98
C CYS I 47 -58.16 -15.66 -16.55
N LEU I 48 -58.37 -14.36 -16.32
CA LEU I 48 -58.64 -13.88 -14.97
C LEU I 48 -59.91 -14.51 -14.41
N THR I 49 -60.90 -14.73 -15.26
CA THR I 49 -62.08 -15.48 -14.82
C THR I 49 -61.68 -16.88 -14.35
N GLU I 50 -60.78 -17.53 -15.09
CA GLU I 50 -60.34 -18.87 -14.71
C GLU I 50 -59.57 -18.85 -13.39
N ILE I 51 -58.66 -17.88 -13.19
CA ILE I 51 -57.96 -17.79 -11.90
C ILE I 51 -58.95 -17.54 -10.77
N GLN I 52 -59.90 -16.62 -10.96
CA GLN I 52 -60.89 -16.36 -9.92
C GLN I 52 -61.64 -17.65 -9.56
N SER I 53 -62.15 -18.35 -10.56
CA SER I 53 -62.92 -19.56 -10.30
C SER I 53 -62.07 -20.66 -9.68
N LEU I 54 -60.84 -20.81 -10.14
CA LEU I 54 -60.01 -21.92 -9.71
C LEU I 54 -59.32 -21.65 -8.38
N THR I 55 -59.27 -20.39 -7.93
CA THR I 55 -58.66 -20.04 -6.66
C THR I 55 -59.68 -19.86 -5.55
N PHE I 56 -60.74 -19.08 -5.80
CA PHE I 56 -61.65 -18.71 -4.72
C PHE I 56 -62.92 -19.55 -4.67
N ASN I 57 -63.27 -20.25 -5.74
CA ASN I 57 -64.43 -21.13 -5.71
C ASN I 57 -63.99 -22.53 -5.29
N PRO I 58 -64.56 -23.10 -4.23
CA PRO I 58 -64.13 -24.43 -3.79
C PRO I 58 -64.38 -25.48 -4.86
N THR I 59 -63.46 -26.45 -4.95
CA THR I 59 -63.56 -27.57 -5.86
C THR I 59 -63.80 -28.84 -5.07
N ALA I 60 -63.81 -29.97 -5.78
CA ALA I 60 -64.03 -31.27 -5.15
C ALA I 60 -62.82 -31.63 -4.30
N GLY I 61 -62.97 -31.50 -2.98
CA GLY I 61 -61.91 -31.85 -2.06
C GLY I 61 -61.02 -30.68 -1.66
N CYS I 62 -60.30 -30.10 -2.63
CA CYS I 62 -59.35 -29.04 -2.36
C CYS I 62 -60.09 -27.70 -2.27
N ALA I 63 -60.88 -27.56 -1.20
CA ALA I 63 -61.69 -26.37 -1.01
C ALA I 63 -60.98 -25.28 -0.21
N SER I 64 -59.97 -25.64 0.58
CA SER I 64 -59.30 -24.70 1.47
C SER I 64 -58.27 -23.84 0.75
N LEU I 65 -58.31 -23.77 -0.57
CA LEU I 65 -57.34 -22.98 -1.32
C LEU I 65 -57.64 -21.50 -1.33
N ALA I 66 -58.86 -21.11 -0.93
CA ALA I 66 -59.23 -19.70 -0.99
C ALA I 66 -58.58 -18.88 0.11
N LYS I 67 -58.16 -19.50 1.21
CA LYS I 67 -57.54 -18.81 2.31
C LYS I 67 -56.02 -18.87 2.29
N GLU I 68 -55.43 -19.46 1.25
CA GLU I 68 -53.98 -19.50 1.15
C GLU I 68 -53.43 -18.12 0.87
N MET I 69 -52.15 -17.94 1.17
CA MET I 69 -51.55 -16.61 1.07
C MET I 69 -51.52 -16.10 -0.36
N PHE I 70 -51.21 -16.96 -1.33
CA PHE I 70 -51.28 -16.54 -2.72
C PHE I 70 -52.71 -16.18 -3.12
N ALA I 71 -53.70 -16.85 -2.53
CA ALA I 71 -55.08 -16.48 -2.78
C ALA I 71 -55.40 -15.10 -2.20
N MET I 72 -54.85 -14.80 -1.02
CA MET I 72 -54.97 -13.45 -0.48
C MET I 72 -54.33 -12.41 -1.40
N LYS I 73 -53.16 -12.73 -1.95
CA LYS I 73 -52.50 -11.83 -2.88
C LYS I 73 -53.33 -11.63 -4.14
N THR I 74 -53.90 -12.71 -4.68
CA THR I 74 -54.73 -12.60 -5.87
C THR I 74 -55.96 -11.75 -5.59
N LYS I 75 -56.60 -11.95 -4.44
CA LYS I 75 -57.75 -11.14 -4.08
C LYS I 75 -57.37 -9.67 -3.95
N ALA I 76 -56.22 -9.39 -3.32
CA ALA I 76 -55.78 -8.02 -3.16
C ALA I 76 -55.54 -7.35 -4.51
N ALA I 77 -54.79 -8.03 -5.39
CA ALA I 77 -54.50 -7.47 -6.69
C ALA I 77 -55.77 -7.25 -7.50
N LEU I 78 -56.68 -8.23 -7.49
CA LEU I 78 -57.92 -8.10 -8.23
C LEU I 78 -58.78 -6.97 -7.68
N ALA I 79 -58.85 -6.83 -6.36
CA ALA I 79 -59.63 -5.75 -5.77
C ALA I 79 -59.05 -4.40 -6.14
N ILE I 80 -57.73 -4.27 -6.11
CA ILE I 80 -57.12 -2.99 -6.43
C ILE I 80 -57.32 -2.64 -7.90
N TRP I 81 -57.11 -3.60 -8.80
CA TRP I 81 -56.99 -3.29 -10.22
C TRP I 81 -58.12 -3.85 -11.08
N CYS I 82 -59.24 -4.23 -10.48
CA CYS I 82 -60.44 -4.57 -11.25
C CYS I 82 -61.61 -3.74 -10.74
N PRO I 83 -62.14 -2.82 -11.54
CA PRO I 83 -63.24 -1.98 -11.07
C PRO I 83 -64.48 -2.81 -10.74
N GLY I 84 -65.03 -2.59 -9.55
CA GLY I 84 -66.22 -3.29 -9.12
C GLY I 84 -65.98 -4.68 -8.59
N TYR I 85 -64.73 -5.14 -8.53
CA TYR I 85 -64.46 -6.50 -8.05
C TYR I 85 -64.85 -6.66 -6.59
N SER I 86 -64.56 -5.67 -5.77
CA SER I 86 -64.87 -5.74 -4.35
C SER I 86 -66.19 -5.04 -4.03
N ASN I 107 -51.45 -34.17 -4.86
CA ASN I 107 -52.80 -34.70 -4.93
C ASN I 107 -53.71 -33.77 -5.75
N LYS I 108 -54.98 -33.69 -5.35
CA LYS I 108 -55.91 -32.80 -6.04
C LYS I 108 -55.49 -31.35 -5.88
N CYS I 109 -55.01 -30.96 -4.69
CA CYS I 109 -54.56 -29.59 -4.49
C CYS I 109 -53.37 -29.25 -5.38
N LEU I 110 -52.43 -30.19 -5.52
CA LEU I 110 -51.27 -29.94 -6.38
C LEU I 110 -51.69 -29.81 -7.83
N GLU I 111 -52.64 -30.64 -8.27
CA GLU I 111 -53.15 -30.53 -9.64
C GLU I 111 -53.82 -29.19 -9.86
N GLN I 112 -54.62 -28.75 -8.88
CA GLN I 112 -55.31 -27.46 -8.99
C GLN I 112 -54.31 -26.32 -9.05
N VAL I 113 -53.26 -26.35 -8.23
CA VAL I 113 -52.29 -25.28 -8.26
C VAL I 113 -51.44 -25.32 -9.52
N SER I 114 -51.18 -26.51 -10.07
CA SER I 114 -50.49 -26.58 -11.35
C SER I 114 -51.33 -25.98 -12.47
N GLN I 115 -52.64 -26.26 -12.47
CA GLN I 115 -53.52 -25.62 -13.45
C GLN I 115 -53.55 -24.11 -13.26
N LEU I 116 -53.56 -23.66 -12.00
CA LEU I 116 -53.53 -22.23 -11.72
C LEU I 116 -52.24 -21.59 -12.23
N GLN I 117 -51.11 -22.27 -12.05
CA GLN I 117 -49.85 -21.78 -12.59
C GLN I 117 -49.91 -21.68 -14.11
N GLY I 118 -50.51 -22.68 -14.75
CA GLY I 118 -50.65 -22.62 -16.21
C GLY I 118 -51.51 -21.45 -16.66
N LEU I 119 -52.62 -21.22 -15.96
CA LEU I 119 -53.48 -20.09 -16.32
C LEU I 119 -52.77 -18.77 -16.10
N TRP I 120 -52.02 -18.64 -15.01
CA TRP I 120 -51.26 -17.41 -14.77
C TRP I 120 -50.19 -17.21 -15.82
N ARG I 121 -49.53 -18.29 -16.22
CA ARG I 121 -48.49 -18.21 -17.25
C ARG I 121 -49.07 -17.78 -18.59
N ARG I 122 -50.26 -18.29 -18.92
CA ARG I 122 -50.90 -17.84 -20.16
C ARG I 122 -51.44 -16.43 -20.04
N PHE I 123 -51.78 -16.00 -18.83
CA PHE I 123 -52.19 -14.61 -18.62
C PHE I 123 -51.05 -13.66 -18.89
N ASN I 124 -49.84 -14.01 -18.46
CA ASN I 124 -48.66 -13.16 -18.62
C ASN I 124 -48.17 -13.12 -20.05
N ARG I 125 -48.74 -13.90 -20.95
CA ARG I 125 -48.29 -13.93 -22.33
C ARG I 125 -48.44 -12.54 -22.96
N PRO I 126 -47.45 -12.08 -23.71
CA PRO I 126 -47.56 -10.76 -24.35
C PRO I 126 -48.71 -10.72 -25.35
N LEU I 127 -49.26 -9.52 -25.53
CA LEU I 127 -50.37 -9.32 -26.45
C LEU I 127 -49.93 -9.55 -27.90
N GLN J 1 -33.27 -30.56 -15.87
CA GLN J 1 -33.24 -29.11 -16.00
C GLN J 1 -33.65 -28.71 -17.42
N VAL J 2 -34.17 -27.49 -17.57
CA VAL J 2 -34.62 -27.01 -18.87
C VAL J 2 -33.43 -26.92 -19.82
N THR J 3 -33.53 -27.60 -20.96
CA THR J 3 -32.52 -27.53 -22.00
C THR J 3 -33.21 -27.45 -23.35
N LEU J 4 -32.66 -26.63 -24.24
CA LEU J 4 -33.13 -26.52 -25.61
C LEU J 4 -31.93 -26.71 -26.55
N LYS J 5 -32.05 -27.64 -27.48
CA LYS J 5 -30.95 -28.00 -28.38
C LYS J 5 -31.48 -28.01 -29.81
N GLU J 6 -31.00 -27.07 -30.62
CA GLU J 6 -31.35 -27.09 -32.04
C GLU J 6 -30.56 -28.16 -32.77
N SER J 7 -30.89 -28.36 -34.04
CA SER J 7 -30.13 -29.30 -34.85
C SER J 7 -28.75 -28.72 -35.16
N GLY J 8 -27.95 -29.49 -35.88
CA GLY J 8 -26.60 -29.09 -36.20
C GLY J 8 -26.56 -27.91 -37.16
N PRO J 9 -25.39 -27.28 -37.29
CA PRO J 9 -25.27 -26.18 -38.25
C PRO J 9 -25.43 -26.70 -39.66
N VAL J 10 -26.10 -25.90 -40.50
CA VAL J 10 -26.49 -26.37 -41.83
C VAL J 10 -26.08 -25.35 -42.89
N LEU J 11 -25.90 -25.86 -44.10
CA LEU J 11 -25.69 -25.06 -45.29
C LEU J 11 -26.94 -25.21 -46.17
N VAL J 12 -27.57 -24.08 -46.50
CA VAL J 12 -28.80 -24.06 -47.27
C VAL J 12 -28.54 -23.28 -48.54
N LYS J 13 -28.83 -23.89 -49.69
CA LYS J 13 -28.69 -23.19 -50.94
C LYS J 13 -29.73 -22.07 -51.03
N PRO J 14 -29.44 -21.01 -51.78
CA PRO J 14 -30.42 -19.92 -51.91
C PRO J 14 -31.71 -20.41 -52.52
N THR J 15 -32.82 -19.81 -52.06
CA THR J 15 -34.18 -20.13 -52.49
C THR J 15 -34.57 -21.56 -52.14
N GLU J 16 -33.87 -22.18 -51.20
CA GLU J 16 -34.25 -23.49 -50.69
C GLU J 16 -35.04 -23.32 -49.40
N THR J 17 -35.29 -24.42 -48.70
CA THR J 17 -36.08 -24.43 -47.48
C THR J 17 -35.22 -24.84 -46.30
N LEU J 18 -35.23 -24.01 -45.26
CA LEU J 18 -34.59 -24.31 -43.98
C LEU J 18 -35.58 -25.05 -43.10
N THR J 19 -35.14 -26.18 -42.54
CA THR J 19 -35.89 -26.91 -41.53
C THR J 19 -34.98 -27.14 -40.33
N LEU J 20 -35.29 -26.49 -39.21
CA LEU J 20 -34.54 -26.65 -37.98
C LEU J 20 -35.42 -27.31 -36.93
N THR J 21 -34.86 -28.28 -36.22
CA THR J 21 -35.56 -29.00 -35.17
C THR J 21 -34.90 -28.67 -33.83
N CYS J 22 -35.70 -28.19 -32.89
CA CYS J 22 -35.25 -27.89 -31.54
C CYS J 22 -35.88 -28.91 -30.59
N THR J 23 -35.04 -29.73 -29.97
CA THR J 23 -35.48 -30.70 -28.97
C THR J 23 -35.30 -30.08 -27.59
N VAL J 24 -36.34 -30.15 -26.78
CA VAL J 24 -36.33 -29.54 -25.46
C VAL J 24 -36.53 -30.62 -24.41
N SER J 25 -35.96 -30.39 -23.23
CA SER J 25 -36.09 -31.31 -22.12
C SER J 25 -36.25 -30.52 -20.83
N GLY J 26 -36.87 -31.16 -19.84
CA GLY J 26 -37.13 -30.52 -18.57
C GLY J 26 -38.46 -29.82 -18.47
N PHE J 27 -39.24 -29.79 -19.54
CA PHE J 27 -40.57 -29.18 -19.52
C PHE J 27 -41.39 -29.73 -20.67
N SER J 28 -42.69 -29.50 -20.61
CA SER J 28 -43.62 -29.95 -21.64
C SER J 28 -43.92 -28.82 -22.61
N LEU J 29 -44.16 -29.17 -23.86
CA LEU J 29 -44.51 -28.18 -24.86
C LEU J 29 -45.91 -27.64 -24.67
N SER J 30 -46.76 -28.38 -23.95
CA SER J 30 -48.14 -27.97 -23.74
C SER J 30 -48.30 -26.91 -22.67
N SER J 31 -47.26 -26.62 -21.90
CA SER J 31 -47.32 -25.62 -20.84
C SER J 31 -46.50 -24.38 -21.12
N TYR J 32 -45.49 -24.47 -21.98
CA TYR J 32 -44.63 -23.34 -22.29
C TYR J 32 -44.65 -23.08 -23.79
N ASP J 33 -44.48 -21.82 -24.15
CA ASP J 33 -44.47 -21.38 -25.54
C ASP J 33 -43.05 -21.09 -26.00
N ILE J 34 -42.70 -21.58 -27.18
CA ILE J 34 -41.33 -21.61 -27.67
C ILE J 34 -41.17 -20.58 -28.77
N SER J 35 -40.19 -19.70 -28.63
CA SER J 35 -39.90 -18.67 -29.60
C SER J 35 -38.63 -19.01 -30.36
N TRP J 36 -38.52 -18.47 -31.56
CA TRP J 36 -37.36 -18.62 -32.41
C TRP J 36 -36.81 -17.23 -32.71
N ILE J 37 -35.52 -17.06 -32.44
CA ILE J 37 -34.83 -15.78 -32.59
C ILE J 37 -33.57 -16.02 -33.41
N ARG J 38 -33.37 -15.21 -34.45
CA ARG J 38 -32.17 -15.32 -35.26
C ARG J 38 -31.30 -14.08 -35.07
N GLN J 39 -29.99 -14.30 -35.06
CA GLN J 39 -29.02 -13.22 -34.93
C GLN J 39 -28.06 -13.27 -36.10
N PRO J 40 -28.11 -12.30 -37.02
CA PRO J 40 -27.13 -12.27 -38.10
C PRO J 40 -25.74 -12.02 -37.54
N PRO J 41 -24.69 -12.49 -38.22
CA PRO J 41 -23.33 -12.32 -37.70
C PRO J 41 -22.98 -10.85 -37.53
N GLY J 42 -22.74 -10.46 -36.28
CA GLY J 42 -22.40 -9.08 -35.97
C GLY J 42 -23.57 -8.14 -35.86
N LYS J 43 -24.79 -8.64 -35.84
CA LYS J 43 -25.98 -7.80 -35.74
C LYS J 43 -26.79 -8.18 -34.50
N ALA J 44 -27.85 -7.44 -34.26
CA ALA J 44 -28.68 -7.64 -33.09
C ALA J 44 -29.62 -8.83 -33.29
N LEU J 45 -30.19 -9.29 -32.18
CA LEU J 45 -31.11 -10.41 -32.22
C LEU J 45 -32.41 -10.02 -32.89
N GLU J 46 -32.88 -10.87 -33.81
CA GLU J 46 -34.15 -10.68 -34.50
C GLU J 46 -35.12 -11.77 -34.09
N TRP J 47 -36.28 -11.39 -33.59
CA TRP J 47 -37.28 -12.33 -33.14
C TRP J 47 -38.03 -12.86 -34.36
N LEU J 48 -37.78 -14.13 -34.72
CA LEU J 48 -38.48 -14.72 -35.85
C LEU J 48 -39.94 -14.96 -35.51
N GLY J 49 -40.20 -15.75 -34.49
CA GLY J 49 -41.60 -15.98 -34.14
C GLY J 49 -41.85 -17.04 -33.09
N VAL J 50 -43.06 -17.07 -32.54
CA VAL J 50 -43.37 -17.92 -31.39
C VAL J 50 -44.46 -18.91 -31.77
N ILE J 51 -44.41 -20.08 -31.16
CA ILE J 51 -45.52 -21.03 -31.15
C ILE J 51 -45.96 -21.21 -29.70
N TRP J 52 -47.26 -21.15 -29.48
CA TRP J 52 -47.80 -21.07 -28.13
C TRP J 52 -48.12 -22.46 -27.59
N SER J 53 -48.30 -22.52 -26.27
CA SER J 53 -48.52 -23.80 -25.60
C SER J 53 -49.81 -24.47 -26.05
N GLU J 54 -50.87 -23.70 -26.29
CA GLU J 54 -52.14 -24.28 -26.72
C GLU J 54 -52.15 -24.65 -28.20
N GLY J 55 -51.16 -24.22 -28.96
CA GLY J 55 -51.06 -24.55 -30.37
C GLY J 55 -51.02 -23.38 -31.32
N GLY J 56 -51.36 -22.17 -30.88
CA GLY J 56 -51.31 -21.03 -31.77
C GLY J 56 -49.90 -20.62 -32.11
N THR J 57 -49.78 -19.76 -33.11
CA THR J 57 -48.47 -19.33 -33.58
C THR J 57 -48.55 -17.89 -34.06
N SER J 58 -47.45 -17.16 -33.87
CA SER J 58 -47.32 -15.79 -34.32
C SER J 58 -45.95 -15.64 -34.97
N TYR J 59 -45.89 -14.82 -36.02
CA TYR J 59 -44.66 -14.63 -36.78
C TYR J 59 -44.37 -13.15 -36.92
N SER J 60 -43.09 -12.85 -37.20
CA SER J 60 -42.70 -11.48 -37.49
C SER J 60 -43.40 -10.99 -38.75
N THR J 61 -43.76 -9.71 -38.75
CA THR J 61 -44.54 -9.16 -39.85
C THR J 61 -43.77 -9.23 -41.17
N SER J 62 -42.47 -8.93 -41.13
CA SER J 62 -41.67 -8.96 -42.35
C SER J 62 -41.56 -10.38 -42.90
N LEU J 63 -41.41 -11.37 -42.03
CA LEU J 63 -41.16 -12.75 -42.43
C LEU J 63 -42.38 -13.65 -42.19
N LYS J 64 -43.58 -13.06 -42.16
CA LYS J 64 -44.77 -13.85 -41.90
C LYS J 64 -45.04 -14.86 -43.00
N SER J 65 -44.81 -14.49 -44.26
CA SER J 65 -45.14 -15.35 -45.38
C SER J 65 -44.17 -16.52 -45.54
N ARG J 66 -43.00 -16.46 -44.92
CA ARG J 66 -41.99 -17.52 -45.07
C ARG J 66 -41.91 -18.46 -43.88
N LEU J 67 -42.19 -17.97 -42.68
CA LEU J 67 -42.06 -18.77 -41.47
C LEU J 67 -43.20 -19.77 -41.32
N THR J 68 -42.87 -20.91 -40.73
CA THR J 68 -43.86 -21.90 -40.32
C THR J 68 -43.28 -22.65 -39.14
N ILE J 69 -43.86 -22.47 -37.96
CA ILE J 69 -43.39 -23.13 -36.75
C ILE J 69 -44.42 -24.19 -36.38
N SER J 70 -43.98 -25.44 -36.35
CA SER J 70 -44.81 -26.56 -35.95
C SER J 70 -44.25 -27.16 -34.67
N LYS J 71 -45.08 -27.94 -33.98
CA LYS J 71 -44.74 -28.45 -32.66
C LYS J 71 -45.24 -29.89 -32.53
N ASP J 72 -44.39 -30.74 -31.97
CA ASP J 72 -44.77 -32.12 -31.65
C ASP J 72 -44.43 -32.34 -30.17
N THR J 73 -45.47 -32.36 -29.34
CA THR J 73 -45.24 -32.54 -27.90
C THR J 73 -44.83 -33.97 -27.57
N SER J 74 -45.27 -34.94 -28.37
CA SER J 74 -44.89 -36.33 -28.11
C SER J 74 -43.39 -36.53 -28.22
N LYS J 75 -42.77 -35.95 -29.25
CA LYS J 75 -41.33 -36.02 -29.44
C LYS J 75 -40.60 -34.85 -28.81
N SER J 76 -41.32 -33.88 -28.24
CA SER J 76 -40.73 -32.69 -27.64
C SER J 76 -39.87 -31.93 -28.64
N GLN J 77 -40.43 -31.65 -29.81
CA GLN J 77 -39.69 -31.00 -30.89
C GLN J 77 -40.45 -29.80 -31.42
N VAL J 78 -39.70 -28.75 -31.74
CA VAL J 78 -40.25 -27.56 -32.39
C VAL J 78 -39.53 -27.40 -33.71
N VAL J 79 -40.28 -27.34 -34.81
CA VAL J 79 -39.72 -27.32 -36.16
C VAL J 79 -39.98 -25.96 -36.77
N LEU J 80 -38.90 -25.28 -37.16
CA LEU J 80 -38.98 -24.04 -37.91
C LEU J 80 -38.73 -24.35 -39.38
N THR J 81 -39.64 -23.91 -40.25
CA THR J 81 -39.49 -24.03 -41.69
C THR J 81 -39.53 -22.64 -42.29
N MET J 82 -38.47 -22.28 -43.00
CA MET J 82 -38.36 -20.97 -43.66
C MET J 82 -38.10 -21.20 -45.14
N THR J 83 -38.93 -20.63 -45.99
CA THR J 83 -38.86 -20.86 -47.43
C THR J 83 -38.21 -19.68 -48.13
N ASN J 84 -37.72 -19.94 -49.35
CA ASN J 84 -37.15 -18.92 -50.23
C ASN J 84 -36.02 -18.18 -49.53
N MET J 85 -34.96 -18.92 -49.22
CA MET J 85 -33.85 -18.34 -48.49
C MET J 85 -33.00 -17.43 -49.37
N ASP J 86 -32.41 -16.43 -48.72
CA ASP J 86 -31.55 -15.40 -49.30
C ASP J 86 -30.24 -15.42 -48.52
N PRO J 87 -29.10 -15.31 -49.21
CA PRO J 87 -27.81 -15.23 -48.50
C PRO J 87 -27.77 -14.23 -47.34
N VAL J 88 -28.74 -13.33 -47.26
CA VAL J 88 -28.85 -12.46 -46.09
C VAL J 88 -29.46 -13.17 -44.89
N ASP J 89 -29.92 -14.40 -45.05
CA ASP J 89 -30.54 -15.15 -43.97
C ASP J 89 -29.56 -16.00 -43.19
N THR J 90 -28.28 -15.98 -43.53
CA THR J 90 -27.29 -16.72 -42.74
C THR J 90 -27.13 -16.07 -41.37
N ALA J 91 -27.23 -16.88 -40.32
CA ALA J 91 -27.31 -16.34 -38.98
C ALA J 91 -27.23 -17.48 -37.98
N THR J 92 -27.20 -17.12 -36.70
CA THR J 92 -27.30 -18.09 -35.62
C THR J 92 -28.75 -18.10 -35.12
N TYR J 93 -29.37 -19.27 -35.17
CA TYR J 93 -30.77 -19.44 -34.82
C TYR J 93 -30.89 -20.09 -33.46
N TYR J 94 -31.69 -19.48 -32.57
CA TYR J 94 -31.91 -19.98 -31.23
C TYR J 94 -33.38 -20.28 -31.03
N CYS J 95 -33.66 -21.39 -30.35
CA CYS J 95 -34.99 -21.66 -29.82
C CYS J 95 -34.95 -21.37 -28.32
N ALA J 96 -35.92 -20.60 -27.86
CA ALA J 96 -35.93 -20.10 -26.48
C ALA J 96 -37.30 -20.33 -25.87
N ARG J 97 -37.32 -20.90 -24.67
CA ARG J 97 -38.56 -21.17 -23.97
C ARG J 97 -38.90 -19.95 -23.11
N ASP J 98 -39.92 -19.19 -23.52
CA ASP J 98 -40.37 -18.05 -22.74
C ASP J 98 -40.78 -18.54 -21.37
N SER J 99 -40.01 -18.17 -20.35
CA SER J 99 -40.09 -18.82 -19.05
C SER J 99 -41.25 -18.25 -18.22
N ASP J 100 -41.30 -18.67 -16.95
CA ASP J 100 -42.30 -18.16 -16.04
C ASP J 100 -42.10 -16.68 -15.77
N ASP J 101 -40.85 -16.24 -15.64
CA ASP J 101 -40.55 -14.85 -15.40
C ASP J 101 -40.51 -14.01 -16.67
N GLY J 102 -40.68 -14.64 -17.84
CA GLY J 102 -40.71 -13.95 -19.10
C GLY J 102 -39.41 -13.99 -19.87
N TYR J 103 -38.32 -14.43 -19.24
CA TYR J 103 -37.04 -14.44 -19.92
C TYR J 103 -36.99 -15.56 -20.95
N LEU J 104 -36.30 -15.28 -22.06
CA LEU J 104 -36.33 -16.20 -23.20
C LEU J 104 -35.77 -17.57 -22.86
N ASN J 105 -34.79 -17.65 -21.96
CA ASN J 105 -34.21 -18.93 -21.56
C ASN J 105 -33.67 -19.67 -22.78
N TRP J 106 -32.63 -19.07 -23.36
CA TRP J 106 -32.18 -19.41 -24.70
C TRP J 106 -31.65 -20.83 -24.80
N GLY J 107 -31.57 -21.31 -26.03
CA GLY J 107 -30.93 -22.58 -26.35
C GLY J 107 -29.49 -22.38 -26.75
N GLN J 108 -28.91 -23.42 -27.33
CA GLN J 108 -27.50 -23.38 -27.70
C GLN J 108 -27.26 -22.52 -28.93
N GLY J 109 -28.12 -22.61 -29.94
CA GLY J 109 -27.93 -21.85 -31.17
C GLY J 109 -27.23 -22.64 -32.25
N THR J 110 -27.77 -22.60 -33.46
CA THR J 110 -27.21 -23.33 -34.58
C THR J 110 -26.86 -22.36 -35.70
N LEU J 111 -25.73 -22.59 -36.35
CA LEU J 111 -25.28 -21.70 -37.42
C LEU J 111 -25.88 -22.17 -38.74
N VAL J 112 -26.50 -21.23 -39.47
CA VAL J 112 -27.08 -21.50 -40.77
C VAL J 112 -26.38 -20.60 -41.77
N THR J 113 -25.78 -21.21 -42.79
CA THR J 113 -25.11 -20.49 -43.86
C THR J 113 -25.92 -20.67 -45.14
N VAL J 114 -26.45 -19.56 -45.65
CA VAL J 114 -27.23 -19.57 -46.89
C VAL J 114 -26.29 -19.13 -48.00
N SER J 115 -25.72 -20.10 -48.71
CA SER J 115 -24.77 -19.81 -49.78
C SER J 115 -24.81 -20.92 -50.81
N SER J 116 -24.63 -20.55 -52.08
CA SER J 116 -24.58 -21.49 -53.18
C SER J 116 -23.16 -21.95 -53.50
N ALA J 117 -22.15 -21.40 -52.82
CA ALA J 117 -20.77 -21.74 -53.12
C ALA J 117 -20.44 -23.13 -52.59
N SER J 118 -19.88 -23.97 -53.44
CA SER J 118 -19.48 -25.31 -53.04
C SER J 118 -18.17 -25.25 -52.26
N THR J 119 -17.83 -26.38 -51.64
CA THR J 119 -16.61 -26.45 -50.85
C THR J 119 -15.40 -26.19 -51.73
N LYS J 120 -14.53 -25.29 -51.27
CA LYS J 120 -13.35 -24.91 -52.03
C LYS J 120 -12.17 -24.74 -51.09
N GLY J 121 -11.01 -25.23 -51.52
CA GLY J 121 -9.79 -25.11 -50.74
C GLY J 121 -9.26 -23.69 -50.75
N PRO J 122 -8.54 -23.32 -49.70
CA PRO J 122 -8.02 -21.95 -49.59
C PRO J 122 -6.77 -21.74 -50.42
N SER J 123 -6.57 -20.49 -50.84
CA SER J 123 -5.37 -20.08 -51.53
C SER J 123 -4.59 -19.13 -50.62
N VAL J 124 -3.33 -19.46 -50.37
CA VAL J 124 -2.50 -18.72 -49.43
C VAL J 124 -1.49 -17.89 -50.21
N PHE J 125 -1.44 -16.60 -49.94
CA PHE J 125 -0.51 -15.68 -50.60
C PHE J 125 0.31 -14.95 -49.55
N PRO J 126 1.64 -14.95 -49.64
CA PRO J 126 2.46 -14.35 -48.57
C PRO J 126 2.49 -12.84 -48.69
N LEU J 127 2.01 -12.16 -47.64
CA LEU J 127 2.19 -10.72 -47.49
C LEU J 127 3.57 -10.50 -46.89
N ALA J 128 4.54 -10.17 -47.74
CA ALA J 128 5.94 -10.05 -47.38
C ALA J 128 6.22 -8.68 -46.76
N PRO J 129 7.14 -8.62 -45.80
CA PRO J 129 7.50 -7.32 -45.21
C PRO J 129 8.43 -6.54 -46.14
N SER J 130 8.53 -5.25 -45.86
CA SER J 130 9.40 -4.37 -46.64
C SER J 130 10.71 -4.09 -45.91
N GLY J 137 11.00 -0.18 -35.05
CA GLY J 137 12.07 -1.04 -35.51
C GLY J 137 11.61 -2.45 -35.86
N THR J 138 10.32 -2.69 -35.72
CA THR J 138 9.73 -3.99 -35.99
C THR J 138 9.03 -3.97 -37.36
N ALA J 139 8.94 -5.14 -37.97
CA ALA J 139 8.32 -5.30 -39.27
C ALA J 139 7.22 -6.36 -39.17
N ALA J 140 6.12 -6.11 -39.85
CA ALA J 140 4.98 -7.03 -39.86
C ALA J 140 4.95 -7.79 -41.17
N LEU J 141 4.75 -9.10 -41.08
CA LEU J 141 4.56 -9.96 -42.23
C LEU J 141 3.30 -10.77 -42.02
N GLY J 142 2.94 -11.59 -42.99
CA GLY J 142 1.79 -12.46 -42.80
C GLY J 142 1.46 -13.21 -44.07
N CYS J 143 0.27 -13.82 -44.05
CA CYS J 143 -0.25 -14.47 -45.24
C CYS J 143 -1.77 -14.27 -45.32
N LEU J 144 -2.23 -14.11 -46.56
CA LEU J 144 -3.63 -13.88 -46.88
C LEU J 144 -4.23 -15.19 -47.38
N VAL J 145 -5.26 -15.65 -46.69
CA VAL J 145 -6.02 -16.83 -47.08
C VAL J 145 -7.25 -16.34 -47.82
N LYS J 146 -7.46 -16.82 -49.04
CA LYS J 146 -8.51 -16.30 -49.89
C LYS J 146 -9.24 -17.43 -50.60
N ASP J 147 -10.53 -17.19 -50.86
CA ASP J 147 -11.33 -18.03 -51.75
C ASP J 147 -11.44 -19.46 -51.20
N TYR J 148 -12.01 -19.57 -50.00
CA TYR J 148 -12.27 -20.85 -49.38
C TYR J 148 -13.70 -20.89 -48.88
N PHE J 149 -14.24 -22.11 -48.81
CA PHE J 149 -15.59 -22.31 -48.32
C PHE J 149 -15.71 -23.75 -47.86
N PRO J 150 -16.35 -24.01 -46.72
CA PRO J 150 -16.88 -22.98 -45.82
C PRO J 150 -15.93 -22.60 -44.70
N GLU J 151 -16.31 -21.56 -43.97
CA GLU J 151 -15.60 -21.15 -42.78
C GLU J 151 -15.68 -22.28 -41.74
N PRO J 152 -14.65 -22.46 -40.90
CA PRO J 152 -13.41 -21.70 -40.71
C PRO J 152 -12.14 -22.32 -41.26
N VAL J 153 -11.05 -21.57 -41.12
CA VAL J 153 -9.70 -22.02 -41.45
C VAL J 153 -8.81 -21.77 -40.23
N THR J 154 -8.04 -22.79 -39.85
CA THR J 154 -7.11 -22.66 -38.75
C THR J 154 -5.75 -22.20 -39.29
N VAL J 155 -5.29 -21.05 -38.84
CA VAL J 155 -4.02 -20.49 -39.26
C VAL J 155 -3.07 -20.47 -38.06
N SER J 156 -1.90 -21.05 -38.23
CA SER J 156 -0.88 -21.06 -37.19
C SER J 156 0.43 -20.61 -37.79
N TRP J 157 1.40 -20.28 -36.94
CA TRP J 157 2.70 -19.83 -37.40
C TRP J 157 3.81 -20.69 -36.82
N ASN J 158 4.70 -21.15 -37.70
CA ASN J 158 5.81 -22.03 -37.32
C ASN J 158 5.32 -23.25 -36.55
N SER J 159 4.22 -23.83 -37.04
CA SER J 159 3.60 -25.00 -36.41
C SER J 159 3.25 -24.74 -34.96
N GLY J 160 2.74 -23.53 -34.69
CA GLY J 160 2.35 -23.14 -33.35
C GLY J 160 3.45 -22.57 -32.50
N ALA J 161 4.69 -22.50 -33.00
CA ALA J 161 5.78 -21.96 -32.21
C ALA J 161 5.64 -20.44 -32.05
N LEU J 162 5.29 -19.75 -33.12
CA LEU J 162 5.19 -18.29 -33.10
C LEU J 162 3.75 -17.91 -32.74
N THR J 163 3.59 -17.30 -31.57
CA THR J 163 2.28 -16.92 -31.07
C THR J 163 2.16 -15.44 -30.71
N SER J 164 3.21 -14.84 -30.15
CA SER J 164 3.15 -13.44 -29.77
C SER J 164 3.06 -12.56 -31.01
N GLY J 165 2.14 -11.60 -30.98
CA GLY J 165 1.98 -10.69 -32.10
C GLY J 165 1.17 -11.23 -33.26
N VAL J 166 0.61 -12.43 -33.13
CA VAL J 166 -0.15 -13.04 -34.22
C VAL J 166 -1.59 -12.58 -34.13
N HIS J 167 -2.09 -11.95 -35.19
CA HIS J 167 -3.47 -11.53 -35.30
C HIS J 167 -4.09 -12.22 -36.52
N THR J 168 -5.13 -13.00 -36.29
CA THR J 168 -5.89 -13.65 -37.35
C THR J 168 -7.26 -12.98 -37.40
N PHE J 169 -7.46 -12.15 -38.41
CA PHE J 169 -8.68 -11.37 -38.50
C PHE J 169 -9.86 -12.27 -38.85
N PRO J 170 -11.07 -11.89 -38.45
CA PRO J 170 -12.25 -12.67 -38.80
C PRO J 170 -12.44 -12.75 -40.31
N ALA J 171 -12.96 -13.88 -40.77
CA ALA J 171 -13.21 -14.07 -42.19
C ALA J 171 -14.32 -13.13 -42.66
N VAL J 172 -14.16 -12.62 -43.88
CA VAL J 172 -15.14 -11.74 -44.50
C VAL J 172 -15.65 -12.41 -45.76
N LEU J 173 -16.97 -12.44 -45.93
CA LEU J 173 -17.59 -13.07 -47.09
C LEU J 173 -17.54 -12.10 -48.26
N GLN J 174 -16.77 -12.45 -49.29
CA GLN J 174 -16.58 -11.57 -50.43
C GLN J 174 -17.79 -11.65 -51.37
N SER J 175 -17.74 -10.86 -52.44
CA SER J 175 -18.84 -10.80 -53.39
C SER J 175 -19.04 -12.11 -54.13
N SER J 176 -18.04 -12.98 -54.16
CA SER J 176 -18.14 -14.26 -54.85
C SER J 176 -18.69 -15.36 -53.96
N GLY J 177 -19.06 -15.06 -52.71
CA GLY J 177 -19.56 -16.05 -51.80
C GLY J 177 -18.50 -16.83 -51.06
N LEU J 178 -17.23 -16.58 -51.33
CA LEU J 178 -16.13 -17.26 -50.66
C LEU J 178 -15.55 -16.35 -49.59
N TYR J 179 -14.80 -16.94 -48.66
CA TYR J 179 -14.28 -16.22 -47.52
C TYR J 179 -12.80 -15.90 -47.71
N SER J 180 -12.34 -14.90 -46.98
CA SER J 180 -10.92 -14.53 -47.01
C SER J 180 -10.57 -13.82 -45.72
N LEU J 181 -9.41 -14.18 -45.17
CA LEU J 181 -8.88 -13.55 -43.98
C LEU J 181 -7.38 -13.34 -44.17
N SER J 182 -6.77 -12.70 -43.19
CA SER J 182 -5.33 -12.49 -43.18
C SER J 182 -4.80 -12.80 -41.79
N SER J 183 -3.63 -13.43 -41.74
CA SER J 183 -2.93 -13.65 -40.48
C SER J 183 -1.63 -12.87 -40.55
N VAL J 184 -1.42 -11.97 -39.58
CA VAL J 184 -0.26 -11.09 -39.59
C VAL J 184 0.47 -11.21 -38.25
N VAL J 185 1.78 -11.30 -38.32
CA VAL J 185 2.63 -11.35 -37.14
C VAL J 185 3.69 -10.26 -37.25
N THR J 186 3.98 -9.60 -36.13
CA THR J 186 5.01 -8.58 -36.06
C THR J 186 6.26 -9.18 -35.43
N VAL J 187 7.41 -8.96 -36.07
CA VAL J 187 8.67 -9.52 -35.60
C VAL J 187 9.75 -8.47 -35.71
N PRO J 188 10.80 -8.60 -34.88
CA PRO J 188 11.93 -7.66 -34.99
C PRO J 188 12.58 -7.77 -36.36
N SER J 189 13.01 -6.62 -36.87
CA SER J 189 13.59 -6.57 -38.21
C SER J 189 14.86 -7.40 -38.34
N SER J 190 15.61 -7.57 -37.24
CA SER J 190 16.83 -8.37 -37.30
C SER J 190 16.52 -9.84 -37.51
N SER J 191 15.34 -10.30 -37.09
CA SER J 191 14.99 -11.72 -37.16
C SER J 191 14.54 -12.15 -38.55
N LEU J 192 14.36 -11.22 -39.48
CA LEU J 192 13.90 -11.61 -40.81
C LEU J 192 14.91 -12.48 -41.54
N GLY J 193 16.20 -12.15 -41.45
CA GLY J 193 17.22 -12.90 -42.15
C GLY J 193 17.43 -14.31 -41.64
N THR J 194 17.53 -14.47 -40.32
CA THR J 194 17.84 -15.78 -39.76
C THR J 194 16.59 -16.65 -39.65
N GLN J 195 15.61 -16.21 -38.87
CA GLN J 195 14.41 -16.99 -38.66
C GLN J 195 13.59 -17.09 -39.94
N THR J 196 13.07 -18.29 -40.20
CA THR J 196 12.21 -18.54 -41.35
C THR J 196 10.77 -18.59 -40.85
N TYR J 197 9.92 -17.77 -41.46
CA TYR J 197 8.53 -17.65 -41.06
C TYR J 197 7.66 -18.41 -42.06
N ILE J 198 6.94 -19.41 -41.57
CA ILE J 198 6.00 -20.18 -42.37
C ILE J 198 4.66 -20.18 -41.65
N CYS J 199 3.58 -19.95 -42.39
CA CYS J 199 2.25 -20.01 -41.84
C CYS J 199 1.56 -21.27 -42.36
N ASN J 200 0.94 -22.01 -41.46
CA ASN J 200 0.22 -23.23 -41.76
C ASN J 200 -1.27 -22.93 -41.80
N VAL J 201 -1.89 -23.22 -42.93
CA VAL J 201 -3.29 -22.94 -43.19
C VAL J 201 -4.02 -24.27 -43.36
N ASP J 202 -4.97 -24.54 -42.48
CA ASP J 202 -5.64 -25.83 -42.44
C ASP J 202 -7.13 -25.65 -42.62
N HIS J 203 -7.71 -26.40 -43.54
CA HIS J 203 -9.13 -26.32 -43.88
C HIS J 203 -9.68 -27.74 -43.89
N LYS J 204 -10.39 -28.10 -42.82
CA LYS J 204 -10.97 -29.44 -42.71
C LYS J 204 -11.99 -29.75 -43.81
N PRO J 205 -12.99 -28.90 -44.09
CA PRO J 205 -13.98 -29.29 -45.10
C PRO J 205 -13.39 -29.59 -46.46
N SER J 206 -12.37 -28.85 -46.88
CA SER J 206 -11.65 -29.16 -48.11
C SER J 206 -10.42 -30.02 -47.86
N ASN J 207 -10.10 -30.31 -46.59
CA ASN J 207 -8.97 -31.15 -46.23
C ASN J 207 -7.68 -30.67 -46.87
N THR J 208 -7.46 -29.36 -46.79
CA THR J 208 -6.31 -28.72 -47.43
C THR J 208 -5.40 -28.13 -46.36
N LYS J 209 -4.15 -28.55 -46.35
CA LYS J 209 -3.16 -28.06 -45.40
C LYS J 209 -1.99 -27.49 -46.18
N VAL J 210 -1.82 -26.18 -46.16
CA VAL J 210 -0.83 -25.47 -46.97
C VAL J 210 0.15 -24.79 -46.03
N ASP J 211 1.43 -25.05 -46.22
CA ASP J 211 2.50 -24.36 -45.51
C ASP J 211 3.12 -23.35 -46.45
N LYS J 212 2.95 -22.06 -46.15
CA LYS J 212 3.47 -21.00 -47.00
C LYS J 212 4.60 -20.27 -46.28
N THR J 213 5.74 -20.17 -46.96
CA THR J 213 6.91 -19.50 -46.40
C THR J 213 6.91 -18.05 -46.84
N VAL J 214 6.89 -17.13 -45.87
CA VAL J 214 6.87 -15.71 -46.14
C VAL J 214 8.30 -15.20 -46.13
N GLU J 215 8.74 -14.63 -47.25
CA GLU J 215 10.10 -14.13 -47.40
C GLU J 215 10.03 -12.71 -47.95
N PRO J 216 10.96 -11.82 -47.58
CA PRO J 216 11.00 -10.44 -48.05
C PRO J 216 11.02 -10.32 -49.56
#